data_6W6W
#
_entry.id   6W6W
#
_cell.length_a   1.00
_cell.length_b   1.00
_cell.length_c   1.00
_cell.angle_alpha   90.00
_cell.angle_beta   90.00
_cell.angle_gamma   90.00
#
_symmetry.space_group_name_H-M   'P 1'
#
loop_
_entity.id
_entity.type
_entity.pdbx_description
1 polymer 'CST complex subunit CTC1'
2 polymer "DNA (5'-D(P*TP*AP*GP*G)-3')"
3 polymer 'CST complex subunit STN1'
4 polymer 'CST complex subunit TEN1'
5 non-polymer 'ZINC ION'
#
loop_
_entity_poly.entity_id
_entity_poly.type
_entity_poly.pdbx_seq_one_letter_code
_entity_poly.pdbx_strand_id
1 'polypeptide(L)'
;MDYKDDDDKDYKDDDDKAAGRAQVPSSEQAWLEDAQVFIQKTLCPAVKEPNVQLTPLVIDCVKTVWLSQGRNQGSTLPLS
YSFVSVQDLKTHQRLPCCSHLSWSSSAYQAWAQEAGPNGNPLPREQLLLLGTLTDLSADLEQECRNGSLYVRDNTGVLSC
ELIDLDLSWLGHLFLFPRWSYLPPARWNSSGEGHLELWDAPVPVFPLTISPGPVTPIPVLYPESASCLLRLRNKLRGVQR
NLAGSLVRLSALVKSKQKAYFILSLGRSHPAVTHVSIIVQVPAQLVWHRALRPGTAYVLTELRVSKIRGQRQHVWMTSQS
SRLLLLKPECVQELELELEGPLLEADPKPLPMPSNSEDKKDPESLVRYSRLLSYSGAVTGVLNEPAGLYELDGQLGLCLA
YQQFRGLRRVMRPGVCLQLQDVHLLQSVGGGTRRPVLAPCLRGAVLLQSFSRQKPGAHSSRQAYGASLYEQLVWERQLGL
PLYLWATKALEELACKLCPHVLRHHQFLQHSSPGSPSLGLQLLAPTLDLLAPPGSPVRNAHNEILEEPHHCPLQKYTRLQ
TPSSFPTLATLKEEGQRKAWASFDPKALLPLPEASYLPSCQLNRRLAWSWLCLLPSAFCPAQVLLGVLVASSHKGCLQLR
DQSGSLPCLLLAKHSQPLSDPRLIGCLVRAERFQLIVERDVRSSFPSWKELSMPGFIQKQQARVYVQFFLADALILPVPR
PCLHSATPSTPQTDPTGPEGPHLGQSRLFLLCHKEALMKRNFCVPPGASPEVPKPALSFYVLGSWLGGTQRKEGTGWGLP
EPQGNDDNDQKVHLIFFGSSVRWFEFLHPGQVYRLIAPGPATPMLFEKDGSSCISRRPLELAGCASCLTVQDNWTLELES
SQDIQDVLDANKSLPESSLTDLLSDNFTDSLVSFSAEILSRTLCEPLVASLWMKLGNTGAMRRCVKLTVALETAECEFPP
HLDVYIEDPHLPPSLGLLPGARVHFSQLEKRVSRSHNVYCCFRSSTYVQVLSFPPETTISIPLPHIYLAELLQGGQSPFQ
ATASCHIVSVFSLQLFWVCAYCTSICRQGKCTRLGSTCPTQTAISQAIIRLLVEDGTAEAVVTCRNHHVAAALGLCPREW
ASLLDFVQVPGRVVLQFAGPGAQLESSARVDEPMTMFLWTLCTSPSVLRPIVLSFELERKPSKIVPLEPPRLQRFQCGEL
PFLTHVNPRLRLSCLSIRESEYSSSLGILASSC
;
A,B
2 'polydeoxyribonucleotide' (DT)(DA)(DG)(DG) E
3 'polypeptide(L)'
;MHHHHHHQPGSSRCEEETPSLLWGLDPVFLAFAKLYIRDILDMKESRQVPGVFLYNGHPIKQVDVLGTVIGVRERDAFYS
YGVDDSTGVINCICWKKLNTESVSAAPSAARELSLTSQLKKLQETIEQKTKIEIGDTIRVRGSIRTYREEREIHATTYYK
VDDPVWNIQIARMLELPTIYRKVYDQPFHSSALEKEEALSNPGALDLPSLTSLLSEKAKEFLMENRVQSFYQQELEMVES
LLSLANQPVIHSASSDQVNFKKDTTSKAIHSIFKNAIQLLQEKGLVFQKDDGFDNLYYVTREDKDLHRKIHRIIQQDCQK
PNHMEKGCHFLHILACARLSIRPGLSEAVLQQVLELLEDQSDIVSTMEHYYTAF
;
C
4 'polypeptide(L)'
;MSYYHHHHHHDYDIPTTENLYFQGAMGSGIQLPKPGTYYLPWEVSAGQVPDGSTLRTFGRLCLYDMIQSRVTLMAQHGSD
QHQVLVCTKLVEPFHAQVGSLYIVLGELQHQQDRGSVVKARVLTCVEGMNLPLLEQAIREQRLYKQERGGSQ
;
D
#
loop_
_chem_comp.id
_chem_comp.type
_chem_comp.name
_chem_comp.formula
DA DNA linking 2'-DEOXYADENOSINE-5'-MONOPHOSPHATE 'C10 H14 N5 O6 P'
DG DNA linking 2'-DEOXYGUANOSINE-5'-MONOPHOSPHATE 'C10 H14 N5 O7 P'
DT DNA linking THYMIDINE-5'-MONOPHOSPHATE 'C10 H15 N2 O8 P'
ZN non-polymer 'ZINC ION' 'Zn 2'
#
# COMPACT_ATOMS: atom_id res chain seq x y z
N SER A 159 54.92 -21.00 32.99
CA SER A 159 54.07 -19.82 32.99
C SER A 159 54.04 -19.10 31.66
N CYS A 160 53.72 -19.85 30.59
CA CYS A 160 53.45 -19.33 29.25
C CYS A 160 54.65 -18.57 28.67
N GLU A 161 55.75 -19.29 28.55
CA GLU A 161 56.96 -18.74 27.93
C GLU A 161 56.74 -18.51 26.44
N LEU A 162 57.24 -17.37 25.96
CA LEU A 162 56.99 -16.92 24.59
C LEU A 162 58.28 -16.36 23.97
N ILE A 163 59.35 -17.16 24.03
CA ILE A 163 60.64 -16.76 23.47
C ILE A 163 60.56 -16.52 21.96
N ASP A 164 61.32 -15.54 21.49
CA ASP A 164 61.49 -15.25 20.08
C ASP A 164 62.77 -15.90 19.57
N LEU A 165 62.73 -16.38 18.33
CA LEU A 165 63.83 -17.07 17.64
C LEU A 165 64.38 -18.24 18.46
N ASP A 166 63.51 -19.21 18.65
CA ASP A 166 63.74 -20.37 19.51
C ASP A 166 64.91 -21.23 19.02
N LEU A 167 65.46 -22.01 19.94
CA LEU A 167 66.46 -23.02 19.67
C LEU A 167 66.16 -24.19 20.60
N SER A 168 66.80 -25.32 20.36
CA SER A 168 66.54 -26.53 21.15
C SER A 168 67.38 -26.58 22.43
N TRP A 169 67.33 -25.51 23.23
CA TRP A 169 67.82 -25.55 24.61
C TRP A 169 66.69 -25.80 25.59
N LEU A 170 65.90 -26.86 25.38
CA LEU A 170 64.59 -26.92 26.02
C LEU A 170 64.65 -27.38 27.47
N GLY A 171 65.60 -28.25 27.83
CA GLY A 171 65.63 -28.75 29.20
C GLY A 171 66.58 -28.00 30.10
N HIS A 172 66.94 -26.79 29.70
CA HIS A 172 68.01 -25.99 30.30
C HIS A 172 67.60 -24.53 30.25
N LEU A 173 68.58 -23.64 30.43
CA LEU A 173 68.52 -22.21 30.07
C LEU A 173 67.45 -21.44 30.85
N PHE A 174 67.66 -21.34 32.15
CA PHE A 174 66.94 -20.39 32.98
C PHE A 174 67.73 -19.08 33.05
N LEU A 175 67.38 -18.20 34.01
CA LEU A 175 67.99 -16.88 34.23
C LEU A 175 67.83 -15.98 32.99
N PHE A 176 66.59 -15.53 32.82
CA PHE A 176 66.18 -14.64 31.72
C PHE A 176 66.22 -13.17 32.15
N PRO A 177 67.28 -12.43 31.84
CA PRO A 177 67.32 -11.03 32.27
C PRO A 177 66.72 -10.04 31.27
N ARG A 178 65.61 -10.37 30.63
CA ARG A 178 64.89 -9.45 29.75
C ARG A 178 63.38 -9.63 29.93
N TRP A 179 62.97 -9.66 31.18
CA TRP A 179 61.62 -9.99 31.62
C TRP A 179 60.57 -9.05 31.02
N SER A 180 59.34 -9.58 30.88
CA SER A 180 58.15 -8.78 30.57
C SER A 180 56.94 -9.65 30.89
N TYR A 181 56.03 -9.16 31.72
CA TYR A 181 54.89 -9.95 32.17
C TYR A 181 53.60 -9.20 31.89
N LEU A 182 52.56 -9.94 31.50
CA LEU A 182 51.25 -9.37 31.26
C LEU A 182 50.20 -10.23 31.96
N PRO A 183 49.29 -9.62 32.72
CA PRO A 183 48.28 -10.40 33.44
C PRO A 183 47.13 -10.77 32.54
N PRO A 184 46.18 -11.58 33.01
CA PRO A 184 44.92 -11.77 32.27
C PRO A 184 44.16 -10.47 32.08
N ALA A 185 43.32 -10.45 31.04
CA ALA A 185 42.78 -9.20 30.51
C ALA A 185 41.26 -9.12 30.62
N ARG A 186 40.68 -9.71 31.69
CA ARG A 186 39.32 -9.50 32.17
C ARG A 186 38.24 -10.15 31.27
N TRP A 187 38.62 -10.62 30.10
CA TRP A 187 37.73 -11.47 29.31
C TRP A 187 38.11 -12.93 29.42
N ASN A 188 39.30 -13.22 29.94
CA ASN A 188 39.79 -14.58 30.06
C ASN A 188 39.43 -15.13 31.43
N SER A 189 38.45 -16.03 31.46
CA SER A 189 38.09 -16.69 32.71
C SER A 189 39.11 -17.74 33.14
N SER A 190 39.91 -18.24 32.19
CA SER A 190 40.93 -19.23 32.52
C SER A 190 42.15 -18.63 33.19
N GLY A 191 42.31 -17.31 33.14
CA GLY A 191 43.48 -16.69 33.75
C GLY A 191 44.68 -16.78 32.84
N GLU A 192 45.80 -17.26 33.40
CA GLU A 192 47.00 -17.68 32.66
C GLU A 192 47.63 -16.53 31.87
N GLY A 193 48.14 -15.54 32.60
CA GLY A 193 48.95 -14.51 31.99
C GLY A 193 50.26 -15.05 31.44
N HIS A 194 50.89 -14.28 30.57
CA HIS A 194 52.01 -14.76 29.78
C HIS A 194 53.23 -13.89 29.95
N LEU A 195 54.36 -14.40 29.47
CA LEU A 195 55.65 -13.74 29.49
C LEU A 195 56.04 -13.32 28.08
N GLU A 196 57.01 -12.40 28.00
CA GLU A 196 57.55 -11.96 26.71
C GLU A 196 59.07 -11.86 26.86
N LEU A 197 59.77 -12.95 26.59
CA LEU A 197 61.22 -12.98 26.73
C LEU A 197 61.84 -12.25 25.55
N TRP A 198 62.53 -11.14 25.82
CA TRP A 198 62.93 -10.23 24.74
C TRP A 198 64.14 -10.76 23.98
N ASP A 199 65.27 -10.92 24.64
CA ASP A 199 66.47 -11.40 23.97
C ASP A 199 66.88 -12.75 24.58
N ALA A 200 68.04 -13.24 24.15
CA ALA A 200 68.43 -14.61 24.46
C ALA A 200 68.80 -14.77 25.94
N PRO A 201 68.45 -15.89 26.55
CA PRO A 201 68.79 -16.11 27.96
C PRO A 201 70.26 -16.45 28.13
N VAL A 202 70.75 -16.19 29.34
CA VAL A 202 72.10 -16.52 29.76
C VAL A 202 72.02 -17.76 30.64
N PRO A 203 72.74 -18.86 30.31
CA PRO A 203 72.71 -20.06 31.14
C PRO A 203 73.54 -19.92 32.41
N GLN A 239 62.85 -42.99 4.69
CA GLN A 239 64.01 -43.87 4.56
C GLN A 239 65.30 -43.07 4.60
N ARG A 240 65.32 -41.95 3.88
CA ARG A 240 66.51 -41.14 3.72
C ARG A 240 66.36 -39.83 4.51
N ASN A 241 67.38 -38.98 4.37
CA ASN A 241 67.43 -37.69 5.03
C ASN A 241 67.16 -36.59 4.02
N LEU A 242 66.62 -35.47 4.50
CA LEU A 242 66.23 -34.36 3.64
C LEU A 242 66.99 -33.10 4.01
N ALA A 243 67.09 -32.19 3.05
CA ALA A 243 67.77 -30.92 3.23
C ALA A 243 67.16 -29.90 2.27
N GLY A 244 67.62 -28.66 2.36
CA GLY A 244 67.14 -27.62 1.48
C GLY A 244 67.03 -26.26 2.15
N SER A 245 65.96 -25.52 1.86
CA SER A 245 65.72 -24.23 2.49
C SER A 245 64.23 -24.08 2.70
N LEU A 246 63.86 -23.47 3.83
CA LEU A 246 62.45 -23.33 4.18
C LEU A 246 61.78 -22.27 3.31
N VAL A 247 60.56 -22.56 2.88
CA VAL A 247 59.88 -21.67 1.94
C VAL A 247 58.54 -21.15 2.46
N ARG A 248 57.67 -22.02 3.01
CA ARG A 248 56.35 -21.57 3.42
C ARG A 248 56.06 -21.72 4.90
N LEU A 249 56.14 -22.95 5.45
CA LEU A 249 55.97 -23.37 6.85
C LEU A 249 54.52 -23.28 7.35
N SER A 250 53.65 -22.60 6.60
CA SER A 250 52.19 -22.65 6.69
C SER A 250 51.54 -22.19 7.99
N ALA A 251 52.32 -21.87 9.04
CA ALA A 251 51.90 -21.23 10.29
C ALA A 251 50.84 -21.95 11.11
N LEU A 252 50.33 -23.08 10.65
CA LEU A 252 49.09 -23.61 11.17
C LEU A 252 49.31 -24.97 11.81
N VAL A 253 49.69 -24.96 13.08
CA VAL A 253 49.32 -26.09 13.91
C VAL A 253 47.80 -26.11 13.99
N LYS A 254 47.20 -27.21 13.55
CA LYS A 254 45.76 -27.27 13.40
C LYS A 254 45.13 -28.04 14.55
N SER A 255 43.81 -28.09 14.55
CA SER A 255 43.04 -28.60 15.69
C SER A 255 41.85 -29.44 15.21
N LYS A 256 42.09 -30.39 14.31
CA LYS A 256 40.97 -31.21 13.84
C LYS A 256 40.58 -32.29 14.84
N GLN A 257 41.43 -33.28 15.07
CA GLN A 257 41.42 -34.23 16.19
C GLN A 257 42.79 -34.37 16.81
N LYS A 258 43.84 -34.34 16.00
CA LYS A 258 45.22 -34.42 16.45
C LYS A 258 45.98 -33.28 15.79
N ALA A 259 46.77 -32.56 16.57
CA ALA A 259 47.41 -31.36 16.07
C ALA A 259 48.58 -31.69 15.17
N TYR A 260 48.74 -30.88 14.11
CA TYR A 260 49.76 -31.10 13.10
C TYR A 260 49.98 -29.80 12.35
N PHE A 261 51.19 -29.67 11.77
CA PHE A 261 51.50 -28.56 10.88
C PHE A 261 52.36 -29.08 9.74
N ILE A 262 52.34 -28.36 8.64
CA ILE A 262 52.95 -28.79 7.38
C ILE A 262 54.00 -27.78 6.98
N LEU A 263 55.20 -28.27 6.64
CA LEU A 263 56.27 -27.41 6.14
C LEU A 263 56.72 -27.91 4.78
N SER A 264 57.01 -26.97 3.89
CA SER A 264 57.54 -27.27 2.58
C SER A 264 59.00 -26.85 2.49
N LEU A 265 59.70 -27.43 1.52
CA LEU A 265 61.15 -27.38 1.53
C LEU A 265 61.68 -27.38 0.10
N GLY A 266 62.74 -26.63 -0.13
CA GLY A 266 63.40 -26.63 -1.41
C GLY A 266 64.04 -25.28 -1.70
N ARG A 267 64.99 -25.29 -2.64
CA ARG A 267 65.65 -24.07 -3.08
C ARG A 267 64.93 -23.46 -4.28
N VAL A 275 59.03 -28.39 -5.32
CA VAL A 275 59.49 -28.35 -3.94
C VAL A 275 58.98 -29.57 -3.19
N SER A 276 59.66 -29.92 -2.10
CA SER A 276 59.27 -31.04 -1.27
C SER A 276 58.45 -30.54 -0.09
N ILE A 277 57.43 -31.32 0.29
CA ILE A 277 56.48 -30.95 1.32
C ILE A 277 56.45 -32.05 2.37
N ILE A 278 56.58 -31.67 3.65
CA ILE A 278 56.63 -32.61 4.77
C ILE A 278 55.52 -32.27 5.75
N VAL A 279 54.83 -33.30 6.26
CA VAL A 279 53.79 -33.14 7.27
C VAL A 279 54.29 -33.75 8.57
N GLN A 280 53.93 -33.12 9.69
CA GLN A 280 54.38 -33.56 11.02
C GLN A 280 53.19 -33.65 11.97
N VAL A 281 52.67 -34.87 12.14
CA VAL A 281 51.61 -35.17 13.13
C VAL A 281 52.03 -35.31 14.60
N PRO A 282 53.20 -35.93 15.00
CA PRO A 282 53.35 -36.24 16.44
C PRO A 282 53.67 -35.04 17.31
N ALA A 283 54.07 -35.30 18.56
CA ALA A 283 54.13 -34.30 19.63
C ALA A 283 55.38 -33.42 19.57
N GLN A 284 56.03 -33.30 18.42
CA GLN A 284 57.14 -32.38 18.22
C GLN A 284 56.68 -31.08 17.59
N LEU A 285 55.51 -30.58 18.00
CA LEU A 285 54.98 -29.29 17.56
C LEU A 285 55.84 -28.11 18.00
N VAL A 286 56.78 -28.31 18.93
CA VAL A 286 57.64 -27.23 19.41
C VAL A 286 58.64 -26.80 18.35
N TRP A 287 58.81 -27.58 17.28
CA TRP A 287 59.65 -27.19 16.15
C TRP A 287 59.06 -26.02 15.36
N HIS A 288 57.78 -25.70 15.57
CA HIS A 288 57.11 -24.67 14.79
C HIS A 288 57.65 -23.28 15.06
N ARG A 289 58.25 -23.07 16.24
CA ARG A 289 58.81 -21.77 16.57
C ARG A 289 60.28 -21.66 16.21
N ALA A 290 61.00 -22.77 16.12
CA ALA A 290 62.43 -22.77 15.84
C ALA A 290 62.74 -22.94 14.37
N LEU A 291 61.82 -22.53 13.49
CA LEU A 291 62.01 -22.61 12.04
C LEU A 291 61.82 -21.24 11.44
N ARG A 292 62.81 -20.76 10.71
CA ARG A 292 62.74 -19.47 10.05
C ARG A 292 62.78 -19.64 8.53
N PRO A 293 62.08 -18.80 7.77
CA PRO A 293 62.17 -18.89 6.31
C PRO A 293 63.46 -18.29 5.79
N GLY A 294 64.27 -19.11 5.13
CA GLY A 294 65.53 -18.65 4.58
C GLY A 294 66.70 -19.51 5.00
N THR A 295 66.67 -19.99 6.23
CA THR A 295 67.77 -20.77 6.77
C THR A 295 67.73 -22.19 6.21
N ALA A 296 68.90 -22.77 5.97
CA ALA A 296 69.00 -24.14 5.52
C ALA A 296 69.03 -25.10 6.70
N TYR A 297 68.38 -26.25 6.55
CA TYR A 297 68.28 -27.24 7.62
C TYR A 297 68.65 -28.63 7.10
N VAL A 298 68.81 -29.56 8.04
CA VAL A 298 69.30 -30.91 7.76
C VAL A 298 68.38 -31.96 8.37
N LEU A 299 67.08 -31.68 8.40
CA LEU A 299 66.08 -32.54 9.05
C LEU A 299 66.11 -33.98 8.51
N THR A 300 66.21 -34.93 9.43
CA THR A 300 66.65 -36.29 9.13
C THR A 300 65.54 -37.32 9.37
N GLU A 301 65.84 -38.54 8.91
CA GLU A 301 65.09 -39.81 9.07
C GLU A 301 63.58 -39.63 8.86
N LEU A 302 63.24 -39.27 7.64
CA LEU A 302 61.85 -39.10 7.24
C LEU A 302 61.29 -40.42 6.70
N ARG A 303 59.97 -40.49 6.57
CA ARG A 303 59.29 -41.65 6.02
C ARG A 303 58.24 -41.20 5.01
N VAL A 304 57.86 -42.13 4.14
CA VAL A 304 56.84 -41.90 3.12
C VAL A 304 55.58 -42.67 3.51
N SER A 305 54.45 -41.96 3.55
CA SER A 305 53.19 -42.58 3.93
C SER A 305 52.06 -41.85 3.24
N LYS A 306 50.96 -42.57 3.01
CA LYS A 306 49.82 -42.01 2.29
C LYS A 306 49.00 -41.10 3.19
N ILE A 307 47.98 -40.48 2.59
CA ILE A 307 47.14 -39.51 3.28
C ILE A 307 45.76 -39.54 2.63
N ARG A 308 44.74 -39.16 3.40
CA ARG A 308 43.38 -39.09 2.87
C ARG A 308 43.22 -37.87 1.98
N GLY A 309 42.07 -37.78 1.33
CA GLY A 309 41.82 -36.70 0.39
C GLY A 309 42.31 -37.04 -1.00
N GLN A 310 43.62 -37.16 -1.17
CA GLN A 310 44.19 -37.58 -2.45
C GLN A 310 45.47 -38.31 -2.12
N ARG A 311 45.59 -39.56 -2.57
CA ARG A 311 46.76 -40.39 -2.29
C ARG A 311 47.90 -39.95 -3.18
N GLN A 312 48.91 -39.28 -2.59
CA GLN A 312 50.12 -38.99 -3.32
C GLN A 312 51.36 -39.19 -2.46
N HIS A 313 51.22 -39.89 -1.32
CA HIS A 313 52.27 -40.35 -0.39
C HIS A 313 53.27 -39.26 -0.02
N VAL A 314 52.73 -38.24 0.66
CA VAL A 314 53.55 -37.13 1.13
C VAL A 314 54.47 -37.59 2.25
N TRP A 315 55.58 -36.86 2.44
CA TRP A 315 56.59 -37.21 3.44
C TRP A 315 56.04 -36.96 4.84
N MET A 316 56.05 -38.00 5.68
CA MET A 316 55.50 -37.91 7.01
C MET A 316 56.51 -38.48 8.02
N THR A 317 56.67 -37.77 9.13
CA THR A 317 57.83 -37.91 10.01
C THR A 317 57.66 -39.06 11.00
N SER A 318 58.67 -39.20 11.85
CA SER A 318 58.78 -40.27 12.84
C SER A 318 59.54 -39.69 14.03
N GLN A 319 60.10 -40.58 14.86
CA GLN A 319 60.95 -40.15 15.96
C GLN A 319 62.28 -39.61 15.43
N SER A 320 62.24 -38.35 14.96
CA SER A 320 63.31 -37.75 14.18
C SER A 320 63.85 -36.51 14.87
N SER A 321 65.00 -36.04 14.38
CA SER A 321 65.65 -34.85 14.88
C SER A 321 65.83 -33.84 13.75
N ARG A 322 66.27 -32.64 14.11
CA ARG A 322 66.48 -31.55 13.18
C ARG A 322 67.82 -30.90 13.44
N LEU A 323 68.48 -30.47 12.37
CA LEU A 323 69.78 -29.82 12.47
C LEU A 323 69.84 -28.59 11.59
N LEU A 324 71.03 -28.02 11.44
CA LEU A 324 71.24 -26.87 10.55
C LEU A 324 72.37 -27.14 9.58
N VAL A 366 32.96 -10.61 -9.17
CA VAL A 366 33.98 -11.64 -8.99
C VAL A 366 35.36 -11.07 -9.27
N ARG A 367 36.25 -11.13 -8.29
CA ARG A 367 37.59 -10.61 -8.40
C ARG A 367 38.58 -11.66 -7.91
N TYR A 368 39.87 -11.36 -8.01
CA TYR A 368 40.93 -12.26 -7.60
C TYR A 368 41.87 -11.53 -6.66
N SER A 369 42.85 -12.27 -6.11
CA SER A 369 43.73 -11.73 -5.09
C SER A 369 45.16 -12.18 -5.34
N ARG A 370 46.11 -11.32 -4.97
CA ARG A 370 47.53 -11.57 -5.14
C ARG A 370 48.04 -12.49 -4.02
N LEU A 371 49.36 -12.70 -4.01
CA LEU A 371 50.05 -13.40 -2.91
C LEU A 371 51.31 -12.61 -2.58
N LEU A 372 51.19 -11.67 -1.65
CA LEU A 372 52.31 -10.79 -1.29
C LEU A 372 53.25 -11.49 -0.32
N SER A 373 54.23 -10.74 0.17
CA SER A 373 55.09 -11.20 1.27
C SER A 373 55.53 -9.94 2.01
N TYR A 374 54.81 -9.61 3.07
CA TYR A 374 54.91 -8.31 3.70
C TYR A 374 55.75 -8.37 4.98
N SER A 375 56.11 -7.19 5.47
CA SER A 375 56.65 -7.00 6.81
C SER A 375 56.32 -5.58 7.22
N GLY A 376 55.75 -5.42 8.40
CA GLY A 376 55.32 -4.11 8.83
C GLY A 376 55.17 -4.02 10.33
N ALA A 377 54.41 -3.02 10.76
CA ALA A 377 54.17 -2.81 12.17
C ALA A 377 52.70 -2.51 12.40
N VAL A 378 52.14 -3.10 13.46
CA VAL A 378 50.76 -2.84 13.85
C VAL A 378 50.70 -1.51 14.58
N THR A 379 49.86 -0.61 14.09
CA THR A 379 49.75 0.72 14.68
C THR A 379 48.43 0.94 15.40
N GLY A 380 47.42 0.13 15.16
CA GLY A 380 46.16 0.24 15.86
C GLY A 380 45.33 -1.00 15.72
N VAL A 381 44.44 -1.23 16.67
CA VAL A 381 43.50 -2.35 16.59
C VAL A 381 42.13 -1.80 16.24
N LEU A 382 41.36 -2.58 15.51
CA LEU A 382 40.01 -2.18 15.11
C LEU A 382 38.94 -3.06 15.72
N ASN A 383 39.18 -4.37 15.77
CA ASN A 383 38.26 -5.30 16.43
C ASN A 383 39.12 -6.45 16.92
N GLU A 384 39.50 -6.41 18.19
CA GLU A 384 40.34 -7.46 18.75
C GLU A 384 39.68 -8.83 18.83
N PRO A 385 38.39 -9.01 19.15
CA PRO A 385 37.82 -10.37 19.05
C PRO A 385 37.68 -10.87 17.63
N ALA A 386 37.37 -9.99 16.68
CA ALA A 386 37.19 -10.41 15.31
C ALA A 386 38.52 -10.75 14.65
N GLY A 387 39.58 -10.03 15.01
CA GLY A 387 40.88 -10.22 14.40
C GLY A 387 41.32 -9.08 13.52
N LEU A 388 40.51 -8.03 13.39
CA LEU A 388 40.82 -6.91 12.50
C LEU A 388 41.82 -6.00 13.16
N TYR A 389 43.10 -6.16 12.81
CA TYR A 389 44.12 -5.23 13.22
C TYR A 389 44.45 -4.30 12.06
N GLU A 390 45.06 -3.17 12.39
CA GLU A 390 45.50 -2.22 11.40
C GLU A 390 47.02 -2.13 11.44
N LEU A 391 47.64 -2.23 10.27
CA LEU A 391 49.06 -2.06 10.06
C LEU A 391 49.39 -0.58 10.09
N ASP A 392 50.33 -0.13 9.25
CA ASP A 392 50.63 1.29 9.08
C ASP A 392 49.44 2.11 8.54
N GLY A 393 49.69 3.34 8.10
CA GLY A 393 48.62 4.22 7.61
C GLY A 393 47.64 3.72 6.55
N GLN A 394 47.88 2.56 5.97
CA GLN A 394 46.96 1.87 5.08
C GLN A 394 46.99 0.39 5.45
N LEU A 395 46.36 -0.45 4.61
CA LEU A 395 46.56 -1.90 4.59
C LEU A 395 46.14 -2.57 5.91
N GLY A 396 44.84 -2.59 6.16
CA GLY A 396 44.31 -3.30 7.31
C GLY A 396 44.53 -4.80 7.23
N LEU A 397 44.48 -5.44 8.40
CA LEU A 397 44.75 -6.86 8.55
C LEU A 397 43.49 -7.58 9.01
N CYS A 398 43.47 -8.90 8.81
CA CYS A 398 42.36 -9.74 9.28
C CYS A 398 42.90 -11.15 9.49
N LEU A 399 43.09 -11.52 10.76
CA LEU A 399 43.66 -12.81 11.13
C LEU A 399 42.60 -13.89 11.35
N ALA A 400 41.39 -13.67 10.85
CA ALA A 400 40.27 -14.52 11.21
C ALA A 400 40.26 -15.87 10.50
N TYR A 401 40.94 -16.00 9.36
CA TYR A 401 40.83 -17.20 8.56
C TYR A 401 41.89 -18.25 8.88
N GLN A 402 42.45 -18.19 10.07
CA GLN A 402 43.27 -19.28 10.58
C GLN A 402 43.07 -19.34 12.09
N GLN A 403 43.44 -20.48 12.66
CA GLN A 403 43.20 -20.73 14.09
C GLN A 403 44.16 -19.88 14.91
N PHE A 404 43.67 -18.76 15.43
CA PHE A 404 44.48 -17.86 16.23
C PHE A 404 43.89 -17.78 17.64
N ARG A 405 44.66 -18.26 18.61
CA ARG A 405 44.40 -17.97 20.01
C ARG A 405 45.65 -17.63 20.79
N GLY A 406 46.83 -18.07 20.34
CA GLY A 406 48.08 -17.62 20.92
C GLY A 406 48.60 -16.32 20.36
N LEU A 407 47.94 -15.80 19.34
CA LEU A 407 48.32 -14.52 18.76
C LEU A 407 47.53 -13.35 19.31
N ARG A 408 46.42 -13.60 20.01
CA ARG A 408 45.66 -12.49 20.56
C ARG A 408 46.36 -11.88 21.77
N ARG A 409 47.20 -12.65 22.45
CA ARG A 409 47.94 -12.14 23.60
C ARG A 409 48.96 -11.10 23.16
N VAL A 410 49.93 -11.50 22.34
CA VAL A 410 50.90 -10.55 21.80
C VAL A 410 50.36 -10.06 20.46
N MET A 411 49.42 -9.11 20.56
CA MET A 411 49.10 -8.26 19.42
C MET A 411 48.62 -6.94 19.99
N ARG A 412 49.56 -6.03 20.21
CA ARG A 412 49.34 -4.68 20.66
C ARG A 412 49.95 -3.76 19.61
N PRO A 413 49.59 -2.48 19.60
CA PRO A 413 50.26 -1.55 18.68
C PRO A 413 51.75 -1.43 18.98
N GLY A 414 52.56 -1.79 17.99
CA GLY A 414 54.00 -1.80 18.14
C GLY A 414 54.67 -3.13 17.89
N VAL A 415 53.93 -4.18 17.52
CA VAL A 415 54.55 -5.46 17.16
C VAL A 415 54.98 -5.40 15.70
N CYS A 416 56.03 -6.16 15.38
CA CYS A 416 56.58 -6.18 14.03
C CYS A 416 56.43 -7.59 13.46
N LEU A 417 55.47 -7.75 12.55
CA LEU A 417 55.12 -9.04 11.99
C LEU A 417 56.03 -9.37 10.81
N GLN A 418 55.84 -10.58 10.27
CA GLN A 418 56.51 -10.98 9.03
C GLN A 418 55.57 -11.93 8.30
N LEU A 419 54.76 -11.38 7.41
CA LEU A 419 53.77 -12.16 6.69
C LEU A 419 54.42 -12.74 5.44
N GLN A 420 54.06 -13.98 5.10
CA GLN A 420 54.79 -14.71 4.08
C GLN A 420 53.99 -14.97 2.80
N ASP A 421 52.83 -15.60 2.90
CA ASP A 421 52.03 -15.98 1.74
C ASP A 421 50.60 -15.54 1.99
N VAL A 422 50.31 -14.28 1.70
CA VAL A 422 49.08 -13.63 2.16
C VAL A 422 48.32 -13.10 0.96
N HIS A 423 47.03 -13.43 0.89
CA HIS A 423 46.16 -12.83 -0.11
C HIS A 423 45.93 -11.36 0.19
N LEU A 424 45.96 -10.54 -0.86
CA LEU A 424 45.67 -9.12 -0.75
C LEU A 424 44.39 -8.82 -1.51
N LEU A 425 43.41 -8.26 -0.81
CA LEU A 425 42.11 -7.91 -1.39
C LEU A 425 42.07 -6.39 -1.55
N GLN A 426 41.79 -5.93 -2.77
CA GLN A 426 41.94 -4.53 -3.13
C GLN A 426 40.63 -3.75 -3.04
N SER A 427 39.55 -4.31 -3.56
CA SER A 427 38.27 -3.62 -3.71
C SER A 427 37.16 -4.41 -3.04
N VAL A 428 37.38 -4.76 -1.78
CA VAL A 428 36.44 -5.60 -1.04
C VAL A 428 35.13 -4.84 -0.77
N GLY A 429 35.19 -3.53 -0.57
CA GLY A 429 33.97 -2.75 -0.42
C GLY A 429 33.27 -3.01 0.91
N GLY A 430 31.95 -2.82 0.89
CA GLY A 430 31.14 -3.08 2.06
C GLY A 430 31.34 -2.10 3.19
N GLY A 431 31.73 -0.87 2.88
CA GLY A 431 32.02 0.12 3.88
C GLY A 431 33.49 0.33 4.16
N THR A 432 34.34 -0.62 3.78
CA THR A 432 35.78 -0.47 3.93
C THR A 432 36.38 0.13 2.68
N ARG A 433 37.46 0.90 2.87
CA ARG A 433 38.07 1.64 1.78
C ARG A 433 39.49 1.20 1.48
N ARG A 434 40.30 0.95 2.51
CA ARG A 434 41.68 0.51 2.32
C ARG A 434 41.70 -0.92 1.79
N PRO A 435 42.81 -1.33 1.18
CA PRO A 435 43.00 -2.77 0.92
C PRO A 435 43.20 -3.52 2.22
N VAL A 436 42.76 -4.77 2.23
CA VAL A 436 42.81 -5.60 3.42
C VAL A 436 43.72 -6.79 3.16
N LEU A 437 44.61 -7.06 4.11
CA LEU A 437 45.59 -8.14 4.04
C LEU A 437 45.10 -9.28 4.91
N ALA A 438 45.09 -10.49 4.38
CA ALA A 438 44.49 -11.58 5.14
C ALA A 438 45.13 -12.92 4.83
N PRO A 439 45.82 -13.53 5.79
CA PRO A 439 46.45 -14.82 5.53
C PRO A 439 45.43 -15.96 5.62
N CYS A 440 45.92 -17.17 5.44
CA CYS A 440 45.09 -18.36 5.46
C CYS A 440 45.95 -19.51 5.98
N LEU A 441 45.54 -20.74 5.70
CA LEU A 441 46.21 -21.93 6.22
C LEU A 441 47.58 -22.17 5.59
N ARG A 442 47.96 -21.46 4.54
CA ARG A 442 49.26 -21.66 3.92
C ARG A 442 50.26 -20.56 4.23
N GLY A 443 49.80 -19.41 4.72
CA GLY A 443 50.69 -18.28 4.91
C GLY A 443 51.26 -18.22 6.31
N ALA A 444 52.57 -18.02 6.41
CA ALA A 444 53.26 -17.93 7.69
C ALA A 444 53.05 -16.56 8.30
N VAL A 445 52.56 -16.52 9.53
CA VAL A 445 52.46 -15.29 10.30
C VAL A 445 53.43 -15.42 11.47
N LEU A 446 54.56 -14.74 11.37
CA LEU A 446 55.63 -14.83 12.35
C LEU A 446 55.87 -13.46 12.97
N LEU A 447 56.65 -13.45 14.04
CA LEU A 447 56.93 -12.25 14.81
C LEU A 447 58.43 -11.95 14.78
N GLN A 448 58.77 -10.67 14.65
CA GLN A 448 60.16 -10.23 14.65
C GLN A 448 60.56 -9.49 15.91
N SER A 449 59.65 -8.70 16.48
CA SER A 449 59.92 -8.00 17.73
C SER A 449 58.60 -7.75 18.43
N PHE A 450 58.64 -7.74 19.76
CA PHE A 450 57.44 -7.61 20.57
C PHE A 450 56.98 -6.16 20.61
N SER A 451 55.97 -5.88 21.41
CA SER A 451 55.51 -4.53 21.63
C SER A 451 56.13 -3.95 22.87
N ARG A 452 56.28 -2.62 22.89
CA ARG A 452 56.79 -1.92 24.05
C ARG A 452 55.71 -1.27 24.89
N GLN A 453 54.57 -0.92 24.28
CA GLN A 453 53.49 -0.28 25.00
C GLN A 453 52.73 -1.32 25.83
N LYS A 454 51.94 -0.82 26.76
CA LYS A 454 51.07 -1.64 27.59
C LYS A 454 49.68 -1.70 26.98
N PRO A 455 48.87 -2.71 27.33
CA PRO A 455 47.51 -2.79 26.80
C PRO A 455 46.66 -1.61 27.25
N GLY A 456 45.72 -1.22 26.39
CA GLY A 456 45.01 0.03 26.57
C GLY A 456 44.04 0.09 27.72
N ALA A 457 42.91 -0.61 27.61
CA ALA A 457 41.85 -0.57 28.59
C ALA A 457 40.85 -1.68 28.31
N HIS A 458 40.42 -2.37 29.35
CA HIS A 458 39.28 -3.27 29.23
C HIS A 458 38.01 -2.43 29.14
N SER A 459 37.40 -2.39 27.96
CA SER A 459 36.28 -1.49 27.71
C SER A 459 34.94 -2.13 28.03
N SER A 460 34.86 -3.47 28.04
CA SER A 460 33.60 -4.25 28.14
C SER A 460 32.61 -3.88 27.03
N ARG A 461 33.14 -3.44 25.90
CA ARG A 461 32.38 -3.11 24.71
C ARG A 461 33.03 -3.66 23.46
N GLN A 462 34.33 -3.92 23.50
CA GLN A 462 35.15 -4.34 22.37
C GLN A 462 36.09 -5.47 22.78
N ALA A 463 35.72 -6.22 23.81
CA ALA A 463 36.54 -7.31 24.32
C ALA A 463 35.83 -8.65 24.32
N TYR A 464 34.56 -8.72 23.94
CA TYR A 464 33.78 -9.93 24.04
C TYR A 464 33.39 -10.44 22.66
N GLY A 465 33.14 -11.73 22.57
CA GLY A 465 32.58 -12.34 21.39
C GLY A 465 33.52 -13.10 20.49
N ALA A 466 34.68 -13.53 20.99
CA ALA A 466 35.66 -14.17 20.13
C ALA A 466 35.25 -15.56 19.69
N SER A 467 34.31 -16.20 20.38
CA SER A 467 33.82 -17.49 19.95
C SER A 467 32.66 -17.39 18.99
N LEU A 468 31.99 -16.24 18.93
CA LEU A 468 30.94 -16.04 17.93
C LEU A 468 31.54 -15.71 16.57
N TYR A 469 32.59 -14.89 16.54
CA TYR A 469 33.26 -14.58 15.29
C TYR A 469 33.96 -15.81 14.70
N GLU A 470 34.42 -16.72 15.56
CA GLU A 470 34.98 -17.97 15.07
C GLU A 470 33.91 -18.89 14.50
N GLN A 471 32.65 -18.72 14.92
CA GLN A 471 31.57 -19.51 14.36
C GLN A 471 31.14 -19.02 12.99
N LEU A 472 31.43 -17.76 12.65
CA LEU A 472 31.07 -17.17 11.38
C LEU A 472 32.06 -17.47 10.28
N VAL A 473 33.08 -18.30 10.55
CA VAL A 473 34.09 -18.65 9.56
C VAL A 473 34.19 -20.16 9.40
N TRP A 474 34.25 -20.89 10.52
CA TRP A 474 34.55 -22.31 10.49
C TRP A 474 33.31 -23.21 10.53
N GLU A 475 32.14 -22.69 10.87
CA GLU A 475 30.91 -23.44 10.74
C GLU A 475 29.96 -22.81 9.73
N ARG A 476 29.63 -21.54 9.90
CA ARG A 476 28.81 -20.81 8.94
C ARG A 476 29.79 -20.12 8.00
N GLN A 477 30.18 -20.82 6.93
CA GLN A 477 31.37 -20.49 6.15
C GLN A 477 31.11 -19.24 5.31
N LEU A 478 31.40 -18.09 5.90
CA LEU A 478 31.27 -16.82 5.22
C LEU A 478 32.52 -16.52 4.40
N GLY A 479 32.41 -15.50 3.56
CA GLY A 479 33.55 -14.97 2.85
C GLY A 479 34.02 -13.67 3.49
N LEU A 480 35.20 -13.23 3.08
CA LEU A 480 35.80 -12.02 3.63
C LEU A 480 35.04 -10.72 3.33
N PRO A 481 34.39 -10.52 2.17
CA PRO A 481 33.51 -9.35 2.07
C PRO A 481 32.28 -9.42 2.95
N LEU A 482 31.79 -10.62 3.25
CA LEU A 482 30.66 -10.76 4.16
C LEU A 482 31.07 -10.81 5.62
N TYR A 483 32.31 -11.20 5.91
CA TYR A 483 32.78 -11.21 7.29
C TYR A 483 32.96 -9.78 7.81
N LEU A 484 33.50 -8.90 6.98
CA LEU A 484 33.70 -7.52 7.42
C LEU A 484 32.42 -6.71 7.46
N TRP A 485 31.39 -7.12 6.72
CA TRP A 485 30.10 -6.49 6.94
C TRP A 485 29.47 -6.97 8.24
N ALA A 486 29.63 -8.26 8.53
CA ALA A 486 29.00 -8.85 9.71
C ALA A 486 29.60 -8.31 10.99
N THR A 487 30.92 -8.15 11.03
CA THR A 487 31.58 -7.62 12.22
C THR A 487 31.37 -6.12 12.38
N LYS A 488 30.82 -5.42 11.38
CA LYS A 488 30.49 -4.01 11.51
C LYS A 488 29.05 -3.79 11.88
N ALA A 489 28.14 -4.66 11.42
CA ALA A 489 26.75 -4.58 11.83
C ALA A 489 26.56 -5.07 13.25
N LEU A 490 27.38 -6.01 13.69
CA LEU A 490 27.24 -6.61 15.00
C LEU A 490 27.73 -5.71 16.12
N GLU A 491 28.58 -4.74 15.81
CA GLU A 491 28.90 -3.70 16.77
C GLU A 491 28.02 -2.47 16.58
N GLU A 492 27.30 -2.41 15.47
CA GLU A 492 26.29 -1.37 15.29
C GLU A 492 25.02 -1.74 16.04
N LEU A 493 24.77 -3.04 16.21
CA LEU A 493 23.71 -3.50 17.10
C LEU A 493 24.10 -3.37 18.56
N ALA A 494 25.40 -3.35 18.86
CA ALA A 494 25.83 -3.21 20.24
C ALA A 494 25.59 -1.83 20.79
N CYS A 495 25.53 -0.80 19.94
CA CYS A 495 25.19 0.54 20.40
C CYS A 495 23.71 0.69 20.68
N LYS A 496 22.89 -0.25 20.24
CA LYS A 496 21.44 -0.15 20.42
C LYS A 496 20.93 -1.01 21.55
N LEU A 497 21.59 -2.10 21.85
CA LEU A 497 21.04 -3.03 22.83
C LEU A 497 21.99 -3.39 23.97
N CYS A 498 23.27 -3.53 23.68
CA CYS A 498 24.17 -4.36 24.49
C CYS A 498 24.51 -3.99 25.94
N PRO A 499 24.48 -2.73 26.40
CA PRO A 499 24.61 -2.54 27.85
C PRO A 499 23.34 -2.74 28.64
N HIS A 500 22.18 -2.36 28.10
CA HIS A 500 20.97 -2.21 28.91
C HIS A 500 19.82 -3.13 28.52
N VAL A 501 19.64 -3.44 27.23
CA VAL A 501 18.59 -4.39 26.86
C VAL A 501 19.02 -5.80 27.24
N LEU A 502 20.25 -6.17 26.92
CA LEU A 502 20.85 -7.40 27.40
C LEU A 502 22.30 -7.06 27.76
N ARG A 503 23.15 -8.06 27.91
CA ARG A 503 24.54 -7.82 28.26
C ARG A 503 25.45 -8.12 27.07
N HIS A 504 26.69 -7.65 27.17
CA HIS A 504 27.65 -7.84 26.10
C HIS A 504 28.08 -9.30 25.99
N HIS A 505 28.21 -9.99 27.12
CA HIS A 505 28.63 -11.38 27.11
C HIS A 505 27.49 -12.33 26.77
N GLN A 506 26.26 -11.85 26.71
CA GLN A 506 25.12 -12.67 26.34
C GLN A 506 24.67 -12.43 24.91
N PHE A 507 24.88 -11.23 24.40
CA PHE A 507 24.62 -10.95 22.99
C PHE A 507 25.61 -11.68 22.10
N LEU A 508 26.89 -11.56 22.41
CA LEU A 508 27.96 -12.03 21.54
C LEU A 508 28.44 -13.42 21.90
N GLN A 509 27.59 -14.24 22.50
CA GLN A 509 27.93 -15.62 22.79
C GLN A 509 27.66 -16.46 21.56
N HIS A 510 28.35 -17.59 21.48
CA HIS A 510 28.17 -18.48 20.34
C HIS A 510 26.92 -19.34 20.53
N SER A 511 26.43 -19.88 19.42
CA SER A 511 25.22 -20.69 19.45
C SER A 511 25.51 -22.08 19.99
N SER A 512 24.76 -22.49 20.99
CA SER A 512 24.80 -23.83 21.57
C SER A 512 23.81 -24.70 20.81
N PRO A 513 23.67 -26.00 21.14
CA PRO A 513 22.61 -26.81 20.50
C PRO A 513 21.18 -26.27 20.55
N GLY A 514 20.68 -25.77 21.69
CA GLY A 514 19.25 -25.51 21.78
C GLY A 514 18.72 -24.33 20.97
N SER A 515 18.90 -23.09 21.47
CA SER A 515 18.77 -21.84 20.71
C SER A 515 19.33 -20.59 21.41
N PRO A 516 20.64 -20.50 21.72
CA PRO A 516 21.17 -19.20 22.15
C PRO A 516 21.62 -18.32 21.00
N SER A 517 22.40 -17.28 21.33
CA SER A 517 23.05 -16.36 20.40
C SER A 517 22.03 -15.54 19.61
N LEU A 518 21.39 -14.63 20.36
CA LEU A 518 20.51 -13.62 19.79
C LEU A 518 21.22 -12.76 18.74
N GLY A 519 22.53 -12.55 18.89
CA GLY A 519 23.26 -11.73 17.93
C GLY A 519 23.39 -12.37 16.56
N LEU A 520 23.34 -13.69 16.48
CA LEU A 520 23.40 -14.39 15.20
C LEU A 520 22.02 -14.57 14.58
N GLN A 521 20.98 -14.70 15.41
CA GLN A 521 19.62 -14.75 14.89
C GLN A 521 19.18 -13.41 14.34
N LEU A 522 19.82 -12.33 14.75
CA LEU A 522 19.46 -10.99 14.33
C LEU A 522 20.16 -10.59 13.04
N LEU A 523 21.13 -11.39 12.57
CA LEU A 523 21.76 -11.19 11.28
C LEU A 523 21.29 -12.20 10.23
N ALA A 524 20.72 -13.32 10.65
CA ALA A 524 20.29 -14.42 9.80
C ALA A 524 19.27 -14.12 8.70
N PRO A 525 18.38 -13.11 8.80
CA PRO A 525 17.62 -12.73 7.60
C PRO A 525 18.47 -12.21 6.45
N THR A 526 19.64 -11.63 6.72
CA THR A 526 20.47 -11.11 5.66
C THR A 526 21.50 -12.13 5.17
N LEU A 527 22.07 -12.90 6.10
CA LEU A 527 23.10 -13.87 5.73
C LEU A 527 22.53 -15.11 5.05
N ASP A 528 21.21 -15.27 4.99
CA ASP A 528 20.63 -16.43 4.34
C ASP A 528 20.33 -16.20 2.87
N LEU A 529 20.12 -14.96 2.45
CA LEU A 529 19.93 -14.65 1.04
C LEU A 529 21.18 -14.08 0.39
N LEU A 530 22.31 -14.14 1.07
CA LEU A 530 23.59 -13.76 0.51
C LEU A 530 24.64 -14.86 0.56
N ALA A 531 24.62 -15.70 1.60
CA ALA A 531 25.45 -16.89 1.65
C ALA A 531 24.58 -18.02 2.17
N PRO A 532 23.84 -18.68 1.28
CA PRO A 532 22.87 -19.69 1.73
C PRO A 532 23.57 -20.95 2.20
N PRO A 533 22.93 -21.72 3.08
CA PRO A 533 23.54 -22.97 3.55
C PRO A 533 23.64 -23.99 2.43
N GLY A 534 24.63 -24.86 2.55
CA GLY A 534 24.97 -25.79 1.48
C GLY A 534 26.18 -25.26 0.74
N SER A 535 27.34 -25.82 1.06
CA SER A 535 28.61 -25.32 0.54
C SER A 535 29.64 -26.44 0.63
N PRO A 536 30.62 -26.46 -0.25
CA PRO A 536 31.73 -27.42 -0.08
C PRO A 536 32.52 -27.12 1.19
N VAL A 537 32.79 -28.17 1.95
CA VAL A 537 33.42 -28.01 3.25
C VAL A 537 34.90 -27.61 3.05
N ARG A 538 35.42 -26.86 4.02
CA ARG A 538 36.79 -26.37 3.97
C ARG A 538 37.71 -27.51 4.41
N ASN A 539 38.33 -28.18 3.44
CA ASN A 539 39.22 -29.30 3.76
C ASN A 539 40.57 -28.77 4.25
N ALA A 540 41.17 -29.53 5.16
CA ALA A 540 42.42 -29.11 5.79
C ALA A 540 43.59 -29.18 4.82
N HIS A 541 43.86 -30.37 4.27
CA HIS A 541 45.09 -30.58 3.51
C HIS A 541 45.04 -29.96 2.12
N ASN A 542 43.85 -29.71 1.58
CA ASN A 542 43.72 -29.18 0.24
C ASN A 542 44.14 -27.72 0.12
N GLU A 543 44.05 -26.96 1.23
CA GLU A 543 44.51 -25.58 1.20
C GLU A 543 46.02 -25.46 1.23
N ILE A 544 46.72 -26.51 1.62
CA ILE A 544 48.17 -26.46 1.80
C ILE A 544 48.90 -27.30 0.77
N LEU A 545 48.47 -28.56 0.59
CA LEU A 545 49.20 -29.46 -0.30
C LEU A 545 48.89 -29.18 -1.76
N GLU A 546 47.60 -29.13 -2.12
CA GLU A 546 47.18 -29.25 -3.50
C GLU A 546 47.31 -27.92 -4.25
N GLU A 547 46.70 -27.86 -5.43
CA GLU A 547 46.54 -26.61 -6.15
C GLU A 547 45.72 -25.64 -5.31
N PRO A 548 46.15 -24.36 -5.21
CA PRO A 548 45.55 -23.45 -4.21
C PRO A 548 44.11 -23.06 -4.49
N HIS A 549 43.20 -23.66 -3.73
CA HIS A 549 41.78 -23.33 -3.71
C HIS A 549 41.46 -23.00 -2.26
N HIS A 550 41.58 -21.73 -1.91
CA HIS A 550 41.41 -21.32 -0.53
C HIS A 550 39.93 -21.10 -0.21
N CYS A 551 39.62 -21.14 1.08
CA CYS A 551 38.40 -20.56 1.61
C CYS A 551 38.34 -19.11 1.14
N PRO A 552 37.16 -18.59 0.70
CA PRO A 552 37.14 -17.63 -0.43
C PRO A 552 37.85 -16.32 -0.21
N LEU A 553 39.18 -16.44 -0.17
CA LEU A 553 40.12 -15.34 -0.25
C LEU A 553 40.86 -15.31 -1.57
N GLN A 554 40.90 -16.45 -2.27
CA GLN A 554 41.46 -16.49 -3.61
C GLN A 554 40.52 -15.84 -4.61
N LYS A 555 39.23 -16.13 -4.50
CA LYS A 555 38.22 -15.59 -5.41
C LYS A 555 37.11 -14.97 -4.57
N TYR A 556 36.97 -13.66 -4.63
CA TYR A 556 36.00 -12.95 -3.81
C TYR A 556 35.12 -12.05 -4.68
N THR A 557 34.04 -11.58 -4.09
CA THR A 557 33.04 -10.77 -4.77
C THR A 557 32.85 -9.47 -4.02
N ARG A 558 33.01 -8.34 -4.71
CA ARG A 558 32.79 -7.05 -4.08
C ARG A 558 31.32 -6.87 -3.73
N LEU A 559 31.05 -6.51 -2.49
CA LEU A 559 29.70 -6.44 -1.96
C LEU A 559 29.41 -5.01 -1.51
N GLN A 560 28.26 -4.49 -1.93
CA GLN A 560 27.75 -3.24 -1.37
C GLN A 560 26.90 -3.55 -0.15
N THR A 561 26.78 -2.57 0.74
CA THR A 561 26.27 -2.79 2.09
C THR A 561 24.79 -3.12 2.10
N PRO A 562 24.38 -4.30 2.55
CA PRO A 562 22.95 -4.66 2.53
C PRO A 562 22.09 -3.91 3.53
N SER A 563 22.44 -3.91 4.83
CA SER A 563 21.44 -3.57 5.84
C SER A 563 21.70 -2.26 6.58
N SER A 564 22.82 -2.15 7.30
CA SER A 564 23.23 -0.93 8.02
C SER A 564 22.15 -0.42 8.99
N PHE A 565 21.94 -1.20 10.07
CA PHE A 565 20.98 -0.95 11.16
C PHE A 565 21.13 0.43 11.80
N PRO A 566 20.22 1.36 11.59
CA PRO A 566 20.32 2.67 12.24
C PRO A 566 19.77 2.61 13.66
N THR A 567 20.00 3.69 14.40
CA THR A 567 19.42 3.82 15.72
C THR A 567 18.11 4.60 15.62
N LEU A 568 17.28 4.45 16.65
CA LEU A 568 15.93 5.02 16.61
C LEU A 568 15.92 6.53 16.78
N ALA A 569 17.03 7.13 17.18
CA ALA A 569 17.12 8.58 17.19
C ALA A 569 17.56 9.16 15.85
N THR A 570 18.38 8.42 15.10
CA THR A 570 18.76 8.84 13.76
C THR A 570 17.58 8.78 12.81
N LEU A 571 16.74 7.74 12.93
CA LEU A 571 15.55 7.62 12.11
C LEU A 571 14.54 8.73 12.40
N LYS A 572 14.56 9.27 13.60
CA LYS A 572 13.61 10.32 13.94
C LYS A 572 14.11 11.69 13.52
N GLU A 573 15.43 11.93 13.52
CA GLU A 573 15.93 13.25 13.17
C GLU A 573 16.33 13.37 11.70
N GLU A 574 16.58 12.26 11.04
CA GLU A 574 16.71 12.27 9.58
C GLU A 574 15.38 12.03 8.89
N GLY A 575 14.30 11.96 9.66
CA GLY A 575 12.96 11.85 9.11
C GLY A 575 12.31 13.21 9.01
N GLN A 576 12.42 14.02 10.05
CA GLN A 576 12.01 15.42 9.96
C GLN A 576 13.18 16.32 9.59
N ARG A 577 13.93 15.90 8.58
CA ARG A 577 14.92 16.75 7.94
C ARG A 577 14.71 16.63 6.45
N LYS A 578 14.24 15.45 6.02
CA LYS A 578 13.72 15.28 4.67
C LYS A 578 12.27 15.71 4.56
N ALA A 579 11.66 16.14 5.65
CA ALA A 579 10.28 16.60 5.64
C ALA A 579 10.18 18.10 5.39
N TRP A 580 11.11 18.87 5.95
CA TRP A 580 11.13 20.30 5.72
C TRP A 580 12.02 20.70 4.55
N ALA A 581 12.95 19.83 4.15
CA ALA A 581 13.67 20.07 2.90
C ALA A 581 12.79 19.81 1.70
N SER A 582 11.83 18.90 1.82
CA SER A 582 10.88 18.62 0.77
C SER A 582 9.62 19.46 0.87
N PHE A 583 9.51 20.31 1.89
CA PHE A 583 8.35 21.18 2.05
C PHE A 583 8.48 22.35 1.09
N ASP A 584 7.65 22.35 0.04
CA ASP A 584 7.61 23.45 -0.91
C ASP A 584 6.17 23.93 -1.00
N PRO A 585 5.86 25.15 -0.54
CA PRO A 585 4.47 25.59 -0.54
C PRO A 585 3.91 25.92 -1.91
N LYS A 586 4.75 26.16 -2.91
CA LYS A 586 4.26 26.42 -4.25
C LYS A 586 4.15 25.15 -5.08
N ALA A 587 4.49 24.00 -4.52
CA ALA A 587 4.19 22.72 -5.14
C ALA A 587 2.98 22.04 -4.52
N LEU A 588 2.64 22.36 -3.29
CA LEU A 588 1.40 21.90 -2.70
C LEU A 588 0.21 22.67 -3.26
N LEU A 589 0.44 23.89 -3.74
CA LEU A 589 -0.58 24.74 -4.34
C LEU A 589 -0.14 25.09 -5.75
N PRO A 590 -0.66 24.42 -6.77
CA PRO A 590 -0.18 24.66 -8.14
C PRO A 590 -0.65 26.01 -8.68
N LEU A 591 -0.08 26.39 -9.83
CA LEU A 591 -0.18 27.77 -10.29
C LEU A 591 -1.56 28.17 -10.82
N PRO A 592 -2.22 27.42 -11.72
CA PRO A 592 -3.50 27.96 -12.23
C PRO A 592 -4.63 27.91 -11.23
N GLU A 593 -4.68 26.88 -10.38
CA GLU A 593 -5.82 26.76 -9.48
C GLU A 593 -5.65 27.66 -8.26
N ALA A 594 -4.45 27.72 -7.70
CA ALA A 594 -4.19 28.55 -6.52
C ALA A 594 -3.65 29.93 -6.90
N SER A 595 -4.36 30.58 -7.82
CA SER A 595 -4.16 31.98 -8.13
C SER A 595 -5.42 32.77 -7.86
N TYR A 596 -6.45 32.11 -7.31
CA TYR A 596 -7.79 32.64 -7.17
C TYR A 596 -8.31 32.45 -5.76
N LEU A 597 -7.41 32.22 -4.81
CA LEU A 597 -7.74 31.92 -3.43
C LEU A 597 -7.40 33.08 -2.52
N PRO A 598 -8.29 33.43 -1.59
CA PRO A 598 -7.95 34.45 -0.58
C PRO A 598 -6.93 33.95 0.42
N SER A 599 -6.50 34.80 1.35
CA SER A 599 -5.45 34.41 2.28
C SER A 599 -5.95 33.43 3.34
N CYS A 600 -7.25 33.43 3.62
CA CYS A 600 -7.78 32.50 4.60
C CYS A 600 -7.90 31.08 4.05
N GLN A 601 -8.04 30.93 2.73
CA GLN A 601 -8.11 29.62 2.12
C GLN A 601 -6.81 29.19 1.47
N LEU A 602 -5.89 30.12 1.21
CA LEU A 602 -4.57 29.73 0.76
C LEU A 602 -3.77 29.10 1.88
N ASN A 603 -3.97 29.55 3.11
CA ASN A 603 -3.23 29.05 4.26
C ASN A 603 -3.89 27.85 4.91
N ARG A 604 -5.19 27.64 4.68
CA ARG A 604 -5.85 26.47 5.23
C ARG A 604 -5.46 25.19 4.51
N ARG A 605 -5.03 25.29 3.26
CA ARG A 605 -4.61 24.13 2.50
C ARG A 605 -3.12 23.86 2.61
N LEU A 606 -2.38 24.72 3.29
CA LEU A 606 -0.99 24.49 3.62
C LEU A 606 -0.79 24.00 5.04
N ALA A 607 -1.88 23.86 5.80
CA ALA A 607 -1.78 23.59 7.23
C ALA A 607 -1.29 22.18 7.51
N TRP A 608 -2.00 21.18 7.02
CA TRP A 608 -1.63 19.79 7.26
C TRP A 608 -1.18 19.14 5.96
N SER A 609 -0.07 18.42 6.02
CA SER A 609 0.43 17.63 4.92
C SER A 609 1.25 16.49 5.50
N TRP A 610 1.70 15.59 4.63
CA TRP A 610 2.40 14.39 5.08
C TRP A 610 3.24 13.85 3.95
N LEU A 611 4.24 13.04 4.31
CA LEU A 611 5.01 12.28 3.34
C LEU A 611 5.36 10.93 3.93
N CYS A 612 5.53 9.95 3.06
CA CYS A 612 5.83 8.57 3.44
C CYS A 612 7.18 8.18 2.86
N LEU A 613 8.18 8.08 3.72
CA LEU A 613 9.50 7.61 3.31
C LEU A 613 9.58 6.11 3.49
N LEU A 614 10.17 5.44 2.50
CA LEU A 614 10.42 4.00 2.58
C LEU A 614 11.91 3.79 2.80
N PRO A 615 12.36 3.52 4.02
CA PRO A 615 13.80 3.46 4.28
C PRO A 615 14.48 2.21 3.77
N SER A 616 13.74 1.22 3.28
CA SER A 616 14.37 0.11 2.55
C SER A 616 14.38 0.39 1.05
N ALA A 617 14.79 1.62 0.72
CA ALA A 617 15.05 2.03 -0.64
C ALA A 617 16.24 2.98 -0.69
N PHE A 618 16.91 3.18 0.44
CA PHE A 618 18.04 4.09 0.53
C PHE A 618 19.30 3.39 0.01
N CYS A 619 20.41 4.11 0.05
CA CYS A 619 21.67 3.56 -0.44
C CYS A 619 22.28 2.49 0.48
N PRO A 620 22.21 2.58 1.82
CA PRO A 620 22.51 1.38 2.61
C PRO A 620 21.32 0.54 3.07
N ALA A 621 20.08 0.95 2.75
CA ALA A 621 18.86 0.15 2.90
C ALA A 621 18.61 -0.26 4.36
N GLN A 622 18.31 0.75 5.17
CA GLN A 622 18.19 0.64 6.63
C GLN A 622 17.10 -0.35 7.06
N VAL A 623 17.29 -0.89 8.27
CA VAL A 623 16.44 -1.94 8.84
C VAL A 623 16.02 -1.51 10.24
N LEU A 624 14.72 -1.51 10.50
CA LEU A 624 14.20 -1.09 11.79
C LEU A 624 14.34 -2.19 12.82
N LEU A 625 14.72 -1.81 14.05
CA LEU A 625 14.86 -2.75 15.14
C LEU A 625 14.68 -2.02 16.45
N GLY A 626 13.80 -2.53 17.30
CA GLY A 626 13.58 -1.93 18.61
C GLY A 626 12.89 -2.92 19.52
N VAL A 627 12.72 -2.50 20.77
CA VAL A 627 12.01 -3.28 21.78
C VAL A 627 10.63 -2.69 21.94
N LEU A 628 9.60 -3.53 21.79
CA LEU A 628 8.23 -3.06 21.86
C LEU A 628 7.82 -2.81 23.30
N VAL A 629 7.55 -1.55 23.63
CA VAL A 629 7.09 -1.17 24.95
C VAL A 629 5.67 -0.62 24.84
N ALA A 630 4.98 -0.61 25.97
CA ALA A 630 3.62 -0.06 26.06
C ALA A 630 3.58 0.88 27.25
N SER A 631 3.26 2.14 26.99
CA SER A 631 3.36 3.16 28.02
C SER A 631 2.25 3.01 29.04
N SER A 632 2.62 2.92 30.31
CA SER A 632 1.66 2.84 31.39
C SER A 632 1.24 4.22 31.90
N HIS A 633 1.74 5.29 31.29
CA HIS A 633 1.30 6.64 31.61
C HIS A 633 0.41 7.25 30.54
N LYS A 634 0.52 6.80 29.29
CA LYS A 634 -0.28 7.34 28.21
C LYS A 634 -1.07 6.30 27.44
N GLY A 635 -0.60 5.05 27.37
CA GLY A 635 -1.32 3.99 26.71
C GLY A 635 -0.88 3.67 25.31
N CYS A 636 0.15 4.34 24.79
CA CYS A 636 0.57 4.21 23.41
C CYS A 636 1.69 3.18 23.26
N LEU A 637 1.73 2.55 22.09
CA LEU A 637 2.77 1.58 21.77
C LEU A 637 3.97 2.29 21.16
N GLN A 638 5.16 1.79 21.47
CA GLN A 638 6.39 2.39 21.01
C GLN A 638 7.45 1.32 20.82
N LEU A 639 8.38 1.59 19.91
CA LEU A 639 9.62 0.83 19.82
C LEU A 639 10.71 1.62 20.53
N ARG A 640 11.64 0.92 21.18
CA ARG A 640 12.60 1.60 22.03
C ARG A 640 13.95 0.92 21.96
N ASP A 641 15.01 1.73 21.98
CA ASP A 641 16.36 1.26 22.22
C ASP A 641 16.98 2.24 23.22
N GLN A 642 18.31 2.21 23.35
CA GLN A 642 18.94 3.06 24.35
C GLN A 642 19.38 4.40 23.78
N SER A 643 18.70 4.90 22.77
CA SER A 643 18.91 6.24 22.25
C SER A 643 17.64 7.06 22.19
N GLY A 644 16.49 6.44 22.00
CA GLY A 644 15.25 7.17 21.92
C GLY A 644 14.11 6.20 21.68
N SER A 645 13.00 6.72 21.19
CA SER A 645 11.83 5.88 20.94
C SER A 645 10.97 6.48 19.85
N LEU A 646 10.37 5.61 19.04
CA LEU A 646 9.43 5.98 18.00
C LEU A 646 8.05 5.40 18.30
N PRO A 647 6.99 6.17 18.11
CA PRO A 647 5.65 5.58 18.10
C PRO A 647 5.48 4.65 16.93
N CYS A 648 4.63 3.64 17.10
CA CYS A 648 4.45 2.64 16.07
C CYS A 648 2.98 2.28 15.94
N LEU A 649 2.57 1.97 14.72
CA LEU A 649 1.25 1.42 14.43
C LEU A 649 1.44 0.05 13.81
N LEU A 650 0.89 -0.97 14.47
CA LEU A 650 1.13 -2.35 14.10
C LEU A 650 -0.17 -3.03 13.70
N LEU A 651 -0.20 -3.61 12.52
CA LEU A 651 -1.26 -4.50 12.11
C LEU A 651 -0.72 -5.92 12.05
N ALA A 652 -1.53 -6.89 12.46
CA ALA A 652 -1.11 -8.27 12.38
C ALA A 652 -1.06 -8.74 10.94
N LYS A 653 -2.19 -8.66 10.24
CA LYS A 653 -2.25 -8.91 8.81
C LYS A 653 -2.95 -7.73 8.14
N HIS A 654 -3.28 -7.87 6.86
CA HIS A 654 -4.15 -6.90 6.21
C HIS A 654 -5.57 -7.05 6.76
N SER A 655 -6.14 -5.92 7.21
CA SER A 655 -7.46 -5.85 7.85
C SER A 655 -7.56 -6.77 9.07
N GLN A 656 -6.51 -6.75 9.90
CA GLN A 656 -6.46 -7.55 11.11
C GLN A 656 -5.58 -6.87 12.13
N PRO A 657 -6.10 -6.49 13.28
CA PRO A 657 -5.32 -5.69 14.23
C PRO A 657 -4.44 -6.53 15.13
N LEU A 658 -3.44 -5.88 15.71
CA LEU A 658 -2.58 -6.53 16.69
C LEU A 658 -3.33 -6.68 18.00
N SER A 659 -3.47 -7.93 18.46
CA SER A 659 -4.24 -8.19 19.66
C SER A 659 -3.57 -9.25 20.53
N ASP A 660 -2.25 -9.31 20.53
CA ASP A 660 -1.52 -10.29 21.34
C ASP A 660 -0.68 -9.56 22.38
N PRO A 661 -1.04 -9.64 23.66
CA PRO A 661 -0.28 -8.92 24.70
C PRO A 661 1.02 -9.58 25.10
N ARG A 662 1.40 -10.69 24.48
CA ARG A 662 2.65 -11.36 24.80
C ARG A 662 3.83 -10.82 24.00
N LEU A 663 3.64 -9.73 23.28
CA LEU A 663 4.70 -9.11 22.50
C LEU A 663 5.34 -7.93 23.21
N ILE A 664 4.88 -7.58 24.39
CA ILE A 664 5.50 -6.49 25.14
C ILE A 664 6.82 -6.97 25.72
N GLY A 665 7.89 -6.24 25.42
CA GLY A 665 9.22 -6.66 25.83
C GLY A 665 9.87 -7.62 24.87
N CYS A 666 9.50 -7.56 23.59
CA CYS A 666 10.06 -8.43 22.57
C CYS A 666 10.74 -7.60 21.51
N LEU A 667 11.84 -8.12 20.97
CA LEU A 667 12.56 -7.44 19.90
C LEU A 667 11.83 -7.64 18.59
N VAL A 668 11.54 -6.53 17.90
CA VAL A 668 10.88 -6.55 16.60
C VAL A 668 11.87 -6.10 15.56
N ARG A 669 12.06 -6.91 14.51
CA ARG A 669 12.98 -6.62 13.43
C ARG A 669 12.22 -6.61 12.12
N ALA A 670 12.05 -5.42 11.53
CA ALA A 670 11.26 -5.26 10.32
C ALA A 670 12.09 -4.56 9.25
N GLU A 671 12.12 -5.16 8.05
CA GLU A 671 12.80 -4.56 6.92
C GLU A 671 11.86 -4.01 5.86
N ARG A 672 10.56 -4.25 5.98
CA ARG A 672 9.55 -3.64 5.12
C ARG A 672 8.66 -2.76 6.00
N PHE A 673 8.89 -1.45 5.95
CA PHE A 673 8.13 -0.54 6.81
C PHE A 673 8.10 0.83 6.17
N GLN A 674 7.19 1.67 6.65
CA GLN A 674 7.04 3.04 6.20
C GLN A 674 7.33 3.99 7.35
N LEU A 675 7.88 5.15 7.02
CA LEU A 675 8.24 6.16 8.01
C LEU A 675 7.41 7.41 7.72
N ILE A 676 6.32 7.60 8.44
CA ILE A 676 5.36 8.65 8.17
C ILE A 676 5.75 9.89 8.97
N VAL A 677 5.79 11.05 8.31
CA VAL A 677 6.01 12.34 8.95
C VAL A 677 4.86 13.25 8.57
N GLU A 678 4.12 13.73 9.57
CA GLU A 678 2.99 14.62 9.35
C GLU A 678 3.39 16.05 9.69
N ARG A 679 3.25 16.95 8.74
CA ARG A 679 3.66 18.34 8.92
C ARG A 679 2.47 19.19 9.36
N ASP A 680 2.71 20.06 10.34
CA ASP A 680 1.67 20.92 10.91
C ASP A 680 2.19 22.35 10.89
N VAL A 681 1.73 23.13 9.92
CA VAL A 681 2.32 24.42 9.60
C VAL A 681 1.29 25.52 9.87
N ARG A 682 1.70 26.53 10.63
CA ARG A 682 0.90 27.73 10.88
C ARG A 682 1.52 28.88 10.08
N SER A 683 0.85 29.26 8.99
CA SER A 683 1.43 30.21 8.04
C SER A 683 0.44 31.33 7.73
N SER A 684 0.97 32.42 7.18
CA SER A 684 0.20 33.63 6.89
C SER A 684 0.62 34.26 5.56
N PHE A 685 0.70 33.45 4.51
CA PHE A 685 0.99 33.98 3.18
C PHE A 685 -0.14 34.89 2.71
N PRO A 686 0.16 36.06 2.14
CA PRO A 686 -0.90 36.97 1.71
C PRO A 686 -1.60 36.52 0.44
N SER A 687 -0.84 36.10 -0.56
CA SER A 687 -1.40 35.70 -1.84
C SER A 687 -0.47 34.70 -2.50
N TRP A 688 -0.70 34.45 -3.78
CA TRP A 688 0.00 33.40 -4.51
C TRP A 688 1.41 33.82 -4.92
N LYS A 689 1.71 35.11 -4.94
CA LYS A 689 3.02 35.56 -5.39
C LYS A 689 4.10 35.37 -4.35
N GLU A 690 3.72 35.21 -3.09
CA GLU A 690 4.66 35.10 -1.98
C GLU A 690 5.03 33.67 -1.65
N LEU A 691 4.61 32.70 -2.46
CA LEU A 691 4.78 31.29 -2.11
C LEU A 691 6.21 30.80 -2.28
N SER A 692 7.14 31.63 -2.72
CA SER A 692 8.56 31.29 -2.73
C SER A 692 9.40 32.28 -1.95
N MET A 693 8.77 33.12 -1.14
CA MET A 693 9.45 34.15 -0.37
C MET A 693 9.45 33.78 1.11
N PRO A 694 10.58 33.92 1.80
CA PRO A 694 10.63 33.54 3.22
C PRO A 694 10.15 34.63 4.16
N GLY A 695 9.57 34.19 5.27
CA GLY A 695 9.17 35.11 6.32
C GLY A 695 7.71 35.02 6.70
N PHE A 696 7.00 34.03 6.17
CA PHE A 696 5.56 33.92 6.36
C PHE A 696 5.11 32.68 7.11
N ILE A 697 6.03 31.85 7.58
CA ILE A 697 5.70 30.67 8.36
C ILE A 697 5.99 30.97 9.82
N GLN A 698 4.95 30.92 10.66
CA GLN A 698 5.12 31.24 12.07
C GLN A 698 5.49 30.03 12.90
N LYS A 699 4.91 28.87 12.62
CA LYS A 699 5.13 27.67 13.41
C LYS A 699 5.14 26.47 12.49
N GLN A 700 5.99 25.50 12.79
CA GLN A 700 5.99 24.23 12.07
C GLN A 700 6.45 23.13 13.01
N GLN A 701 5.70 22.05 13.06
CA GLN A 701 6.05 20.91 13.89
C GLN A 701 5.69 19.63 13.16
N ALA A 702 6.44 18.57 13.44
CA ALA A 702 6.28 17.30 12.76
C ALA A 702 5.82 16.23 13.75
N ARG A 703 5.41 15.09 13.20
CA ARG A 703 4.98 13.93 13.97
C ARG A 703 5.46 12.70 13.24
N VAL A 704 6.47 12.03 13.79
CA VAL A 704 7.15 10.93 13.14
C VAL A 704 6.74 9.63 13.81
N TYR A 705 6.36 8.64 13.01
CA TYR A 705 6.07 7.30 13.51
C TYR A 705 6.29 6.30 12.37
N VAL A 706 6.03 5.03 12.67
CA VAL A 706 6.26 3.95 11.71
C VAL A 706 5.01 3.09 11.59
N GLN A 707 4.81 2.50 10.42
CA GLN A 707 3.74 1.56 10.16
C GLN A 707 4.30 0.34 9.45
N PHE A 708 3.97 -0.85 9.94
CA PHE A 708 4.37 -2.08 9.27
C PHE A 708 3.48 -3.22 9.75
N PHE A 709 3.51 -4.32 9.01
CA PHE A 709 2.80 -5.54 9.36
C PHE A 709 3.69 -6.46 10.16
N LEU A 710 3.06 -7.30 10.99
CA LEU A 710 3.81 -8.29 11.76
C LEU A 710 4.10 -9.54 10.96
N ALA A 711 3.45 -9.75 9.82
CA ALA A 711 3.80 -10.86 8.96
C ALA A 711 5.08 -10.61 8.17
N ASP A 712 5.49 -9.35 8.06
CA ASP A 712 6.71 -8.97 7.36
C ASP A 712 7.87 -8.72 8.31
N ALA A 713 7.72 -9.08 9.59
CA ALA A 713 8.71 -8.82 10.61
C ALA A 713 9.12 -10.13 11.28
N LEU A 714 10.11 -10.02 12.17
CA LEU A 714 10.60 -11.16 12.94
C LEU A 714 10.62 -10.76 14.40
N ILE A 715 9.90 -11.51 15.23
CA ILE A 715 9.76 -11.21 16.65
C ILE A 715 10.60 -12.20 17.43
N LEU A 716 11.56 -11.69 18.21
CA LEU A 716 12.42 -12.50 19.01
C LEU A 716 12.29 -12.13 20.49
N PRO A 717 12.20 -13.11 21.38
CA PRO A 717 12.15 -12.77 22.81
C PRO A 717 13.54 -12.58 23.39
N VAL A 718 13.64 -11.60 24.27
CA VAL A 718 14.93 -11.30 24.91
C VAL A 718 15.13 -12.26 26.07
N PRO A 719 16.26 -12.96 26.14
CA PRO A 719 16.48 -13.89 27.25
C PRO A 719 16.85 -13.18 28.54
N ARG A 720 16.29 -13.66 29.64
CA ARG A 720 16.62 -13.10 30.94
C ARG A 720 18.00 -13.62 31.39
N PRO A 721 18.79 -12.79 32.09
CA PRO A 721 20.15 -13.19 32.48
C PRO A 721 20.20 -14.32 33.50
N PRO A 741 2.57 -21.03 41.67
CA PRO A 741 2.01 -22.34 41.35
C PRO A 741 0.49 -22.31 41.21
N HIS A 742 -0.22 -22.84 42.21
CA HIS A 742 -1.67 -22.86 42.21
C HIS A 742 -2.28 -21.62 42.84
N LEU A 743 -1.51 -20.54 42.99
CA LEU A 743 -2.02 -19.26 43.46
C LEU A 743 -2.24 -18.36 42.24
N GLY A 744 -3.32 -18.66 41.51
CA GLY A 744 -3.67 -17.86 40.35
C GLY A 744 -5.03 -18.20 39.80
N GLN A 745 -5.85 -17.18 39.54
CA GLN A 745 -7.20 -17.36 39.04
C GLN A 745 -7.32 -16.73 37.65
N SER A 746 -8.43 -17.05 36.98
CA SER A 746 -8.63 -16.67 35.59
C SER A 746 -10.10 -16.73 35.24
N ARG A 747 -10.48 -15.95 34.24
CA ARG A 747 -11.84 -15.98 33.70
C ARG A 747 -11.81 -15.42 32.29
N LEU A 748 -12.48 -16.11 31.37
CA LEU A 748 -12.52 -15.68 29.97
C LEU A 748 -13.67 -14.71 29.75
N PHE A 749 -13.50 -13.83 28.78
CA PHE A 749 -14.57 -12.92 28.39
C PHE A 749 -14.43 -12.56 26.92
N LEU A 750 -15.56 -12.31 26.28
CA LEU A 750 -15.62 -11.91 24.89
C LEU A 750 -15.85 -10.41 24.82
N LEU A 751 -14.92 -9.68 24.22
CA LEU A 751 -14.99 -8.24 24.18
C LEU A 751 -15.97 -7.79 23.11
N CYS A 752 -16.87 -6.87 23.46
CA CYS A 752 -17.91 -6.40 22.56
C CYS A 752 -17.62 -4.99 22.04
N HIS A 753 -17.28 -4.04 22.91
CA HIS A 753 -17.00 -2.68 22.49
C HIS A 753 -16.01 -2.04 23.45
N LYS A 754 -15.04 -1.31 22.90
CA LYS A 754 -14.04 -0.60 23.68
C LYS A 754 -14.27 0.90 23.52
N GLU A 755 -14.24 1.63 24.63
CA GLU A 755 -14.49 3.06 24.63
C GLU A 755 -13.21 3.83 24.31
N ALA A 756 -13.31 5.14 24.26
CA ALA A 756 -12.17 5.97 23.93
C ALA A 756 -11.28 6.19 25.14
N LEU A 757 -10.05 6.62 24.87
CA LEU A 757 -9.04 6.82 25.90
C LEU A 757 -8.93 8.32 26.18
N MET A 758 -9.49 8.76 27.30
CA MET A 758 -9.52 10.18 27.63
C MET A 758 -9.73 10.33 29.12
N LYS A 759 -9.58 11.57 29.59
CA LYS A 759 -9.83 11.88 31.00
C LYS A 759 -11.31 11.78 31.32
N ARG A 760 -11.63 11.22 32.48
CA ARG A 760 -13.01 11.03 32.88
C ARG A 760 -13.18 11.40 34.34
N ASN A 761 -14.40 11.82 34.69
CA ASN A 761 -14.77 12.04 36.08
C ASN A 761 -15.26 10.74 36.69
N PHE A 762 -15.18 10.67 38.02
CA PHE A 762 -15.57 9.46 38.74
C PHE A 762 -16.55 9.81 39.85
N CYS A 763 -17.51 8.91 40.08
CA CYS A 763 -18.46 9.10 41.16
C CYS A 763 -17.77 8.94 42.51
N VAL A 764 -18.33 9.60 43.52
CA VAL A 764 -17.79 9.53 44.87
C VAL A 764 -18.11 8.14 45.43
N PRO A 765 -17.26 7.56 46.25
CA PRO A 765 -17.56 6.24 46.81
C PRO A 765 -18.66 6.32 47.85
N PRO A 766 -19.54 5.32 47.91
CA PRO A 766 -20.72 5.44 48.77
C PRO A 766 -20.40 5.13 50.23
N GLY A 767 -21.06 5.87 51.12
CA GLY A 767 -20.98 5.65 52.54
C GLY A 767 -19.83 6.36 53.24
N ALA A 768 -18.79 6.73 52.51
CA ALA A 768 -17.64 7.39 53.11
C ALA A 768 -17.93 8.89 53.28
N SER A 769 -16.97 9.59 53.89
CA SER A 769 -17.02 11.04 53.96
C SER A 769 -16.87 11.62 52.55
N PRO A 770 -17.55 12.76 52.27
CA PRO A 770 -17.60 13.27 50.89
C PRO A 770 -16.26 13.75 50.35
N GLU A 771 -15.71 12.97 49.42
CA GLU A 771 -14.49 13.31 48.72
C GLU A 771 -14.60 12.79 47.29
N VAL A 772 -14.10 13.56 46.34
CA VAL A 772 -14.13 13.20 44.93
C VAL A 772 -12.76 12.68 44.54
N PRO A 773 -12.66 11.52 43.88
CA PRO A 773 -11.37 11.09 43.34
C PRO A 773 -10.94 11.97 42.19
N LYS A 774 -9.65 11.88 41.86
CA LYS A 774 -9.09 12.74 40.84
C LYS A 774 -9.55 12.30 39.45
N PRO A 775 -9.79 13.25 38.54
CA PRO A 775 -10.06 12.88 37.15
C PRO A 775 -8.80 12.34 36.49
N ALA A 776 -8.87 11.10 36.03
CA ALA A 776 -7.71 10.40 35.51
C ALA A 776 -7.95 9.93 34.09
N LEU A 777 -6.84 9.68 33.39
CA LEU A 777 -6.91 9.11 32.05
C LEU A 777 -7.30 7.64 32.15
N SER A 778 -8.36 7.27 31.45
CA SER A 778 -8.93 5.93 31.62
C SER A 778 -9.75 5.56 30.40
N PHE A 779 -10.11 4.28 30.33
CA PHE A 779 -11.08 3.78 29.37
C PHE A 779 -11.74 2.56 29.98
N TYR A 780 -12.81 2.08 29.34
CA TYR A 780 -13.45 0.87 29.79
C TYR A 780 -13.97 0.09 28.60
N VAL A 781 -14.09 -1.23 28.77
CA VAL A 781 -14.62 -2.10 27.73
C VAL A 781 -15.89 -2.73 28.26
N LEU A 782 -16.71 -3.21 27.33
CA LEU A 782 -17.93 -3.94 27.66
C LEU A 782 -17.78 -5.36 27.14
N GLY A 783 -17.80 -6.33 28.04
CA GLY A 783 -17.63 -7.70 27.64
C GLY A 783 -18.73 -8.60 28.16
N SER A 784 -18.54 -9.91 28.05
CA SER A 784 -19.48 -10.88 28.59
C SER A 784 -18.69 -12.11 29.02
N TRP A 785 -18.89 -12.53 30.27
CA TRP A 785 -18.15 -13.67 30.79
C TRP A 785 -18.59 -14.96 30.10
N LEU A 786 -17.62 -15.80 29.79
CA LEU A 786 -17.89 -17.06 29.09
C LEU A 786 -17.84 -18.26 30.02
N GLY A 787 -17.60 -18.06 31.31
CA GLY A 787 -17.56 -19.17 32.24
C GLY A 787 -17.19 -18.69 33.62
N GLY A 788 -17.07 -19.65 34.53
CA GLY A 788 -16.70 -19.36 35.89
C GLY A 788 -15.21 -19.16 36.06
N THR A 789 -14.82 -18.92 37.31
CA THR A 789 -13.42 -18.66 37.64
C THR A 789 -12.64 -19.97 37.61
N GLN A 790 -11.61 -20.02 36.78
CA GLN A 790 -10.73 -21.17 36.69
C GLN A 790 -9.48 -20.94 37.53
N ARG A 791 -8.99 -22.00 38.15
CA ARG A 791 -7.78 -21.94 38.95
C ARG A 791 -6.63 -22.63 38.21
N LYS A 792 -5.42 -22.14 38.43
CA LYS A 792 -4.26 -22.63 37.70
C LYS A 792 -3.84 -23.99 38.22
N GLU A 793 -3.71 -24.95 37.30
CA GLU A 793 -3.29 -26.31 37.63
C GLU A 793 -2.10 -26.65 36.74
N GLY A 794 -0.91 -26.67 37.32
CA GLY A 794 0.30 -26.89 36.55
C GLY A 794 0.63 -25.71 35.67
N THR A 795 0.50 -25.87 34.36
CA THR A 795 0.62 -24.77 33.42
C THR A 795 -0.69 -24.40 32.76
N GLY A 796 -1.71 -25.26 32.85
CA GLY A 796 -3.03 -24.96 32.32
C GLY A 796 -3.98 -24.52 33.41
N TRP A 797 -5.27 -24.54 33.07
CA TRP A 797 -6.32 -24.09 33.95
C TRP A 797 -7.34 -25.21 34.13
N GLY A 798 -7.94 -25.27 35.31
CA GLY A 798 -8.85 -26.35 35.65
C GLY A 798 -10.24 -26.14 35.08
N LEU A 799 -11.20 -26.72 35.75
CA LEU A 799 -12.59 -26.56 35.34
C LEU A 799 -13.19 -25.34 36.04
N PRO A 800 -14.08 -24.62 35.38
CA PRO A 800 -14.65 -23.41 35.99
C PRO A 800 -15.62 -23.72 37.10
N GLU A 801 -15.74 -22.78 38.03
CA GLU A 801 -16.74 -22.88 39.08
C GLU A 801 -18.14 -22.68 38.47
N PRO A 802 -19.17 -23.25 39.09
CA PRO A 802 -20.53 -23.14 38.53
C PRO A 802 -21.04 -21.71 38.59
N GLN A 803 -21.51 -21.22 37.44
CA GLN A 803 -21.97 -19.84 37.29
C GLN A 803 -23.35 -19.65 37.91
N ASP A 809 -27.90 -12.61 32.93
CA ASP A 809 -27.11 -11.45 32.53
C ASP A 809 -25.66 -11.61 32.95
N GLN A 810 -24.76 -11.62 31.96
CA GLN A 810 -23.33 -11.76 32.22
C GLN A 810 -22.52 -10.63 31.60
N LYS A 811 -23.15 -9.50 31.30
CA LYS A 811 -22.42 -8.35 30.81
C LYS A 811 -21.66 -7.68 31.95
N VAL A 812 -20.51 -7.10 31.62
CA VAL A 812 -19.62 -6.54 32.62
C VAL A 812 -18.83 -5.41 32.00
N HIS A 813 -18.67 -4.33 32.74
CA HIS A 813 -17.78 -3.23 32.35
C HIS A 813 -16.47 -3.37 33.13
N LEU A 814 -15.35 -3.38 32.43
CA LEU A 814 -14.04 -3.50 33.04
C LEU A 814 -13.33 -2.16 32.94
N ILE A 815 -13.05 -1.55 34.08
CA ILE A 815 -12.50 -0.19 34.13
C ILE A 815 -10.98 -0.27 34.18
N PHE A 816 -10.33 0.38 33.22
CA PHE A 816 -8.87 0.40 33.13
C PHE A 816 -8.40 1.82 33.45
N PHE A 817 -7.72 1.99 34.56
CA PHE A 817 -7.15 3.30 34.87
C PHE A 817 -5.84 3.12 35.62
N GLY A 818 -5.06 4.19 35.68
CA GLY A 818 -3.82 4.15 36.41
C GLY A 818 -2.73 3.49 35.61
N SER A 819 -2.04 2.54 36.23
CA SER A 819 -1.02 1.77 35.54
C SER A 819 -1.60 0.69 34.64
N SER A 820 -2.89 0.39 34.79
CA SER A 820 -3.56 -0.63 33.99
C SER A 820 -4.04 -0.10 32.65
N VAL A 821 -3.62 1.11 32.26
CA VAL A 821 -4.10 1.74 31.04
C VAL A 821 -3.31 1.26 29.83
N ARG A 822 -2.25 0.50 30.05
CA ARG A 822 -1.31 0.12 29.00
C ARG A 822 -1.81 -1.02 28.13
N TRP A 823 -2.97 -1.62 28.46
CA TRP A 823 -3.53 -2.70 27.66
C TRP A 823 -4.42 -2.19 26.54
N PHE A 824 -4.35 -0.90 26.20
CA PHE A 824 -5.37 -0.30 25.34
C PHE A 824 -5.25 -0.77 23.90
N GLU A 825 -4.04 -0.93 23.39
CA GLU A 825 -3.85 -1.23 21.98
C GLU A 825 -3.95 -2.70 21.64
N PHE A 826 -4.26 -3.56 22.61
CA PHE A 826 -4.39 -4.99 22.37
C PHE A 826 -5.83 -5.49 22.50
N LEU A 827 -6.77 -4.62 22.83
CA LEU A 827 -8.16 -5.00 23.06
C LEU A 827 -9.00 -4.60 21.86
N HIS A 828 -9.56 -5.58 21.17
CA HIS A 828 -10.32 -5.36 19.95
C HIS A 828 -11.58 -6.21 19.98
N PRO A 829 -12.68 -5.74 19.40
CA PRO A 829 -13.93 -6.49 19.46
C PRO A 829 -13.92 -7.77 18.64
N GLY A 830 -14.64 -8.76 19.14
CA GLY A 830 -14.71 -10.06 18.51
C GLY A 830 -13.72 -11.06 19.04
N GLN A 831 -12.66 -10.62 19.70
CA GLN A 831 -11.65 -11.52 20.23
C GLN A 831 -12.05 -12.00 21.62
N VAL A 832 -11.51 -13.16 21.99
CA VAL A 832 -11.71 -13.74 23.31
C VAL A 832 -10.41 -13.60 24.08
N TYR A 833 -10.48 -12.94 25.23
CA TYR A 833 -9.31 -12.70 26.05
C TYR A 833 -9.40 -13.51 27.34
N ARG A 834 -8.36 -13.41 28.15
CA ARG A 834 -8.31 -14.11 29.43
C ARG A 834 -7.72 -13.17 30.47
N LEU A 835 -8.47 -12.90 31.52
CA LEU A 835 -8.05 -11.99 32.57
C LEU A 835 -7.47 -12.80 33.72
N ILE A 836 -6.19 -12.61 34.00
CA ILE A 836 -5.46 -13.40 34.98
C ILE A 836 -5.16 -12.54 36.19
N ALA A 837 -5.35 -13.11 37.38
CA ALA A 837 -5.07 -12.44 38.63
C ALA A 837 -4.21 -13.33 39.50
N PRO A 838 -3.06 -12.85 39.98
CA PRO A 838 -2.23 -13.63 40.89
C PRO A 838 -2.75 -13.54 42.31
N GLY A 839 -2.00 -14.13 43.24
CA GLY A 839 -2.33 -14.07 44.64
C GLY A 839 -3.18 -15.25 45.09
N PRO A 840 -3.70 -15.17 46.32
CA PRO A 840 -4.47 -16.29 46.86
C PRO A 840 -5.84 -16.41 46.20
N ALA A 841 -6.45 -17.57 46.40
CA ALA A 841 -7.73 -17.90 45.77
C ALA A 841 -8.86 -17.23 46.56
N THR A 842 -9.10 -15.96 46.24
CA THR A 842 -10.26 -15.27 46.77
C THR A 842 -11.52 -15.83 46.10
N PRO A 843 -12.57 -16.17 46.88
CA PRO A 843 -13.77 -16.79 46.28
C PRO A 843 -14.55 -15.89 45.34
N MET A 844 -14.92 -14.69 45.79
CA MET A 844 -15.62 -13.72 44.96
C MET A 844 -14.60 -12.68 44.55
N LEU A 845 -14.01 -12.86 43.37
CA LEU A 845 -13.01 -11.94 42.85
C LEU A 845 -13.42 -11.33 41.53
N PHE A 846 -13.85 -12.15 40.57
CA PHE A 846 -14.22 -11.68 39.24
C PHE A 846 -15.70 -11.42 39.09
N GLU A 847 -16.40 -11.16 40.19
CA GLU A 847 -17.82 -10.84 40.16
C GLU A 847 -18.07 -9.34 40.25
N LYS A 848 -17.61 -8.71 41.33
CA LYS A 848 -17.69 -7.26 41.49
C LYS A 848 -16.62 -6.83 42.48
N ASP A 849 -16.58 -5.53 42.75
CA ASP A 849 -15.62 -4.97 43.68
C ASP A 849 -15.97 -5.30 45.13
N ARG A 856 -13.28 2.13 41.58
CA ARG A 856 -13.65 3.44 41.07
C ARG A 856 -14.46 3.33 39.79
N ARG A 857 -15.57 4.08 39.72
CA ARG A 857 -16.58 4.01 38.68
C ARG A 857 -16.69 5.33 37.96
N PRO A 858 -16.76 5.33 36.62
CA PRO A 858 -16.90 6.59 35.87
C PRO A 858 -18.28 7.20 36.06
N LEU A 859 -18.39 8.46 35.63
CA LEU A 859 -19.62 9.21 35.82
C LEU A 859 -20.72 8.77 34.87
N GLU A 860 -20.36 8.25 33.70
CA GLU A 860 -21.34 7.79 32.73
C GLU A 860 -21.70 6.32 32.89
N LEU A 861 -21.36 5.72 34.03
CA LEU A 861 -21.68 4.33 34.31
C LEU A 861 -22.41 4.20 35.64
N ALA A 862 -23.16 5.23 36.04
CA ALA A 862 -23.88 5.19 37.30
C ALA A 862 -25.17 4.40 37.16
N GLY A 863 -25.45 3.57 38.16
CA GLY A 863 -26.70 2.85 38.20
C GLY A 863 -26.57 1.35 38.01
N CYS A 864 -25.73 0.93 37.06
CA CYS A 864 -25.48 -0.48 36.84
C CYS A 864 -24.44 -0.99 37.83
N ALA A 865 -24.73 -2.12 38.46
CA ALA A 865 -23.85 -2.72 39.46
C ALA A 865 -22.89 -3.73 38.86
N SER A 866 -22.66 -3.67 37.54
CA SER A 866 -21.87 -4.66 36.82
C SER A 866 -20.55 -4.07 36.31
N CYS A 867 -19.90 -3.27 37.15
CA CYS A 867 -18.56 -2.78 36.85
C CYS A 867 -17.54 -3.58 37.65
N LEU A 868 -16.29 -3.53 37.19
CA LEU A 868 -15.20 -4.24 37.84
C LEU A 868 -13.89 -3.56 37.49
N THR A 869 -13.24 -2.98 38.49
CA THR A 869 -11.99 -2.25 38.27
C THR A 869 -10.84 -3.23 38.09
N VAL A 870 -10.14 -3.11 36.97
CA VAL A 870 -8.97 -3.94 36.71
C VAL A 870 -7.82 -3.46 37.58
N GLN A 871 -7.28 -4.37 38.40
CA GLN A 871 -6.22 -4.01 39.32
C GLN A 871 -4.89 -3.88 38.59
N ASP A 872 -3.90 -3.32 39.29
CA ASP A 872 -2.63 -2.97 38.67
C ASP A 872 -1.73 -4.18 38.45
N ASN A 873 -1.92 -5.26 39.19
CA ASN A 873 -1.08 -6.44 39.05
C ASN A 873 -1.76 -7.57 38.29
N TRP A 874 -2.82 -7.26 37.56
CA TRP A 874 -3.49 -8.26 36.75
C TRP A 874 -2.88 -8.29 35.35
N THR A 875 -3.24 -9.31 34.58
CA THR A 875 -2.59 -9.56 33.30
C THR A 875 -3.61 -10.10 32.32
N LEU A 876 -3.69 -9.47 31.16
CA LEU A 876 -4.52 -9.95 30.06
C LEU A 876 -3.70 -10.79 29.12
N GLU A 877 -4.32 -11.82 28.55
CA GLU A 877 -3.69 -12.60 27.50
C GLU A 877 -4.76 -13.06 26.53
N LEU A 878 -4.35 -13.33 25.29
CA LEU A 878 -5.27 -13.66 24.22
C LEU A 878 -5.45 -15.17 24.18
N GLU A 879 -6.64 -15.65 24.53
CA GLU A 879 -6.92 -17.08 24.53
C GLU A 879 -7.24 -17.51 23.10
N SER A 880 -6.28 -18.15 22.45
CA SER A 880 -6.48 -18.69 21.11
C SER A 880 -5.54 -19.85 20.86
N LEU A 894 -15.60 -9.96 11.12
CA LEU A 894 -16.10 -8.68 10.60
C LEU A 894 -16.80 -7.88 11.69
N PRO A 895 -16.51 -6.56 11.75
CA PRO A 895 -17.10 -5.74 12.81
C PRO A 895 -18.49 -5.25 12.45
N GLU A 896 -19.08 -4.42 13.32
CA GLU A 896 -20.42 -3.90 13.10
C GLU A 896 -20.42 -2.91 11.95
N SER A 897 -21.59 -2.73 11.35
CA SER A 897 -21.73 -1.84 10.21
C SER A 897 -23.18 -1.39 10.10
N SER A 898 -23.40 -0.08 10.18
CA SER A 898 -24.72 0.46 9.95
C SER A 898 -25.05 0.42 8.46
N LEU A 899 -26.33 0.22 8.17
CA LEU A 899 -26.80 0.14 6.80
C LEU A 899 -26.81 1.52 6.16
N THR A 900 -27.07 1.57 4.86
CA THR A 900 -27.04 2.82 4.11
C THR A 900 -28.26 3.70 4.36
N ASP A 901 -29.16 3.30 5.25
CA ASP A 901 -30.22 4.16 5.77
C ASP A 901 -29.79 4.91 7.03
N LEU A 902 -28.49 5.20 7.15
CA LEU A 902 -28.02 6.24 8.06
C LEU A 902 -28.13 7.61 7.40
N LEU A 903 -28.64 7.67 6.18
CA LEU A 903 -28.96 8.91 5.48
C LEU A 903 -30.43 9.26 5.63
N SER A 904 -30.99 9.03 6.80
CA SER A 904 -32.37 9.39 7.12
C SER A 904 -32.38 10.63 8.00
N ASP A 905 -33.57 11.23 8.13
CA ASP A 905 -33.73 12.51 8.81
C ASP A 905 -34.37 12.33 10.19
N ASN A 906 -35.41 11.50 10.29
CA ASN A 906 -36.08 11.29 11.57
C ASN A 906 -35.42 10.10 12.27
N PHE A 907 -34.34 10.39 12.98
CA PHE A 907 -33.57 9.38 13.68
C PHE A 907 -33.57 9.64 15.18
N THR A 908 -33.53 8.55 15.94
CA THR A 908 -33.48 8.63 17.40
C THR A 908 -32.44 7.66 17.95
N ASP A 909 -31.34 7.49 17.22
CA ASP A 909 -30.27 6.59 17.65
C ASP A 909 -28.94 7.30 17.87
N SER A 910 -28.52 8.13 16.92
CA SER A 910 -27.32 8.97 16.98
C SER A 910 -26.02 8.19 17.16
N LEU A 911 -25.97 6.93 16.75
CA LEU A 911 -24.76 6.12 16.84
C LEU A 911 -24.63 5.30 15.58
N VAL A 912 -23.66 5.63 14.73
CA VAL A 912 -23.46 4.97 13.46
C VAL A 912 -22.07 4.33 13.43
N SER A 913 -21.92 3.32 12.58
CA SER A 913 -20.68 2.58 12.48
C SER A 913 -20.49 2.13 11.03
N PHE A 914 -19.34 2.40 10.45
CA PHE A 914 -19.11 2.07 9.05
C PHE A 914 -17.62 1.93 8.79
N SER A 915 -17.29 1.28 7.68
CA SER A 915 -15.94 1.24 7.15
C SER A 915 -15.84 2.20 5.97
N ALA A 916 -14.73 2.90 5.86
CA ALA A 916 -14.63 4.00 4.91
C ALA A 916 -13.23 4.01 4.31
N GLU A 917 -12.91 5.09 3.61
CA GLU A 917 -11.62 5.28 2.97
C GLU A 917 -11.34 6.76 2.89
N ILE A 918 -10.26 7.21 3.51
CA ILE A 918 -10.02 8.64 3.74
C ILE A 918 -9.56 9.29 2.44
N LEU A 919 -10.20 10.40 2.07
CA LEU A 919 -9.89 11.15 0.87
C LEU A 919 -9.03 12.38 1.14
N SER A 920 -9.35 13.14 2.18
CA SER A 920 -8.60 14.35 2.47
C SER A 920 -8.65 14.60 3.98
N ARG A 921 -7.76 15.47 4.43
CA ARG A 921 -7.67 15.84 5.84
C ARG A 921 -7.27 17.31 5.92
N THR A 922 -7.96 18.07 6.78
CA THR A 922 -7.81 19.51 6.83
C THR A 922 -7.83 19.98 8.28
N LEU A 923 -6.95 20.93 8.60
CA LEU A 923 -6.92 21.56 9.92
C LEU A 923 -7.83 22.79 9.90
N CYS A 924 -9.07 22.62 10.33
CA CYS A 924 -9.97 23.76 10.49
C CYS A 924 -9.68 24.51 11.78
N CYS A 944 -9.72 21.78 15.51
CA CYS A 944 -10.61 20.86 14.82
C CYS A 944 -9.93 20.25 13.60
N VAL A 945 -10.22 18.98 13.35
CA VAL A 945 -9.68 18.25 12.20
C VAL A 945 -10.85 17.66 11.43
N LYS A 946 -10.91 17.93 10.14
CA LYS A 946 -12.00 17.47 9.29
C LYS A 946 -11.49 16.40 8.33
N LEU A 947 -12.15 15.25 8.34
CA LEU A 947 -11.84 14.15 7.44
C LEU A 947 -12.99 13.96 6.46
N THR A 948 -12.67 13.77 5.19
CA THR A 948 -13.64 13.44 4.17
C THR A 948 -13.43 11.99 3.77
N VAL A 949 -14.44 11.16 3.93
CA VAL A 949 -14.32 9.72 3.77
C VAL A 949 -15.31 9.25 2.72
N ALA A 950 -14.91 8.27 1.92
CA ALA A 950 -15.81 7.59 1.01
C ALA A 950 -16.20 6.26 1.62
N LEU A 951 -17.50 6.02 1.71
CA LEU A 951 -18.00 4.82 2.38
C LEU A 951 -17.67 3.58 1.57
N GLU A 952 -17.62 2.44 2.27
CA GLU A 952 -17.33 1.15 1.66
C GLU A 952 -18.52 0.25 1.93
N THR A 953 -19.51 0.30 1.06
CA THR A 953 -20.76 -0.41 1.23
C THR A 953 -20.99 -1.30 0.02
N ALA A 954 -21.22 -2.59 0.28
CA ALA A 954 -21.38 -3.57 -0.79
C ALA A 954 -22.78 -3.54 -1.40
N GLU A 955 -23.73 -2.87 -0.79
CA GLU A 955 -25.11 -2.85 -1.26
C GLU A 955 -25.52 -1.55 -1.94
N CYS A 956 -24.67 -0.52 -1.94
CA CYS A 956 -25.16 0.81 -2.29
C CYS A 956 -24.83 1.22 -3.72
N GLU A 957 -23.66 0.82 -4.26
CA GLU A 957 -23.29 1.03 -5.67
C GLU A 957 -23.23 2.50 -6.07
N PHE A 958 -22.06 3.15 -5.86
CA PHE A 958 -21.69 4.56 -5.69
C PHE A 958 -22.13 5.09 -4.32
N PRO A 959 -21.44 4.70 -3.25
CA PRO A 959 -21.79 5.16 -1.91
C PRO A 959 -21.35 6.61 -1.70
N PRO A 960 -22.00 7.33 -0.79
CA PRO A 960 -21.76 8.77 -0.66
C PRO A 960 -20.44 9.08 0.03
N HIS A 961 -20.20 10.39 0.19
CA HIS A 961 -19.03 10.92 0.87
C HIS A 961 -19.50 11.69 2.10
N LEU A 962 -18.93 11.39 3.25
CA LEU A 962 -19.27 12.05 4.50
C LEU A 962 -18.13 12.93 4.97
N ASP A 963 -18.42 13.73 6.00
CA ASP A 963 -17.43 14.52 6.70
C ASP A 963 -17.39 14.08 8.16
N VAL A 964 -16.19 13.84 8.67
CA VAL A 964 -15.98 13.47 10.06
C VAL A 964 -15.16 14.56 10.73
N TYR A 965 -15.65 15.05 11.88
CA TYR A 965 -15.01 16.14 12.59
C TYR A 965 -14.49 15.63 13.93
N ILE A 966 -13.20 15.84 14.18
CA ILE A 966 -12.56 15.52 15.44
C ILE A 966 -12.22 16.83 16.15
N GLU A 967 -12.49 16.90 17.44
CA GLU A 967 -12.38 18.16 18.17
C GLU A 967 -11.56 17.96 19.44
N ASP A 968 -11.60 18.97 20.31
CA ASP A 968 -10.55 19.21 21.29
C ASP A 968 -10.25 18.09 22.30
N PRO A 969 -11.23 17.39 22.92
CA PRO A 969 -10.82 16.30 23.83
C PRO A 969 -10.25 15.09 23.10
N HIS A 970 -10.48 14.97 21.79
CA HIS A 970 -10.05 13.84 21.00
C HIS A 970 -8.99 14.24 19.99
N LEU A 971 -8.36 15.39 20.18
CA LEU A 971 -7.78 16.15 19.08
C LEU A 971 -6.47 15.60 18.50
N PRO A 972 -5.50 15.08 19.26
CA PRO A 972 -4.45 14.30 18.61
C PRO A 972 -4.99 12.94 18.23
N PRO A 973 -5.24 12.70 16.95
CA PRO A 973 -6.01 11.52 16.56
C PRO A 973 -5.17 10.26 16.51
N SER A 974 -5.74 9.18 16.00
CA SER A 974 -5.00 7.94 15.82
C SER A 974 -3.93 8.10 14.75
N LEU A 975 -3.07 7.08 14.65
CA LEU A 975 -1.84 7.26 13.88
C LEU A 975 -2.09 7.18 12.37
N GLY A 976 -2.78 6.15 11.92
CA GLY A 976 -2.87 5.94 10.49
C GLY A 976 -4.02 6.62 9.79
N LEU A 977 -4.40 7.81 10.23
CA LEU A 977 -5.53 8.54 9.65
C LEU A 977 -5.04 9.44 8.51
N LEU A 978 -4.45 8.81 7.50
CA LEU A 978 -3.86 9.47 6.36
C LEU A 978 -4.76 9.33 5.14
N PRO A 979 -4.69 10.26 4.19
CA PRO A 979 -5.46 10.12 2.94
C PRO A 979 -5.01 8.93 2.11
N GLY A 980 -5.88 7.93 1.99
CA GLY A 980 -5.57 6.72 1.25
C GLY A 980 -5.82 5.48 2.07
N ALA A 981 -5.80 5.61 3.40
CA ALA A 981 -5.95 4.48 4.28
C ALA A 981 -7.42 4.10 4.46
N ARG A 982 -7.68 2.81 4.52
CA ARG A 982 -9.00 2.29 4.86
C ARG A 982 -9.10 2.15 6.37
N VAL A 983 -10.11 2.79 6.95
CA VAL A 983 -10.24 2.91 8.40
C VAL A 983 -11.67 2.53 8.77
N HIS A 984 -11.82 1.67 9.78
CA HIS A 984 -13.14 1.35 10.31
C HIS A 984 -13.49 2.25 11.48
N PHE A 985 -14.65 2.89 11.40
CA PHE A 985 -15.17 3.74 12.47
C PHE A 985 -16.37 3.04 13.10
N SER A 986 -16.27 2.74 14.38
CA SER A 986 -17.45 2.37 15.16
C SER A 986 -18.01 3.65 15.78
N GLN A 987 -18.85 3.53 16.82
CA GLN A 987 -19.92 4.45 17.19
C GLN A 987 -19.56 5.94 17.20
N LEU A 988 -20.17 6.68 16.28
CA LEU A 988 -19.94 8.10 16.07
C LEU A 988 -21.23 8.86 16.38
N GLU A 989 -21.11 10.17 16.51
CA GLU A 989 -22.28 11.02 16.71
C GLU A 989 -22.78 11.46 15.34
N LYS A 990 -23.89 10.89 14.90
CA LYS A 990 -24.50 11.30 13.64
C LYS A 990 -25.32 12.56 13.86
N ARG A 991 -25.02 13.62 13.11
CA ARG A 991 -25.77 14.86 13.18
C ARG A 991 -26.36 15.19 11.83
N VAL A 992 -27.32 16.11 11.83
CA VAL A 992 -27.90 16.66 10.61
C VAL A 992 -27.82 18.18 10.72
N SER A 993 -27.14 18.81 9.77
CA SER A 993 -26.86 20.23 9.87
C SER A 993 -28.09 21.05 9.49
N ARG A 994 -27.92 22.38 9.52
CA ARG A 994 -29.01 23.29 9.19
C ARG A 994 -29.38 23.26 7.72
N SER A 995 -28.45 22.87 6.85
CA SER A 995 -28.71 22.69 5.43
C SER A 995 -28.95 21.24 5.07
N HIS A 996 -29.39 20.43 6.04
CA HIS A 996 -29.84 19.05 5.86
C HIS A 996 -28.74 18.11 5.36
N ASN A 997 -27.51 18.34 5.78
CA ASN A 997 -26.39 17.45 5.48
C ASN A 997 -26.08 16.58 6.68
N VAL A 998 -25.73 15.32 6.42
CA VAL A 998 -25.38 14.37 7.47
C VAL A 998 -23.87 14.37 7.64
N TYR A 999 -23.40 14.62 8.85
CA TYR A 999 -21.99 14.55 9.19
C TYR A 999 -21.83 13.85 10.52
N CYS A 1000 -20.63 13.33 10.76
CA CYS A 1000 -20.34 12.57 11.97
C CYS A 1000 -19.29 13.29 12.81
N CYS A 1001 -19.33 13.04 14.11
CA CYS A 1001 -18.40 13.63 15.07
C CYS A 1001 -17.89 12.54 16.00
N PHE A 1002 -16.75 12.82 16.62
CA PHE A 1002 -16.16 11.88 17.58
C PHE A 1002 -16.78 12.09 18.95
N ARG A 1003 -17.35 11.02 19.50
CA ARG A 1003 -17.74 10.99 20.89
C ARG A 1003 -16.63 10.32 21.70
N SER A 1004 -16.92 10.04 22.96
CA SER A 1004 -16.02 9.30 23.83
C SER A 1004 -16.23 7.79 23.74
N SER A 1005 -16.76 7.31 22.62
CA SER A 1005 -17.06 5.89 22.45
C SER A 1005 -16.73 5.43 21.04
N THR A 1006 -15.70 6.00 20.41
CA THR A 1006 -15.62 5.93 18.95
C THR A 1006 -14.94 4.65 18.47
N TYR A 1007 -13.75 4.32 18.99
CA TYR A 1007 -12.94 3.17 18.56
C TYR A 1007 -12.60 3.20 17.07
N VAL A 1008 -11.65 4.05 16.71
CA VAL A 1008 -11.03 4.00 15.38
C VAL A 1008 -10.14 2.77 15.28
N GLN A 1009 -10.26 2.02 14.19
CA GLN A 1009 -9.35 0.92 13.88
C GLN A 1009 -8.94 0.99 12.43
N VAL A 1010 -7.63 1.12 12.18
CA VAL A 1010 -7.11 1.23 10.83
C VAL A 1010 -7.05 -0.17 10.20
N LEU A 1011 -7.60 -0.28 8.99
CA LEU A 1011 -7.64 -1.58 8.31
C LEU A 1011 -6.46 -1.79 7.38
N SER A 1012 -6.00 -0.76 6.69
CA SER A 1012 -4.83 -0.88 5.82
C SER A 1012 -4.14 0.46 5.70
N PHE A 1013 -2.93 0.42 5.20
CA PHE A 1013 -2.07 1.57 4.98
C PHE A 1013 -2.31 2.15 3.60
N PRO A 1014 -2.01 3.42 3.38
CA PRO A 1014 -2.16 4.01 2.05
C PRO A 1014 -1.15 3.39 1.08
N PRO A 1015 -1.54 3.19 -0.18
CA PRO A 1015 -0.66 2.51 -1.13
C PRO A 1015 0.48 3.41 -1.59
N GLU A 1016 1.44 2.78 -2.27
CA GLU A 1016 2.63 3.50 -2.70
C GLU A 1016 2.35 4.37 -3.92
N THR A 1017 1.66 3.82 -4.91
CA THR A 1017 1.34 4.53 -6.13
C THR A 1017 -0.16 4.74 -6.22
N THR A 1018 -0.56 5.98 -6.49
CA THR A 1018 -1.96 6.35 -6.62
C THR A 1018 -2.40 6.23 -8.07
N ILE A 1019 -3.49 5.51 -8.31
CA ILE A 1019 -3.99 5.28 -9.65
C ILE A 1019 -5.12 6.25 -9.94
N SER A 1020 -5.51 6.35 -11.22
CA SER A 1020 -6.42 7.40 -11.64
C SER A 1020 -7.87 7.04 -11.38
N ILE A 1021 -8.32 5.88 -11.90
CA ILE A 1021 -9.69 5.35 -11.96
C ILE A 1021 -10.68 6.45 -12.36
N PRO A 1022 -10.73 6.80 -13.64
CA PRO A 1022 -11.45 8.01 -14.06
C PRO A 1022 -12.97 7.85 -13.98
N LEU A 1023 -13.65 8.98 -14.20
CA LEU A 1023 -15.08 9.06 -14.03
C LEU A 1023 -15.79 8.34 -15.18
N PRO A 1024 -17.01 7.81 -14.94
CA PRO A 1024 -17.77 7.16 -16.02
C PRO A 1024 -18.29 8.14 -17.06
N HIS A 1025 -19.02 7.63 -18.06
CA HIS A 1025 -19.42 8.43 -19.21
C HIS A 1025 -20.92 8.40 -19.40
N ILE A 1026 -21.65 8.78 -18.36
CA ILE A 1026 -23.11 8.66 -18.30
C ILE A 1026 -23.81 9.51 -19.37
N TYR A 1027 -25.06 9.17 -19.67
CA TYR A 1027 -25.98 10.07 -20.33
C TYR A 1027 -26.60 11.01 -19.30
N LEU A 1028 -27.00 12.21 -19.74
CA LEU A 1028 -27.53 13.19 -18.81
C LEU A 1028 -28.92 12.82 -18.30
N ALA A 1029 -29.65 11.96 -18.99
CA ALA A 1029 -30.97 11.58 -18.52
C ALA A 1029 -30.92 10.55 -17.41
N GLU A 1030 -29.80 9.86 -17.24
CA GLU A 1030 -29.70 8.81 -16.23
C GLU A 1030 -29.63 9.38 -14.81
N LEU A 1031 -29.27 10.65 -14.67
CA LEU A 1031 -29.34 11.30 -13.36
C LEU A 1031 -30.77 11.59 -12.93
N LEU A 1032 -31.71 11.58 -13.87
CA LEU A 1032 -33.12 11.87 -13.59
C LEU A 1032 -33.93 10.58 -13.43
N GLN A 1033 -33.90 9.71 -14.42
CA GLN A 1033 -34.73 8.52 -14.41
C GLN A 1033 -34.07 7.41 -13.59
N GLY A 1034 -34.86 6.80 -12.72
CA GLY A 1034 -34.41 5.67 -11.94
C GLY A 1034 -33.48 6.05 -10.81
N GLY A 1035 -33.06 5.03 -10.06
CA GLY A 1035 -32.10 5.18 -8.99
C GLY A 1035 -30.74 4.61 -9.36
N GLN A 1036 -29.87 4.56 -8.34
CA GLN A 1036 -28.50 4.05 -8.44
C GLN A 1036 -27.69 4.80 -9.50
N SER A 1037 -27.50 6.08 -9.26
CA SER A 1037 -26.82 6.96 -10.20
C SER A 1037 -25.54 7.53 -9.59
N PRO A 1038 -24.51 7.78 -10.41
CA PRO A 1038 -23.32 8.45 -9.90
C PRO A 1038 -23.60 9.91 -9.59
N PHE A 1039 -22.67 10.51 -8.85
CA PHE A 1039 -22.66 11.95 -8.65
C PHE A 1039 -21.38 12.59 -9.17
N GLN A 1040 -20.62 11.86 -9.99
CA GLN A 1040 -19.42 12.35 -10.65
C GLN A 1040 -19.25 11.59 -11.95
N ALA A 1041 -19.40 12.26 -13.09
CA ALA A 1041 -19.32 11.59 -14.38
C ALA A 1041 -18.83 12.57 -15.43
N THR A 1042 -19.00 12.23 -16.71
CA THR A 1042 -18.42 13.02 -17.80
C THR A 1042 -19.48 13.68 -18.69
N ALA A 1043 -20.34 12.91 -19.38
CA ALA A 1043 -21.52 13.40 -20.11
C ALA A 1043 -21.18 14.48 -21.14
N SER A 1044 -20.55 14.06 -22.24
CA SER A 1044 -20.32 14.90 -23.41
C SER A 1044 -21.60 15.56 -23.92
N CYS A 1045 -21.60 16.90 -23.96
CA CYS A 1045 -22.82 17.67 -24.15
C CYS A 1045 -22.53 18.86 -25.07
N HIS A 1046 -23.46 19.83 -25.08
CA HIS A 1046 -23.46 20.94 -26.01
C HIS A 1046 -24.07 22.14 -25.32
N ILE A 1047 -23.40 23.29 -25.37
CA ILE A 1047 -23.85 24.49 -24.68
C ILE A 1047 -24.98 25.15 -25.47
N VAL A 1048 -26.03 25.56 -24.77
CA VAL A 1048 -27.16 26.23 -25.40
C VAL A 1048 -27.05 27.73 -25.21
N SER A 1049 -26.94 28.18 -23.97
CA SER A 1049 -26.93 29.61 -23.68
C SER A 1049 -26.11 29.88 -22.43
N VAL A 1050 -26.00 31.15 -22.08
CA VAL A 1050 -25.27 31.62 -20.92
C VAL A 1050 -26.21 32.46 -20.08
N PHE A 1051 -26.34 32.14 -18.80
CA PHE A 1051 -27.28 32.85 -17.93
C PHE A 1051 -26.67 34.12 -17.34
N SER A 1052 -25.46 34.04 -16.81
CA SER A 1052 -24.84 35.18 -16.15
C SER A 1052 -23.33 35.04 -16.21
N LEU A 1053 -22.63 36.15 -15.97
CA LEU A 1053 -21.18 36.17 -16.01
C LEU A 1053 -20.68 37.32 -15.16
N GLN A 1054 -19.94 37.01 -14.09
CA GLN A 1054 -19.36 38.01 -13.20
C GLN A 1054 -17.85 37.88 -13.20
N LEU A 1055 -17.15 39.02 -13.17
CA LEU A 1055 -15.69 39.05 -13.35
C LEU A 1055 -15.02 39.98 -12.35
N PHE A 1056 -15.35 39.87 -11.07
CA PHE A 1056 -14.91 40.88 -10.12
C PHE A 1056 -13.50 40.62 -9.59
N TRP A 1057 -12.95 41.62 -8.89
CA TRP A 1057 -11.70 41.54 -8.16
C TRP A 1057 -11.98 41.76 -6.68
N VAL A 1058 -11.26 41.05 -5.82
CA VAL A 1058 -11.45 41.12 -4.38
C VAL A 1058 -10.12 41.40 -3.70
N CYS A 1059 -10.14 41.43 -2.36
CA CYS A 1059 -9.05 42.01 -1.58
C CYS A 1059 -7.99 41.00 -1.16
N ALA A 1060 -8.36 39.72 -1.05
CA ALA A 1060 -7.52 38.61 -0.57
C ALA A 1060 -7.08 38.80 0.88
N TYR A 1061 -7.73 39.66 1.64
CA TYR A 1061 -7.76 39.58 3.10
C TYR A 1061 -9.18 39.42 3.61
N CYS A 1062 -10.08 40.31 3.20
CA CYS A 1062 -11.51 40.04 3.17
C CYS A 1062 -11.93 39.84 1.73
N THR A 1063 -13.18 39.44 1.55
CA THR A 1063 -13.73 39.26 0.21
C THR A 1063 -14.53 40.49 -0.21
N SER A 1064 -13.82 41.62 -0.31
CA SER A 1064 -14.43 42.90 -0.62
C SER A 1064 -13.83 43.46 -1.90
N ILE A 1065 -14.66 44.15 -2.67
CA ILE A 1065 -14.32 44.56 -4.03
C ILE A 1065 -13.23 45.62 -4.00
N CYS A 1066 -12.27 45.51 -4.92
CA CYS A 1066 -11.14 46.43 -5.03
C CYS A 1066 -11.19 47.14 -6.39
N ARG A 1067 -11.66 48.38 -6.38
CA ARG A 1067 -11.55 49.24 -7.56
C ARG A 1067 -10.13 49.78 -7.61
N GLN A 1068 -9.39 49.41 -8.66
CA GLN A 1068 -7.97 49.73 -8.87
C GLN A 1068 -7.08 49.19 -7.74
N GLY A 1069 -7.53 48.14 -7.06
CA GLY A 1069 -6.79 47.56 -5.95
C GLY A 1069 -6.70 48.49 -4.75
N LYS A 1070 -7.82 48.77 -4.10
CA LYS A 1070 -7.82 49.78 -3.04
C LYS A 1070 -8.63 49.44 -1.80
N CYS A 1071 -9.23 48.25 -1.71
CA CYS A 1071 -9.93 47.75 -0.52
C CYS A 1071 -11.08 48.67 -0.09
N THR A 1072 -12.15 48.63 -0.89
CA THR A 1072 -13.29 49.52 -0.72
C THR A 1072 -14.33 48.99 0.26
N ARG A 1073 -13.91 48.21 1.27
CA ARG A 1073 -14.83 47.61 2.23
C ARG A 1073 -15.58 48.64 3.07
N LEU A 1074 -14.88 49.32 3.97
CA LEU A 1074 -15.45 50.45 4.70
C LEU A 1074 -14.48 51.59 4.94
N GLY A 1075 -13.19 51.38 4.75
CA GLY A 1075 -12.17 52.26 5.26
C GLY A 1075 -11.34 51.68 6.38
N SER A 1076 -11.39 50.37 6.58
CA SER A 1076 -10.61 49.71 7.61
C SER A 1076 -9.19 49.44 7.13
N THR A 1077 -8.35 48.94 8.03
CA THR A 1077 -6.95 48.73 7.74
C THR A 1077 -6.69 47.32 7.20
N CYS A 1078 -5.74 47.25 6.27
CA CYS A 1078 -5.28 46.00 5.67
C CYS A 1078 -3.78 46.13 5.43
N PRO A 1079 -3.00 45.06 5.65
CA PRO A 1079 -1.54 45.21 5.69
C PRO A 1079 -0.89 45.39 4.32
N THR A 1080 -1.45 44.79 3.28
CA THR A 1080 -0.77 44.74 1.99
C THR A 1080 -1.80 45.02 0.90
N GLN A 1081 -1.41 45.85 -0.09
CA GLN A 1081 -2.28 46.17 -1.21
C GLN A 1081 -2.14 45.09 -2.28
N THR A 1082 -2.81 43.96 -2.02
CA THR A 1082 -2.91 42.87 -2.98
C THR A 1082 -4.37 42.65 -3.36
N ALA A 1083 -4.57 41.99 -4.51
CA ALA A 1083 -5.90 41.75 -5.03
C ALA A 1083 -5.87 40.53 -5.94
N ILE A 1084 -6.91 39.70 -5.85
CA ILE A 1084 -7.05 38.52 -6.68
C ILE A 1084 -8.33 38.64 -7.49
N SER A 1085 -8.37 37.89 -8.59
CA SER A 1085 -9.51 37.89 -9.49
C SER A 1085 -10.42 36.69 -9.21
N GLN A 1086 -11.72 36.89 -9.45
CA GLN A 1086 -12.69 35.82 -9.37
C GLN A 1086 -13.55 35.84 -10.62
N ALA A 1087 -14.25 34.73 -10.86
CA ALA A 1087 -15.04 34.57 -12.08
C ALA A 1087 -16.10 33.50 -11.87
N ILE A 1088 -17.37 33.84 -12.14
CA ILE A 1088 -18.48 32.91 -12.07
C ILE A 1088 -19.25 32.99 -13.37
N ILE A 1089 -19.57 31.84 -13.98
CA ILE A 1089 -20.45 31.79 -15.14
C ILE A 1089 -21.45 30.67 -14.92
N ARG A 1090 -22.62 30.79 -15.54
CA ARG A 1090 -23.67 29.79 -15.47
C ARG A 1090 -24.17 29.49 -16.86
N LEU A 1091 -24.24 28.20 -17.21
CA LEU A 1091 -24.51 27.76 -18.57
C LEU A 1091 -25.76 26.88 -18.59
N LEU A 1092 -26.11 26.42 -19.80
CA LEU A 1092 -27.29 25.61 -20.03
C LEU A 1092 -26.93 24.46 -20.98
N VAL A 1093 -25.92 23.66 -20.62
CA VAL A 1093 -25.54 22.53 -21.47
C VAL A 1093 -26.64 21.48 -21.51
N GLU A 1094 -26.60 20.65 -22.54
CA GLU A 1094 -27.62 19.63 -22.73
C GLU A 1094 -27.07 18.54 -23.63
N ASP A 1095 -27.47 17.30 -23.35
CA ASP A 1095 -27.05 16.12 -24.10
C ASP A 1095 -28.05 15.89 -25.23
N GLY A 1096 -28.04 14.72 -25.83
CA GLY A 1096 -29.20 14.45 -26.66
C GLY A 1096 -30.44 14.02 -25.91
N THR A 1097 -30.33 13.88 -24.59
CA THR A 1097 -31.31 13.20 -23.78
C THR A 1097 -31.96 14.06 -22.71
N ALA A 1098 -31.25 15.03 -22.13
CA ALA A 1098 -31.78 15.90 -21.10
C ALA A 1098 -30.98 17.19 -21.10
N GLU A 1099 -31.34 18.09 -20.18
CA GLU A 1099 -30.66 19.37 -20.04
C GLU A 1099 -30.29 19.59 -18.58
N ALA A 1100 -29.39 20.54 -18.35
CA ALA A 1100 -28.86 20.79 -17.01
C ALA A 1100 -28.37 22.22 -16.92
N VAL A 1101 -27.95 22.61 -15.73
CA VAL A 1101 -27.38 23.94 -15.46
C VAL A 1101 -26.03 23.73 -14.79
N VAL A 1102 -24.98 24.28 -15.38
CA VAL A 1102 -23.61 24.08 -14.91
C VAL A 1102 -23.04 25.41 -14.45
N THR A 1103 -22.57 25.44 -13.21
CA THR A 1103 -21.87 26.60 -12.66
C THR A 1103 -20.38 26.35 -12.75
N CYS A 1104 -19.68 27.20 -13.47
CA CYS A 1104 -18.23 27.10 -13.60
C CYS A 1104 -17.59 28.20 -12.75
N ARG A 1105 -16.65 27.82 -11.90
CA ARG A 1105 -15.98 28.78 -11.05
C ARG A 1105 -14.76 29.33 -11.76
N ASN A 1106 -13.93 30.04 -11.02
CA ASN A 1106 -12.82 30.80 -11.59
C ASN A 1106 -11.69 29.89 -12.06
N HIS A 1107 -11.12 30.26 -13.22
CA HIS A 1107 -10.16 29.58 -14.10
C HIS A 1107 -10.80 28.43 -14.87
N HIS A 1108 -12.05 28.09 -14.54
CA HIS A 1108 -12.88 27.28 -15.40
C HIS A 1108 -13.78 28.10 -16.28
N VAL A 1109 -13.89 29.41 -16.02
CA VAL A 1109 -14.60 30.30 -16.92
C VAL A 1109 -13.81 30.51 -18.21
N ALA A 1110 -12.50 30.66 -18.09
CA ALA A 1110 -11.63 30.42 -19.24
C ALA A 1110 -11.69 28.95 -19.58
N ALA A 1111 -11.64 28.65 -20.89
CA ALA A 1111 -11.85 27.36 -21.56
C ALA A 1111 -13.31 26.91 -21.54
N ALA A 1112 -14.18 27.63 -20.83
CA ALA A 1112 -15.61 27.57 -21.10
C ALA A 1112 -16.02 28.60 -22.14
N LEU A 1113 -15.37 29.75 -22.13
CA LEU A 1113 -15.48 30.72 -23.20
C LEU A 1113 -14.51 30.44 -24.34
N GLY A 1114 -13.55 29.55 -24.15
CA GLY A 1114 -12.63 29.21 -25.21
C GLY A 1114 -11.49 30.19 -25.37
N LEU A 1115 -11.07 30.84 -24.30
CA LEU A 1115 -10.06 31.89 -24.36
C LEU A 1115 -8.69 31.32 -24.05
N CYS A 1116 -7.70 31.78 -24.81
CA CYS A 1116 -6.30 31.49 -24.51
C CYS A 1116 -5.91 32.15 -23.19
N PRO A 1117 -4.97 31.57 -22.44
CA PRO A 1117 -4.53 32.21 -21.19
C PRO A 1117 -3.81 33.53 -21.39
N ARG A 1118 -3.31 33.82 -22.58
CA ARG A 1118 -2.76 35.15 -22.84
C ARG A 1118 -3.85 36.19 -22.98
N GLU A 1119 -5.00 35.82 -23.54
CA GLU A 1119 -6.09 36.75 -23.73
C GLU A 1119 -7.16 36.66 -22.65
N TRP A 1120 -7.12 35.62 -21.82
CA TRP A 1120 -7.92 35.63 -20.59
C TRP A 1120 -7.32 36.57 -19.56
N ALA A 1121 -6.00 36.71 -19.55
CA ALA A 1121 -5.35 37.61 -18.61
C ALA A 1121 -5.47 39.06 -19.04
N SER A 1122 -5.43 39.33 -20.35
CA SER A 1122 -5.61 40.68 -20.84
C SER A 1122 -7.06 41.13 -20.76
N LEU A 1123 -8.00 40.19 -20.71
CA LEU A 1123 -9.39 40.54 -20.45
C LEU A 1123 -9.62 40.86 -18.98
N LEU A 1124 -8.80 40.29 -18.10
CA LEU A 1124 -9.03 40.32 -16.66
C LEU A 1124 -8.33 41.47 -15.97
N ASP A 1125 -7.54 42.27 -16.68
CA ASP A 1125 -7.02 43.51 -16.14
C ASP A 1125 -7.67 44.74 -16.77
N PHE A 1126 -8.53 44.54 -17.77
CA PHE A 1126 -9.44 45.60 -18.18
C PHE A 1126 -10.57 45.79 -17.19
N VAL A 1127 -10.87 44.74 -16.40
CA VAL A 1127 -11.90 44.81 -15.38
C VAL A 1127 -11.31 45.27 -14.04
N GLN A 1128 -10.03 45.61 -14.01
CA GLN A 1128 -9.42 46.00 -12.75
C GLN A 1128 -9.78 47.45 -12.41
N VAL A 1129 -10.08 48.27 -13.40
CA VAL A 1129 -10.49 49.65 -13.11
C VAL A 1129 -11.96 49.68 -12.70
N PRO A 1130 -12.97 49.16 -13.50
CA PRO A 1130 -14.27 48.93 -12.87
C PRO A 1130 -14.38 47.52 -12.31
N GLY A 1131 -14.35 47.36 -10.99
CA GLY A 1131 -14.15 46.01 -10.50
C GLY A 1131 -15.37 45.12 -10.39
N ARG A 1132 -16.48 45.43 -11.08
CA ARG A 1132 -17.71 44.68 -10.93
C ARG A 1132 -18.46 44.54 -12.27
N VAL A 1133 -17.78 44.06 -13.30
CA VAL A 1133 -18.49 43.77 -14.55
C VAL A 1133 -19.37 42.54 -14.35
N VAL A 1134 -20.69 42.71 -14.54
CA VAL A 1134 -21.69 41.68 -14.32
C VAL A 1134 -22.69 41.72 -15.47
N LEU A 1135 -22.91 40.59 -16.14
CA LEU A 1135 -23.85 40.50 -17.23
C LEU A 1135 -24.97 39.51 -16.89
N GLN A 1136 -26.17 39.81 -17.38
CA GLN A 1136 -27.41 39.16 -16.94
C GLN A 1136 -28.29 38.82 -18.15
N PHE A 1137 -27.72 38.07 -19.10
CA PHE A 1137 -28.42 37.61 -20.33
C PHE A 1137 -29.80 36.98 -20.11
N ASP A 1151 -18.01 50.79 -20.81
CA ASP A 1151 -19.31 50.25 -21.16
C ASP A 1151 -19.46 50.11 -22.67
N GLU A 1152 -18.67 50.87 -23.42
CA GLU A 1152 -18.61 50.65 -24.85
C GLU A 1152 -17.65 49.51 -25.24
N PRO A 1153 -16.33 49.48 -24.83
CA PRO A 1153 -15.48 48.38 -25.30
C PRO A 1153 -15.80 47.05 -24.62
N MET A 1154 -15.93 47.06 -23.30
CA MET A 1154 -16.54 45.94 -22.60
C MET A 1154 -18.06 46.09 -22.71
N THR A 1155 -18.77 44.99 -22.37
CA THR A 1155 -20.22 44.78 -22.36
C THR A 1155 -20.77 44.66 -23.79
N MET A 1156 -19.94 44.99 -24.79
CA MET A 1156 -20.20 44.74 -26.18
C MET A 1156 -19.26 43.69 -26.75
N PHE A 1157 -18.11 43.48 -26.12
CA PHE A 1157 -17.27 42.34 -26.44
C PHE A 1157 -17.77 41.08 -25.78
N LEU A 1158 -18.26 41.20 -24.54
CA LEU A 1158 -18.74 40.03 -23.82
C LEU A 1158 -20.10 39.58 -24.31
N TRP A 1159 -20.98 40.52 -24.67
CA TRP A 1159 -22.27 40.14 -25.22
C TRP A 1159 -22.13 39.52 -26.60
N THR A 1160 -21.16 39.98 -27.38
CA THR A 1160 -20.89 39.36 -28.67
C THR A 1160 -20.27 37.98 -28.52
N LEU A 1161 -19.48 37.78 -27.46
CA LEU A 1161 -18.79 36.52 -27.26
C LEU A 1161 -19.74 35.44 -26.76
N CYS A 1162 -20.55 35.75 -25.74
CA CYS A 1162 -21.41 34.77 -25.10
C CYS A 1162 -22.69 34.47 -25.87
N THR A 1163 -22.85 34.99 -27.08
CA THR A 1163 -23.98 34.67 -27.94
C THR A 1163 -23.54 34.14 -29.29
N SER A 1164 -22.25 33.91 -29.48
CA SER A 1164 -21.64 33.51 -30.73
C SER A 1164 -21.48 31.99 -30.77
N PRO A 1165 -21.34 31.41 -31.97
CA PRO A 1165 -21.05 29.97 -32.05
C PRO A 1165 -19.64 29.58 -31.66
N SER A 1166 -18.78 30.53 -31.30
CA SER A 1166 -17.46 30.22 -30.76
C SER A 1166 -17.51 29.88 -29.28
N VAL A 1167 -18.65 30.08 -28.63
CA VAL A 1167 -18.86 29.67 -27.24
C VAL A 1167 -19.92 28.57 -27.16
N LEU A 1168 -21.05 28.77 -27.84
CA LEU A 1168 -22.10 27.75 -27.90
C LEU A 1168 -21.64 26.67 -28.88
N ARG A 1169 -20.87 25.73 -28.37
CA ARG A 1169 -20.16 24.75 -29.17
C ARG A 1169 -20.30 23.39 -28.47
N PRO A 1170 -20.09 22.30 -29.20
CA PRO A 1170 -20.06 20.99 -28.52
C PRO A 1170 -18.83 20.86 -27.65
N ILE A 1171 -19.05 20.27 -26.47
CA ILE A 1171 -18.08 20.34 -25.39
C ILE A 1171 -18.00 18.95 -24.76
N VAL A 1172 -16.97 18.71 -23.96
CA VAL A 1172 -16.85 17.48 -23.18
C VAL A 1172 -16.75 17.89 -21.73
N LEU A 1173 -17.84 17.75 -20.99
CA LEU A 1173 -17.91 18.16 -19.60
C LEU A 1173 -17.25 17.10 -18.71
N SER A 1174 -17.04 17.47 -17.46
CA SER A 1174 -16.69 16.54 -16.40
C SER A 1174 -17.15 17.21 -15.12
N PHE A 1175 -18.19 16.69 -14.51
CA PHE A 1175 -18.94 17.46 -13.54
C PHE A 1175 -19.08 16.70 -12.23
N GLU A 1176 -19.79 17.32 -11.30
CA GLU A 1176 -20.30 16.68 -10.11
C GLU A 1176 -21.61 17.35 -9.76
N LEU A 1177 -22.49 16.60 -9.12
CA LEU A 1177 -23.73 17.18 -8.63
C LEU A 1177 -23.42 18.14 -7.50
N GLU A 1178 -24.09 19.29 -7.51
CA GLU A 1178 -23.83 20.27 -6.47
C GLU A 1178 -24.69 20.04 -5.22
N ARG A 1179 -25.44 18.96 -5.16
CA ARG A 1179 -26.42 18.74 -4.11
C ARG A 1179 -25.77 18.18 -2.83
N LYS A 1180 -24.42 17.97 -2.82
CA LYS A 1180 -23.67 17.49 -1.65
C LYS A 1180 -24.18 16.15 -1.13
N PRO A 1181 -23.68 15.01 -1.68
CA PRO A 1181 -24.31 13.67 -1.51
C PRO A 1181 -24.69 13.18 -0.12
N SER A 1182 -24.28 13.91 0.93
CA SER A 1182 -24.75 13.68 2.28
C SER A 1182 -26.17 14.19 2.51
N LYS A 1183 -26.74 14.93 1.56
CA LYS A 1183 -27.95 15.71 1.81
C LYS A 1183 -29.21 14.83 1.83
N ILE A 1184 -30.10 15.15 2.76
CA ILE A 1184 -31.41 14.51 2.83
C ILE A 1184 -32.34 15.23 1.87
N VAL A 1185 -32.78 14.54 0.82
CA VAL A 1185 -33.75 15.14 -0.08
C VAL A 1185 -35.13 14.57 0.21
N PRO A 1186 -36.14 15.41 0.33
CA PRO A 1186 -37.50 14.90 0.57
C PRO A 1186 -38.27 14.71 -0.73
N LEU A 1187 -39.10 13.69 -0.78
CA LEU A 1187 -39.94 13.46 -1.94
C LEU A 1187 -41.07 14.48 -1.97
N GLU A 1188 -41.25 15.13 -3.11
CA GLU A 1188 -42.26 16.15 -3.28
C GLU A 1188 -42.84 16.06 -4.69
N PRO A 1189 -44.11 16.42 -4.87
CA PRO A 1189 -44.72 16.31 -6.20
C PRO A 1189 -44.21 17.39 -7.13
N PRO A 1190 -44.31 17.18 -8.45
CA PRO A 1190 -43.79 18.17 -9.39
C PRO A 1190 -44.65 19.42 -9.47
N ARG A 1191 -44.00 20.54 -9.80
CA ARG A 1191 -44.65 21.84 -9.91
C ARG A 1191 -45.32 22.01 -11.26
N LEU A 1192 -45.69 23.24 -11.62
CA LEU A 1192 -46.39 23.54 -12.86
C LEU A 1192 -45.71 24.74 -13.53
N GLN A 1193 -45.47 24.64 -14.84
CA GLN A 1193 -44.75 25.67 -15.57
C GLN A 1193 -45.49 25.97 -16.88
N ARG A 1194 -45.07 27.02 -17.58
CA ARG A 1194 -45.86 27.56 -18.71
C ARG A 1194 -45.49 26.94 -20.04
N PHE A 1195 -44.27 27.20 -20.54
CA PHE A 1195 -43.74 26.66 -21.80
C PHE A 1195 -44.63 27.02 -23.00
N GLN A 1196 -44.69 28.30 -23.31
CA GLN A 1196 -45.36 28.71 -24.54
C GLN A 1196 -44.53 28.30 -25.76
N CYS A 1197 -45.15 27.60 -26.70
CA CYS A 1197 -44.49 27.30 -27.97
C CYS A 1197 -45.32 27.86 -29.12
N GLY A 1198 -44.72 28.79 -29.86
CA GLY A 1198 -45.35 29.41 -31.00
C GLY A 1198 -46.32 30.51 -30.62
N GLU A 1199 -47.55 30.14 -30.23
CA GLU A 1199 -48.54 31.10 -29.76
C GLU A 1199 -49.43 30.55 -28.65
N LEU A 1200 -49.20 29.34 -28.15
CA LEU A 1200 -50.17 28.70 -27.27
C LEU A 1200 -49.53 28.46 -25.91
N PRO A 1201 -49.94 29.18 -24.86
CA PRO A 1201 -49.39 28.93 -23.52
C PRO A 1201 -50.08 27.79 -22.75
N PHE A 1202 -49.64 26.55 -22.96
CA PHE A 1202 -50.18 25.42 -22.20
C PHE A 1202 -49.55 25.32 -20.81
N LEU A 1203 -49.70 24.17 -20.16
CA LEU A 1203 -49.13 23.95 -18.84
C LEU A 1203 -48.69 22.49 -18.73
N THR A 1204 -47.51 22.27 -18.13
CA THR A 1204 -46.97 20.94 -17.89
C THR A 1204 -46.52 20.82 -16.44
N HIS A 1205 -46.38 19.57 -15.99
CA HIS A 1205 -45.73 19.26 -14.73
C HIS A 1205 -44.23 19.12 -14.97
N VAL A 1206 -43.42 19.77 -14.14
CA VAL A 1206 -41.97 19.74 -14.31
C VAL A 1206 -41.30 19.31 -13.02
N ASN A 1207 -40.25 18.53 -13.14
CA ASN A 1207 -39.36 18.23 -12.05
C ASN A 1207 -38.36 19.36 -11.89
N PRO A 1208 -37.71 19.48 -10.72
CA PRO A 1208 -36.65 20.49 -10.59
C PRO A 1208 -35.45 20.18 -11.47
N ARG A 1209 -34.83 21.25 -11.95
CA ARG A 1209 -33.79 21.14 -12.97
C ARG A 1209 -32.48 20.65 -12.37
N LEU A 1210 -31.71 19.93 -13.17
CA LEU A 1210 -30.38 19.49 -12.77
C LEU A 1210 -29.45 20.68 -12.60
N ARG A 1211 -28.76 20.74 -11.47
CA ARG A 1211 -27.74 21.75 -11.23
C ARG A 1211 -26.43 21.02 -10.94
N LEU A 1212 -25.43 21.26 -11.78
CA LEU A 1212 -24.14 20.59 -11.69
C LEU A 1212 -23.05 21.58 -11.36
N SER A 1213 -21.86 21.06 -11.09
CA SER A 1213 -20.68 21.85 -10.82
C SER A 1213 -19.52 21.28 -11.61
N CYS A 1214 -18.84 22.13 -12.36
CA CYS A 1214 -17.82 21.68 -13.29
C CYS A 1214 -16.53 21.32 -12.58
N LEU A 1215 -15.90 20.23 -13.01
CA LEU A 1215 -14.57 19.86 -12.58
C LEU A 1215 -13.52 20.10 -13.65
N SER A 1216 -13.86 19.86 -14.93
CA SER A 1216 -13.00 20.24 -16.04
C SER A 1216 -13.86 20.39 -17.29
N ILE A 1217 -13.29 21.04 -18.30
CA ILE A 1217 -13.95 21.25 -19.59
C ILE A 1217 -12.91 21.04 -20.68
N ARG A 1218 -13.18 20.13 -21.61
CA ARG A 1218 -12.33 19.88 -22.77
C ARG A 1218 -13.16 20.07 -24.03
N GLU A 1219 -12.50 19.92 -25.18
CA GLU A 1219 -13.16 20.00 -26.47
C GLU A 1219 -13.43 18.59 -26.99
N SER A 1220 -14.27 18.52 -28.04
CA SER A 1220 -14.70 17.21 -28.53
C SER A 1220 -13.66 16.58 -29.45
N GLU A 1221 -13.42 17.20 -30.60
CA GLU A 1221 -12.41 16.75 -31.58
C GLU A 1221 -12.15 17.82 -32.64
N ALA C 1083 70.50 -20.12 50.24
CA ALA C 1083 69.31 -20.25 49.41
C ALA C 1083 68.54 -18.94 49.38
N ILE C 1084 67.25 -19.00 49.73
CA ILE C 1084 66.31 -17.87 49.73
C ILE C 1084 66.22 -17.23 48.35
N SER C 1085 65.71 -18.01 47.41
CA SER C 1085 65.70 -17.64 46.00
C SER C 1085 64.74 -16.49 45.73
N GLN C 1086 64.86 -15.92 44.53
CA GLN C 1086 64.16 -14.69 44.15
C GLN C 1086 62.72 -14.95 43.73
N ALA C 1087 62.11 -13.97 43.07
CA ALA C 1087 60.70 -14.02 42.67
C ALA C 1087 60.41 -15.20 41.74
N ILE C 1088 59.38 -15.96 42.07
CA ILE C 1088 59.05 -17.19 41.38
C ILE C 1088 57.88 -16.97 40.41
N ILE C 1089 57.52 -18.04 39.70
CA ILE C 1089 56.42 -17.97 38.75
C ILE C 1089 55.06 -17.88 39.43
N ARG C 1090 54.97 -18.29 40.69
CA ARG C 1090 53.73 -18.14 41.44
C ARG C 1090 53.61 -16.78 42.11
N LEU C 1091 54.73 -16.13 42.40
CA LEU C 1091 54.68 -14.81 43.00
C LEU C 1091 54.34 -13.74 41.98
N LEU C 1092 54.66 -13.96 40.71
CA LEU C 1092 54.28 -13.03 39.66
C LEU C 1092 52.85 -13.26 39.19
N VAL C 1093 52.28 -14.43 39.46
CA VAL C 1093 50.89 -14.70 39.13
C VAL C 1093 49.93 -14.35 40.26
N GLU C 1094 50.44 -14.12 41.47
CA GLU C 1094 49.63 -13.69 42.59
C GLU C 1094 49.90 -12.27 43.02
N ASP C 1095 50.76 -11.55 42.30
CA ASP C 1095 51.06 -10.15 42.58
C ASP C 1095 51.54 -9.49 41.30
N GLY C 1096 51.81 -8.18 41.39
CA GLY C 1096 52.30 -7.35 40.28
C GLY C 1096 51.37 -7.40 39.07
N THR C 1097 50.06 -7.37 39.33
CA THR C 1097 49.06 -7.51 38.28
C THR C 1097 48.70 -6.15 37.68
N ALA C 1098 49.71 -5.47 37.17
CA ALA C 1098 49.52 -4.20 36.48
C ALA C 1098 50.40 -4.09 35.25
N GLU C 1099 50.69 -5.23 34.60
CA GLU C 1099 51.41 -5.35 33.34
C GLU C 1099 52.82 -4.74 33.43
N ALA C 1100 53.63 -5.36 34.28
CA ALA C 1100 54.98 -4.89 34.55
C ALA C 1100 55.93 -5.24 33.41
N VAL C 1101 57.18 -4.78 33.53
CA VAL C 1101 58.26 -5.14 32.63
C VAL C 1101 59.57 -4.95 33.39
N VAL C 1102 60.66 -5.46 32.82
CA VAL C 1102 61.95 -5.38 33.51
C VAL C 1102 63.08 -5.46 32.49
N THR C 1103 64.21 -4.87 32.86
CA THR C 1103 65.41 -4.92 32.03
C THR C 1103 66.61 -4.71 32.96
N CYS C 1104 67.30 -5.79 33.29
CA CYS C 1104 68.41 -5.73 34.25
C CYS C 1104 69.74 -5.31 33.61
N ARG C 1105 69.72 -4.81 32.37
CA ARG C 1105 70.97 -4.41 31.71
C ARG C 1105 71.47 -3.08 32.26
N ASN C 1106 70.69 -2.02 32.07
CA ASN C 1106 71.04 -0.69 32.51
C ASN C 1106 69.78 0.17 32.49
N HIS C 1107 69.88 1.36 33.07
CA HIS C 1107 68.76 2.29 33.10
C HIS C 1107 68.55 2.86 31.70
N HIS C 1108 67.47 2.45 31.03
CA HIS C 1108 67.19 2.89 29.68
C HIS C 1108 65.70 3.12 29.51
N VAL C 1109 65.35 4.17 28.79
CA VAL C 1109 63.98 4.48 28.41
C VAL C 1109 63.87 4.15 26.92
N ALA C 1110 63.55 2.90 26.63
CA ALA C 1110 63.52 2.42 25.25
C ALA C 1110 62.22 2.85 24.57
N ALA C 1111 62.35 3.67 23.55
CA ALA C 1111 61.25 3.97 22.63
C ALA C 1111 61.89 4.28 21.27
N ALA C 1112 61.98 3.26 20.42
CA ALA C 1112 62.55 3.46 19.10
C ALA C 1112 61.54 4.15 18.18
N LEU C 1113 60.26 3.79 18.29
CA LEU C 1113 59.19 4.51 17.62
C LEU C 1113 58.26 5.16 18.63
N GLY C 1114 57.67 4.37 19.54
CA GLY C 1114 56.81 4.86 20.62
C GLY C 1114 56.67 3.76 21.65
N LEU C 1115 56.31 4.18 22.86
CA LEU C 1115 56.01 3.28 23.98
C LEU C 1115 55.25 4.10 25.01
N CYS C 1116 54.88 3.46 26.12
CA CYS C 1116 54.52 4.31 27.26
C CYS C 1116 55.47 4.09 28.42
N PRO C 1117 55.30 2.99 29.17
CA PRO C 1117 56.14 2.49 30.26
C PRO C 1117 55.50 1.28 30.93
N ARG C 1118 56.32 0.46 31.61
CA ARG C 1118 56.00 -0.03 32.97
C ARG C 1118 57.31 -0.57 33.54
N GLU C 1119 57.97 0.21 34.40
CA GLU C 1119 59.28 -0.22 34.90
C GLU C 1119 59.14 -0.99 36.21
N TRP C 1120 60.06 -1.91 36.43
CA TRP C 1120 60.16 -2.66 37.67
C TRP C 1120 61.59 -3.16 37.81
N ALA C 1121 61.88 -3.81 38.94
CA ALA C 1121 63.23 -4.27 39.22
C ALA C 1121 63.22 -5.67 39.83
N SER C 1122 62.36 -6.55 39.31
CA SER C 1122 62.36 -7.93 39.75
C SER C 1122 63.39 -8.74 38.98
N LEU C 1123 63.61 -9.98 39.44
CA LEU C 1123 64.61 -10.85 38.82
C LEU C 1123 64.03 -12.27 38.76
N LEU C 1124 63.64 -12.69 37.57
CA LEU C 1124 63.08 -14.02 37.34
C LEU C 1124 64.16 -14.94 36.78
N ASP C 1125 64.11 -16.20 37.19
CA ASP C 1125 65.09 -17.19 36.77
C ASP C 1125 64.50 -18.58 36.86
N GLU D 17 -53.00 9.56 -27.25
CA GLU D 17 -51.61 9.97 -27.09
C GLU D 17 -51.32 10.38 -25.65
N THR D 18 -50.09 10.83 -25.42
CA THR D 18 -49.67 11.25 -24.08
C THR D 18 -50.36 12.55 -23.71
N PRO D 19 -50.92 12.68 -22.52
CA PRO D 19 -51.57 13.94 -22.13
C PRO D 19 -50.57 15.07 -21.97
N SER D 20 -51.05 16.29 -22.22
CA SER D 20 -50.20 17.47 -22.25
C SER D 20 -49.60 17.82 -20.89
N LEU D 21 -50.24 17.41 -19.80
CA LEU D 21 -49.74 17.72 -18.47
C LEU D 21 -48.58 16.82 -18.06
N LEU D 22 -48.37 15.72 -18.76
CA LEU D 22 -47.34 14.75 -18.43
C LEU D 22 -46.11 14.89 -19.31
N TRP D 23 -46.03 15.95 -20.13
CA TRP D 23 -44.94 16.07 -21.09
C TRP D 23 -43.65 16.53 -20.43
N GLY D 24 -43.75 17.45 -19.48
CA GLY D 24 -42.56 18.03 -18.88
C GLY D 24 -41.81 17.10 -17.96
N LEU D 25 -42.41 15.99 -17.56
CA LEU D 25 -41.69 14.99 -16.79
C LEU D 25 -40.72 14.20 -17.64
N ASP D 26 -40.94 14.14 -18.95
CA ASP D 26 -39.99 13.52 -19.86
C ASP D 26 -38.76 14.41 -20.01
N PRO D 27 -37.56 13.89 -19.80
CA PRO D 27 -36.37 14.75 -19.94
C PRO D 27 -36.03 15.12 -21.38
N VAL D 28 -36.60 14.42 -22.36
CA VAL D 28 -36.34 14.74 -23.76
C VAL D 28 -37.17 15.92 -24.25
N PHE D 29 -38.12 16.38 -23.43
CA PHE D 29 -38.95 17.53 -23.79
C PHE D 29 -38.14 18.81 -23.84
N LEU D 30 -37.14 18.94 -22.98
CA LEU D 30 -36.32 20.15 -22.91
C LEU D 30 -34.96 19.96 -23.56
N ALA D 31 -34.76 18.88 -24.30
CA ALA D 31 -33.50 18.60 -24.97
C ALA D 31 -33.66 18.70 -26.48
N PHE D 32 -32.56 18.95 -27.15
CA PHE D 32 -32.50 18.95 -28.61
C PHE D 32 -32.28 17.52 -29.06
N ALA D 33 -33.34 16.88 -29.55
CA ALA D 33 -33.28 15.46 -29.86
C ALA D 33 -32.50 15.22 -31.14
N LYS D 34 -31.59 14.25 -31.09
CA LYS D 34 -30.77 13.87 -32.24
C LYS D 34 -31.54 12.82 -33.04
N LEU D 35 -32.29 13.27 -34.04
CA LEU D 35 -33.13 12.38 -34.81
C LEU D 35 -32.68 12.35 -36.27
N TYR D 36 -33.12 11.31 -36.97
CA TYR D 36 -32.99 11.28 -38.43
C TYR D 36 -34.01 12.21 -39.05
N ILE D 37 -33.71 12.67 -40.27
CA ILE D 37 -34.71 13.43 -41.02
C ILE D 37 -35.75 12.51 -41.65
N ARG D 38 -35.52 11.20 -41.65
CA ARG D 38 -36.61 10.29 -41.97
C ARG D 38 -37.63 10.24 -40.85
N ASP D 39 -37.19 10.44 -39.60
CA ASP D 39 -38.11 10.44 -38.48
C ASP D 39 -38.77 11.79 -38.28
N ILE D 40 -38.08 12.88 -38.59
CA ILE D 40 -38.63 14.22 -38.44
C ILE D 40 -39.77 14.45 -39.42
N LEU D 41 -39.64 13.94 -40.63
CA LEU D 41 -40.68 14.08 -41.64
C LEU D 41 -41.83 13.08 -41.46
N ASP D 42 -41.73 12.16 -40.51
CA ASP D 42 -42.76 11.13 -40.36
C ASP D 42 -43.38 11.12 -38.96
N MET D 43 -42.94 12.00 -38.07
CA MET D 43 -43.52 12.07 -36.73
C MET D 43 -44.94 12.61 -36.80
N LYS D 44 -45.81 12.09 -35.94
CA LYS D 44 -47.15 12.62 -35.84
C LYS D 44 -47.16 13.87 -34.98
N GLU D 45 -47.91 14.87 -35.39
CA GLU D 45 -48.08 16.07 -34.59
C GLU D 45 -49.23 15.87 -33.61
N SER D 46 -49.09 16.45 -32.43
CA SER D 46 -50.12 16.33 -31.41
C SER D 46 -51.31 17.20 -31.77
N ARG D 47 -52.52 16.64 -31.58
CA ARG D 47 -53.74 17.41 -31.74
C ARG D 47 -53.98 18.33 -30.56
N GLN D 48 -53.36 18.07 -29.41
CA GLN D 48 -53.51 18.93 -28.26
C GLN D 48 -52.80 20.26 -28.46
N VAL D 49 -51.48 20.23 -28.61
CA VAL D 49 -50.70 21.44 -28.83
C VAL D 49 -49.98 21.34 -30.16
N PRO D 50 -50.30 22.18 -31.14
CA PRO D 50 -49.56 22.15 -32.40
C PRO D 50 -48.18 22.76 -32.25
N GLY D 51 -47.19 22.10 -32.83
CA GLY D 51 -45.80 22.46 -32.64
C GLY D 51 -45.02 21.45 -31.83
N VAL D 52 -45.67 20.43 -31.30
CA VAL D 52 -45.04 19.37 -30.53
C VAL D 52 -45.36 18.05 -31.22
N PHE D 53 -44.32 17.27 -31.51
CA PHE D 53 -44.43 16.04 -32.28
C PHE D 53 -44.09 14.87 -31.37
N LEU D 54 -44.70 13.73 -31.63
CA LEU D 54 -44.56 12.56 -30.76
C LEU D 54 -43.85 11.45 -31.51
N TYR D 55 -42.68 11.05 -31.01
CA TYR D 55 -41.98 9.86 -31.47
C TYR D 55 -41.97 8.89 -30.31
N ASN D 56 -42.68 7.77 -30.47
CA ASN D 56 -42.75 6.67 -29.50
C ASN D 56 -43.28 7.15 -28.14
N GLY D 57 -44.23 8.08 -28.18
CA GLY D 57 -44.77 8.63 -26.96
C GLY D 57 -43.91 9.66 -26.28
N HIS D 58 -42.82 10.10 -26.90
CA HIS D 58 -42.01 11.16 -26.33
C HIS D 58 -42.36 12.48 -27.00
N PRO D 59 -42.64 13.54 -26.24
CA PRO D 59 -42.89 14.85 -26.86
C PRO D 59 -41.59 15.46 -27.37
N ILE D 60 -41.51 15.69 -28.67
CA ILE D 60 -40.34 16.25 -29.31
C ILE D 60 -40.65 17.70 -29.68
N LYS D 61 -40.06 18.63 -28.95
CA LYS D 61 -40.29 20.05 -29.17
C LYS D 61 -39.22 20.71 -30.04
N GLN D 62 -38.02 20.14 -30.07
CA GLN D 62 -36.89 20.72 -30.79
C GLN D 62 -35.90 19.64 -31.12
N VAL D 63 -35.18 19.82 -32.24
CA VAL D 63 -34.33 18.78 -32.79
C VAL D 63 -32.91 19.28 -32.99
N ASP D 64 -32.05 18.41 -33.50
CA ASP D 64 -30.64 18.73 -33.73
C ASP D 64 -30.17 17.86 -34.89
N VAL D 65 -29.97 18.46 -36.06
CA VAL D 65 -29.62 17.70 -37.26
C VAL D 65 -28.22 18.09 -37.71
N LEU D 66 -27.66 17.24 -38.57
CA LEU D 66 -26.35 17.49 -39.17
C LEU D 66 -26.37 16.89 -40.56
N GLY D 67 -26.06 17.69 -41.57
CA GLY D 67 -26.11 17.19 -42.93
C GLY D 67 -25.40 18.10 -43.90
N THR D 68 -25.63 17.83 -45.18
CA THR D 68 -24.96 18.49 -46.29
C THR D 68 -25.90 19.44 -47.02
N VAL D 69 -25.45 20.67 -47.23
CA VAL D 69 -26.25 21.68 -47.92
C VAL D 69 -26.36 21.32 -49.39
N ILE D 70 -27.59 21.26 -49.90
CA ILE D 70 -27.84 20.95 -51.29
C ILE D 70 -28.69 22.04 -51.96
N GLY D 71 -28.81 23.20 -51.34
CA GLY D 71 -29.58 24.28 -51.91
C GLY D 71 -29.51 25.51 -51.03
N VAL D 72 -29.36 26.68 -51.65
CA VAL D 72 -29.29 27.95 -50.92
C VAL D 72 -30.25 28.93 -51.60
N ARG D 73 -31.19 29.46 -50.82
CA ARG D 73 -32.18 30.40 -51.34
C ARG D 73 -32.25 31.57 -50.37
N GLU D 74 -31.75 32.73 -50.80
CA GLU D 74 -31.61 33.89 -49.93
C GLU D 74 -32.80 34.83 -50.08
N ARG D 75 -33.31 35.30 -48.94
CA ARG D 75 -34.29 36.37 -48.87
C ARG D 75 -33.67 37.55 -48.13
N ASP D 76 -34.50 38.52 -47.77
CA ASP D 76 -34.02 39.77 -47.19
C ASP D 76 -33.31 39.54 -45.86
N ALA D 77 -34.01 39.03 -44.86
CA ALA D 77 -33.34 38.59 -43.63
C ALA D 77 -33.83 37.20 -43.25
N PHE D 78 -33.32 36.19 -43.96
CA PHE D 78 -33.10 34.80 -43.58
C PHE D 78 -32.54 34.09 -44.81
N TYR D 79 -32.02 32.89 -44.58
CA TYR D 79 -31.69 31.94 -45.63
C TYR D 79 -32.58 30.73 -45.47
N SER D 80 -32.74 29.96 -46.55
CA SER D 80 -33.47 28.70 -46.50
C SER D 80 -32.61 27.63 -47.14
N TYR D 81 -31.75 27.00 -46.34
CA TYR D 81 -30.90 25.93 -46.81
C TYR D 81 -31.66 24.61 -46.84
N GLY D 82 -31.37 23.79 -47.85
CA GLY D 82 -31.84 22.41 -47.88
C GLY D 82 -30.73 21.51 -47.38
N VAL D 83 -31.09 20.57 -46.51
CA VAL D 83 -30.11 19.77 -45.78
C VAL D 83 -30.43 18.30 -45.99
N ASP D 84 -29.45 17.55 -46.49
CA ASP D 84 -29.56 16.11 -46.72
C ASP D 84 -28.60 15.38 -45.79
N ASP D 85 -29.06 14.27 -45.20
CA ASP D 85 -28.23 13.50 -44.29
C ASP D 85 -28.30 12.00 -44.57
N SER D 86 -28.65 11.64 -45.81
CA SER D 86 -28.83 10.33 -46.42
C SER D 86 -30.12 9.64 -45.98
N THR D 87 -30.88 10.21 -45.06
CA THR D 87 -32.19 9.68 -44.71
C THR D 87 -33.34 10.54 -45.20
N GLY D 88 -33.15 11.86 -45.30
CA GLY D 88 -34.19 12.72 -45.81
C GLY D 88 -33.63 14.10 -46.10
N VAL D 89 -34.46 14.90 -46.76
CA VAL D 89 -34.12 16.28 -47.11
C VAL D 89 -35.17 17.19 -46.49
N ILE D 90 -34.73 18.23 -45.79
CA ILE D 90 -35.62 19.20 -45.17
C ILE D 90 -35.05 20.60 -45.37
N ASN D 91 -35.94 21.59 -45.33
CA ASN D 91 -35.56 23.00 -45.43
C ASN D 91 -35.36 23.57 -44.04
N CYS D 92 -34.25 24.28 -43.84
CA CYS D 92 -33.96 24.93 -42.57
C CYS D 92 -33.95 26.43 -42.78
N ILE D 93 -34.70 27.15 -41.96
CA ILE D 93 -34.85 28.60 -42.06
C ILE D 93 -33.93 29.24 -41.05
N CYS D 94 -32.82 29.81 -41.51
CA CYS D 94 -31.79 30.38 -40.65
C CYS D 94 -31.83 31.89 -40.75
N TRP D 95 -32.11 32.55 -39.64
CA TRP D 95 -32.30 34.00 -39.63
C TRP D 95 -30.97 34.73 -39.64
N LYS D 96 -30.94 35.84 -40.38
CA LYS D 96 -29.73 36.62 -40.56
C LYS D 96 -29.42 37.44 -39.30
N LYS D 97 -28.14 37.71 -39.10
CA LYS D 97 -27.71 38.53 -37.98
C LYS D 97 -27.42 39.96 -38.43
N LEU D 115 -8.87 45.99 -26.63
CA LEU D 115 -10.15 45.31 -26.45
C LEU D 115 -11.00 45.43 -27.70
N THR D 116 -10.79 46.50 -28.46
CA THR D 116 -11.45 46.62 -29.76
C THR D 116 -10.68 45.89 -30.85
N SER D 117 -9.45 45.47 -30.59
CA SER D 117 -8.73 44.58 -31.48
C SER D 117 -9.14 43.12 -31.28
N GLN D 118 -9.71 42.79 -30.12
CA GLN D 118 -10.22 41.45 -29.86
C GLN D 118 -11.65 41.29 -30.32
N LEU D 119 -12.46 42.34 -30.24
CA LEU D 119 -13.84 42.27 -30.69
C LEU D 119 -13.93 42.24 -32.20
N LYS D 120 -13.03 42.94 -32.89
CA LYS D 120 -13.07 43.00 -34.34
C LYS D 120 -12.69 41.67 -34.97
N LYS D 121 -11.61 41.06 -34.50
CA LYS D 121 -11.20 39.76 -35.03
C LYS D 121 -12.10 38.62 -34.54
N LEU D 122 -12.95 38.86 -33.54
CA LEU D 122 -13.98 37.88 -33.19
C LEU D 122 -15.12 37.92 -34.20
N GLN D 123 -15.43 39.09 -34.74
CA GLN D 123 -16.52 39.20 -35.70
C GLN D 123 -16.16 38.65 -37.07
N GLU D 124 -14.87 38.52 -37.38
CA GLU D 124 -14.44 37.82 -38.58
C GLU D 124 -14.22 36.34 -38.34
N THR D 125 -14.55 35.85 -37.15
CA THR D 125 -14.61 34.42 -36.88
C THR D 125 -16.04 33.90 -36.89
N ILE D 126 -17.00 34.70 -36.41
CA ILE D 126 -18.40 34.29 -36.43
C ILE D 126 -19.07 34.58 -37.76
N GLU D 127 -18.34 35.16 -38.72
CA GLU D 127 -18.86 35.33 -40.06
C GLU D 127 -18.29 34.30 -41.04
N GLN D 128 -17.26 33.56 -40.63
CA GLN D 128 -16.79 32.41 -41.39
C GLN D 128 -17.45 31.11 -40.96
N LYS D 129 -18.07 31.10 -39.77
CA LYS D 129 -18.92 29.99 -39.37
C LYS D 129 -20.28 30.03 -40.04
N THR D 130 -20.70 31.19 -40.54
CA THR D 130 -21.98 31.33 -41.22
C THR D 130 -21.82 31.67 -42.68
N LYS D 131 -20.68 31.31 -43.28
CA LYS D 131 -20.47 31.45 -44.73
C LYS D 131 -20.70 30.07 -45.33
N ILE D 132 -21.92 29.84 -45.79
CA ILE D 132 -22.38 28.51 -46.15
C ILE D 132 -22.71 28.49 -47.64
N GLU D 133 -22.08 27.57 -48.37
CA GLU D 133 -22.33 27.34 -49.78
C GLU D 133 -22.87 25.92 -49.97
N ILE D 134 -23.03 25.51 -51.21
CA ILE D 134 -23.58 24.19 -51.51
C ILE D 134 -22.45 23.16 -51.41
N GLY D 135 -22.65 22.14 -50.58
CA GLY D 135 -21.67 21.09 -50.37
C GLY D 135 -21.05 21.10 -49.00
N ASP D 136 -21.38 22.10 -48.18
CA ASP D 136 -20.82 22.21 -46.84
C ASP D 136 -21.61 21.35 -45.86
N THR D 137 -21.00 21.05 -44.73
CA THR D 137 -21.66 20.38 -43.63
C THR D 137 -22.11 21.41 -42.61
N ILE D 138 -23.36 21.30 -42.18
CA ILE D 138 -23.98 22.31 -41.32
C ILE D 138 -24.66 21.60 -40.16
N ARG D 139 -24.57 22.19 -38.96
CA ARG D 139 -25.34 21.75 -37.82
C ARG D 139 -26.45 22.76 -37.55
N VAL D 140 -27.67 22.26 -37.44
CA VAL D 140 -28.86 23.11 -37.32
C VAL D 140 -29.64 22.62 -36.11
N ARG D 141 -29.86 23.50 -35.14
CA ARG D 141 -30.60 23.20 -33.92
C ARG D 141 -31.77 24.15 -33.82
N GLY D 142 -32.97 23.66 -33.97
CA GLY D 142 -34.16 24.49 -33.95
C GLY D 142 -35.39 23.69 -33.66
N SER D 143 -36.53 24.18 -34.14
CA SER D 143 -37.83 23.59 -33.86
C SER D 143 -38.61 23.39 -35.14
N ILE D 144 -39.39 22.32 -35.19
CA ILE D 144 -40.12 21.95 -36.39
C ILE D 144 -41.42 22.73 -36.45
N ARG D 145 -41.72 23.30 -37.63
CA ARG D 145 -42.94 24.07 -37.85
C ARG D 145 -43.59 23.58 -39.13
N THR D 146 -44.78 23.01 -39.01
CA THR D 146 -45.47 22.50 -40.19
C THR D 146 -46.18 23.63 -40.92
N TYR D 147 -46.29 23.48 -42.23
CA TYR D 147 -46.65 24.56 -43.14
C TYR D 147 -47.64 24.06 -44.19
N ARG D 148 -48.72 23.43 -43.73
CA ARG D 148 -49.74 22.76 -44.57
C ARG D 148 -49.12 21.63 -45.40
N GLU D 149 -48.71 20.58 -44.66
CA GLU D 149 -48.25 19.30 -45.18
C GLU D 149 -46.87 19.39 -45.84
N GLU D 150 -46.03 20.29 -45.36
CA GLU D 150 -44.60 20.26 -45.63
C GLU D 150 -43.90 20.95 -44.47
N ARG D 151 -42.93 20.26 -43.88
CA ARG D 151 -42.32 20.68 -42.62
C ARG D 151 -40.98 21.36 -42.87
N GLU D 152 -40.63 22.22 -41.93
CA GLU D 152 -39.38 22.97 -41.95
C GLU D 152 -38.81 23.02 -40.53
N ILE D 153 -37.57 23.46 -40.42
CA ILE D 153 -36.89 23.62 -39.15
C ILE D 153 -36.51 25.08 -39.03
N HIS D 154 -36.94 25.74 -37.96
CA HIS D 154 -36.64 27.14 -37.74
C HIS D 154 -35.46 27.22 -36.78
N ALA D 155 -34.28 27.48 -37.35
CA ALA D 155 -33.03 27.32 -36.61
C ALA D 155 -32.82 28.49 -35.67
N THR D 156 -32.64 28.19 -34.39
CA THR D 156 -32.18 29.16 -33.42
C THR D 156 -30.66 29.23 -33.35
N THR D 157 -29.96 28.24 -33.91
CA THR D 157 -28.51 28.17 -33.84
C THR D 157 -28.03 27.35 -35.02
N TYR D 158 -27.10 27.90 -35.80
CA TYR D 158 -26.55 27.18 -36.94
C TYR D 158 -25.13 27.66 -37.17
N TYR D 159 -24.28 26.76 -37.66
CA TYR D 159 -22.94 27.12 -38.05
C TYR D 159 -22.44 26.10 -39.07
N LYS D 160 -21.31 26.41 -39.69
CA LYS D 160 -20.68 25.52 -40.65
C LYS D 160 -19.70 24.61 -39.93
N VAL D 161 -19.85 23.31 -40.15
CA VAL D 161 -19.01 22.31 -39.49
C VAL D 161 -17.78 22.07 -40.35
N ASP D 162 -16.60 22.22 -39.77
CA ASP D 162 -15.34 21.99 -40.46
C ASP D 162 -15.01 20.51 -40.40
N ASP D 163 -15.28 19.78 -41.48
CA ASP D 163 -15.13 18.34 -41.53
C ASP D 163 -14.24 17.96 -42.72
N PRO D 164 -12.91 18.06 -42.57
CA PRO D 164 -12.03 17.78 -43.70
C PRO D 164 -11.79 16.30 -43.95
N VAL D 165 -11.74 15.50 -42.90
CA VAL D 165 -11.46 14.09 -43.01
C VAL D 165 -12.69 13.26 -42.64
N TRP D 166 -13.87 13.90 -42.65
CA TRP D 166 -15.18 13.26 -42.54
C TRP D 166 -15.37 12.56 -41.20
N ASN D 167 -14.70 13.06 -40.16
CA ASN D 167 -14.70 12.40 -38.85
C ASN D 167 -16.01 12.61 -38.10
N ILE D 168 -16.55 13.83 -38.15
CA ILE D 168 -17.72 14.17 -37.36
C ILE D 168 -18.97 13.52 -37.93
N GLN D 169 -19.06 13.41 -39.25
CA GLN D 169 -20.22 12.79 -39.87
C GLN D 169 -20.13 11.27 -39.85
N ILE D 170 -18.96 10.71 -39.54
CA ILE D 170 -18.84 9.28 -39.31
C ILE D 170 -19.19 8.92 -37.87
N ALA D 171 -18.76 9.76 -36.92
CA ALA D 171 -19.07 9.55 -35.51
C ALA D 171 -20.55 9.72 -35.21
N ARG D 172 -21.28 10.47 -36.04
CA ARG D 172 -22.73 10.59 -35.87
C ARG D 172 -23.48 9.37 -36.40
N MET D 173 -22.93 8.70 -37.42
CA MET D 173 -23.57 7.49 -37.93
C MET D 173 -23.41 6.31 -36.97
N LEU D 174 -22.42 6.36 -36.09
CA LEU D 174 -22.23 5.32 -35.08
C LEU D 174 -22.99 5.63 -33.79
N GLU D 175 -23.23 6.91 -33.51
CA GLU D 175 -23.86 7.31 -32.26
C GLU D 175 -25.38 7.19 -32.33
N LEU D 176 -25.96 7.49 -33.48
CA LEU D 176 -27.42 7.56 -33.59
C LEU D 176 -28.17 6.23 -33.43
N PRO D 177 -27.66 5.06 -33.85
CA PRO D 177 -28.32 3.82 -33.41
C PRO D 177 -28.18 3.55 -31.93
N THR D 178 -27.16 4.09 -31.26
CA THR D 178 -26.99 3.82 -29.84
C THR D 178 -27.96 4.63 -28.99
N ILE D 179 -28.10 5.93 -29.28
CA ILE D 179 -28.99 6.78 -28.51
C ILE D 179 -30.45 6.47 -28.81
N TYR D 180 -30.74 5.81 -29.93
CA TYR D 180 -32.10 5.33 -30.17
C TYR D 180 -32.41 4.13 -29.29
N ARG D 181 -31.55 3.13 -29.30
CA ARG D 181 -31.85 1.86 -28.66
C ARG D 181 -31.83 1.96 -27.14
N LYS D 182 -31.11 2.92 -26.59
CA LYS D 182 -31.03 3.09 -25.15
C LYS D 182 -32.00 4.12 -24.60
N VAL D 183 -32.38 5.14 -25.38
CA VAL D 183 -33.15 6.25 -24.85
C VAL D 183 -34.48 6.42 -25.59
N TYR D 184 -34.43 6.70 -26.89
CA TYR D 184 -35.64 7.15 -27.58
C TYR D 184 -36.60 6.02 -27.92
N ASP D 185 -36.14 4.77 -27.92
CA ASP D 185 -37.04 3.64 -28.15
C ASP D 185 -37.58 3.04 -26.87
N GLN D 186 -36.95 3.30 -25.74
CA GLN D 186 -37.49 2.86 -24.46
C GLN D 186 -38.63 3.78 -24.06
N PRO D 187 -39.79 3.25 -23.66
CA PRO D 187 -40.91 4.11 -23.27
C PRO D 187 -40.67 4.75 -21.93
N PHE D 188 -41.37 5.85 -21.70
CA PHE D 188 -41.24 6.63 -20.47
C PHE D 188 -42.33 6.21 -19.48
N HIS D 189 -41.96 6.18 -18.21
CA HIS D 189 -42.87 5.73 -17.16
C HIS D 189 -42.96 6.75 -16.03
N GLU D 197 -40.16 -15.35 0.57
CA GLU D 197 -40.21 -14.04 1.22
C GLU D 197 -40.17 -14.26 2.72
N ALA D 198 -40.22 -15.55 3.11
CA ALA D 198 -40.15 -15.91 4.53
C ALA D 198 -38.79 -15.61 5.14
N LEU D 199 -37.73 -15.65 4.32
CA LEU D 199 -36.44 -15.15 4.76
C LEU D 199 -36.45 -13.63 4.89
N SER D 200 -37.15 -12.95 3.99
CA SER D 200 -37.24 -11.49 4.05
C SER D 200 -38.20 -11.03 5.13
N ASN D 201 -39.20 -11.84 5.46
CA ASN D 201 -40.16 -11.55 6.52
C ASN D 201 -40.09 -12.71 7.51
N PRO D 202 -39.15 -12.68 8.46
CA PRO D 202 -39.08 -13.74 9.48
C PRO D 202 -40.07 -13.57 10.62
N GLY D 203 -40.70 -12.40 10.74
CA GLY D 203 -41.67 -12.14 11.78
C GLY D 203 -43.03 -12.77 11.59
N ALA D 204 -43.30 -13.32 10.40
CA ALA D 204 -44.56 -13.98 10.14
C ALA D 204 -44.57 -15.40 10.68
N LEU D 205 -43.65 -16.25 10.21
CA LEU D 205 -43.52 -17.59 10.73
C LEU D 205 -42.92 -17.56 12.12
N ASP D 206 -43.47 -18.39 13.01
CA ASP D 206 -43.16 -18.30 14.43
C ASP D 206 -41.94 -19.14 14.78
N LEU D 207 -41.66 -19.24 16.08
CA LEU D 207 -40.46 -19.81 16.67
C LEU D 207 -40.20 -21.30 16.38
N PRO D 208 -41.19 -22.23 16.40
CA PRO D 208 -40.85 -23.60 15.99
C PRO D 208 -40.57 -23.76 14.51
N SER D 209 -40.88 -22.77 13.68
CA SER D 209 -40.49 -22.75 12.28
C SER D 209 -39.31 -21.83 12.01
N LEU D 210 -38.77 -21.19 13.05
CA LEU D 210 -37.69 -20.21 12.90
C LEU D 210 -36.33 -20.73 13.33
N THR D 211 -36.29 -21.76 14.18
CA THR D 211 -35.01 -22.38 14.52
C THR D 211 -34.43 -23.10 13.32
N SER D 212 -35.27 -23.78 12.54
CA SER D 212 -34.84 -24.44 11.31
C SER D 212 -34.70 -23.46 10.15
N LEU D 213 -35.02 -22.18 10.37
CA LEU D 213 -34.79 -21.13 9.39
C LEU D 213 -33.64 -20.20 9.76
N LEU D 214 -32.91 -20.51 10.83
CA LEU D 214 -31.73 -19.74 11.25
C LEU D 214 -30.45 -20.55 11.15
N SER D 215 -30.52 -21.87 11.31
CA SER D 215 -29.32 -22.70 11.38
C SER D 215 -28.63 -22.84 10.04
N GLU D 216 -29.38 -22.75 8.93
CA GLU D 216 -28.77 -22.93 7.62
C GLU D 216 -28.02 -21.68 7.17
N LYS D 217 -28.44 -20.50 7.63
CA LYS D 217 -27.68 -19.29 7.41
C LYS D 217 -26.68 -19.03 8.53
N ALA D 218 -26.77 -19.77 9.64
CA ALA D 218 -25.67 -19.81 10.59
C ALA D 218 -24.58 -20.77 10.17
N LYS D 219 -24.94 -21.81 9.42
CA LYS D 219 -23.95 -22.81 9.00
C LYS D 219 -22.99 -22.24 7.95
N GLU D 220 -23.49 -21.34 7.09
CA GLU D 220 -22.65 -20.79 6.03
C GLU D 220 -21.57 -19.84 6.56
N PHE D 221 -21.76 -19.30 7.77
CA PHE D 221 -20.69 -18.51 8.39
C PHE D 221 -19.53 -19.40 8.78
N LEU D 222 -19.80 -20.64 9.18
CA LEU D 222 -18.76 -21.56 9.61
C LEU D 222 -17.95 -22.13 8.45
N MET D 223 -18.39 -21.94 7.21
CA MET D 223 -17.74 -22.59 6.07
C MET D 223 -16.48 -21.86 5.62
N GLU D 224 -16.63 -20.61 5.16
CA GLU D 224 -15.50 -19.91 4.57
C GLU D 224 -14.65 -19.16 5.60
N ASN D 225 -15.07 -19.10 6.85
CA ASN D 225 -14.35 -18.37 7.87
C ASN D 225 -13.37 -19.23 8.64
N ARG D 226 -13.08 -20.45 8.15
CA ARG D 226 -12.18 -21.48 8.68
C ARG D 226 -12.23 -21.68 10.20
N VAL D 227 -13.43 -21.58 10.76
CA VAL D 227 -13.59 -21.59 12.22
C VAL D 227 -13.49 -23.01 12.73
N GLN D 228 -12.50 -23.26 13.59
CA GLN D 228 -12.36 -24.57 14.22
C GLN D 228 -13.35 -24.72 15.38
N SER D 229 -13.27 -23.83 16.35
CA SER D 229 -14.17 -23.84 17.50
C SER D 229 -14.74 -22.45 17.71
N PHE D 230 -15.89 -22.40 18.37
CA PHE D 230 -16.55 -21.14 18.65
C PHE D 230 -17.33 -21.26 19.95
N TYR D 231 -17.70 -20.11 20.50
CA TYR D 231 -18.60 -20.04 21.64
C TYR D 231 -19.99 -19.64 21.16
N GLN D 232 -20.97 -19.84 22.02
CA GLN D 232 -22.34 -19.49 21.67
C GLN D 232 -22.53 -17.99 21.61
N GLN D 233 -21.86 -17.25 22.48
CA GLN D 233 -21.97 -15.79 22.51
C GLN D 233 -21.22 -15.12 21.38
N GLU D 234 -20.38 -15.85 20.63
CA GLU D 234 -19.72 -15.26 19.48
C GLU D 234 -20.67 -15.09 18.31
N LEU D 235 -21.63 -16.01 18.17
CA LEU D 235 -22.65 -15.87 17.15
C LEU D 235 -23.74 -14.88 17.53
N GLU D 236 -23.89 -14.58 18.81
CA GLU D 236 -24.86 -13.60 19.27
C GLU D 236 -24.34 -12.17 19.19
N MET D 237 -23.16 -11.95 18.63
CA MET D 237 -22.66 -10.60 18.39
C MET D 237 -22.50 -10.27 16.91
N VAL D 238 -22.64 -11.27 16.03
CA VAL D 238 -22.67 -10.99 14.61
C VAL D 238 -24.05 -10.45 14.25
N GLU D 239 -24.08 -9.26 13.63
CA GLU D 239 -25.35 -8.66 13.25
C GLU D 239 -26.00 -9.36 12.06
N SER D 240 -25.24 -10.18 11.33
CA SER D 240 -25.81 -10.97 10.24
C SER D 240 -26.72 -12.08 10.74
N LEU D 241 -26.57 -12.50 12.01
CA LEU D 241 -27.42 -13.53 12.58
C LEU D 241 -28.24 -13.05 13.78
N LEU D 242 -28.05 -11.81 14.23
CA LEU D 242 -28.85 -11.29 15.34
C LEU D 242 -30.15 -10.66 14.88
N SER D 243 -30.15 -9.99 13.72
CA SER D 243 -31.37 -9.36 13.23
C SER D 243 -32.40 -10.38 12.76
N LEU D 244 -31.97 -11.59 12.45
CA LEU D 244 -32.86 -12.68 12.05
C LEU D 244 -33.28 -13.54 13.24
N ALA D 245 -33.21 -13.00 14.46
CA ALA D 245 -33.56 -13.75 15.65
C ALA D 245 -34.55 -13.04 16.56
N ASN D 246 -34.44 -11.72 16.72
CA ASN D 246 -35.28 -10.96 17.64
C ASN D 246 -36.54 -10.42 16.97
N GLN D 247 -37.29 -11.34 16.35
CA GLN D 247 -38.51 -11.01 15.64
C GLN D 247 -39.62 -10.61 16.62
N PRO D 248 -40.74 -10.02 16.12
CA PRO D 248 -41.89 -9.76 17.01
C PRO D 248 -42.66 -10.97 17.50
N VAL D 249 -42.20 -12.18 17.22
CA VAL D 249 -42.80 -13.37 17.81
C VAL D 249 -42.48 -13.45 19.30
N ILE D 250 -41.36 -12.85 19.74
CA ILE D 250 -40.82 -13.10 21.06
C ILE D 250 -41.11 -11.88 21.94
N HIS D 251 -42.23 -11.20 21.67
CA HIS D 251 -42.74 -10.23 22.65
C HIS D 251 -43.20 -10.90 23.94
N SER D 252 -43.60 -12.16 23.87
CA SER D 252 -44.00 -12.91 25.07
C SER D 252 -42.79 -13.29 25.92
N THR D 264 -37.74 -10.70 29.43
CA THR D 264 -36.60 -10.05 28.80
C THR D 264 -36.36 -10.62 27.40
N THR D 265 -36.36 -9.73 26.41
CA THR D 265 -36.15 -10.15 25.02
C THR D 265 -34.71 -10.59 24.80
N SER D 266 -33.75 -9.82 25.32
CA SER D 266 -32.34 -10.15 25.16
C SER D 266 -31.91 -11.37 25.96
N LYS D 267 -32.73 -11.83 26.90
CA LYS D 267 -32.49 -13.13 27.52
C LYS D 267 -33.10 -14.24 26.69
N ALA D 268 -34.19 -13.94 25.97
CA ALA D 268 -34.86 -14.95 25.16
C ALA D 268 -34.17 -15.19 23.82
N ILE D 269 -33.24 -14.31 23.41
CA ILE D 269 -32.48 -14.57 22.18
C ILE D 269 -31.33 -15.53 22.43
N HIS D 270 -31.00 -15.82 23.69
CA HIS D 270 -30.12 -16.95 23.98
C HIS D 270 -30.82 -18.27 23.71
N SER D 271 -32.13 -18.32 23.93
CA SER D 271 -32.88 -19.55 23.72
C SER D 271 -33.08 -19.85 22.24
N ILE D 272 -33.15 -18.82 21.39
CA ILE D 272 -33.33 -19.07 19.98
C ILE D 272 -32.00 -19.47 19.33
N PHE D 273 -30.87 -19.08 19.94
CA PHE D 273 -29.58 -19.48 19.41
C PHE D 273 -29.17 -20.86 19.92
N LYS D 274 -29.56 -21.19 21.16
CA LYS D 274 -29.24 -22.49 21.72
C LYS D 274 -30.02 -23.61 21.03
N ASN D 275 -31.29 -23.36 20.72
CA ASN D 275 -32.09 -24.34 20.01
C ASN D 275 -31.80 -24.39 18.52
N ALA D 276 -31.04 -23.43 17.98
CA ALA D 276 -30.63 -23.48 16.58
C ALA D 276 -29.27 -24.11 16.39
N ILE D 277 -28.35 -23.90 17.33
CA ILE D 277 -27.05 -24.56 17.27
C ILE D 277 -27.20 -26.06 17.55
N GLN D 278 -28.15 -26.42 18.42
CA GLN D 278 -28.41 -27.82 18.74
C GLN D 278 -28.87 -28.62 17.52
N LEU D 279 -29.61 -27.98 16.61
CA LEU D 279 -30.06 -28.65 15.41
C LEU D 279 -28.89 -29.00 14.47
N LEU D 280 -27.80 -28.25 14.55
CA LEU D 280 -26.57 -28.67 13.88
C LEU D 280 -25.92 -29.85 14.58
N GLN D 281 -26.22 -30.04 15.88
CA GLN D 281 -25.62 -31.13 16.63
C GLN D 281 -26.42 -32.42 16.51
N GLU D 282 -27.75 -32.37 16.50
CA GLU D 282 -28.51 -33.59 16.28
C GLU D 282 -28.43 -34.03 14.82
N LYS D 283 -28.19 -33.09 13.90
CA LYS D 283 -27.87 -33.48 12.53
C LYS D 283 -26.47 -34.09 12.46
N GLY D 284 -25.58 -33.66 13.35
CA GLY D 284 -24.26 -34.27 13.44
C GLY D 284 -23.16 -33.55 12.68
N LEU D 285 -23.04 -32.24 12.90
CA LEU D 285 -21.97 -31.47 12.29
C LEU D 285 -21.11 -30.72 13.30
N VAL D 286 -21.68 -30.31 14.44
CA VAL D 286 -20.91 -29.73 15.53
C VAL D 286 -20.98 -30.68 16.73
N PHE D 287 -20.02 -30.52 17.63
CA PHE D 287 -19.97 -31.35 18.83
C PHE D 287 -19.24 -30.58 19.92
N GLN D 288 -19.25 -31.15 21.12
CA GLN D 288 -18.60 -30.55 22.28
C GLN D 288 -18.13 -31.65 23.21
N LYS D 289 -17.04 -31.37 23.91
CA LYS D 289 -16.46 -32.30 24.87
C LYS D 289 -16.66 -31.78 26.28
N ASP D 290 -16.44 -32.65 27.25
CA ASP D 290 -16.62 -32.32 28.66
C ASP D 290 -15.47 -31.44 29.11
N ASP D 291 -15.72 -30.13 29.24
CA ASP D 291 -14.68 -29.18 29.55
C ASP D 291 -15.05 -28.17 30.64
N GLY D 292 -16.28 -28.18 31.14
CA GLY D 292 -16.65 -27.28 32.22
C GLY D 292 -17.76 -26.31 31.89
N PHE D 293 -17.74 -25.73 30.69
CA PHE D 293 -18.79 -24.83 30.24
C PHE D 293 -19.53 -25.42 29.05
N ASP D 294 -20.79 -25.00 28.89
CA ASP D 294 -21.72 -25.63 27.97
C ASP D 294 -21.96 -24.81 26.71
N ASN D 295 -21.18 -23.75 26.48
CA ASN D 295 -21.35 -22.90 25.30
C ASN D 295 -20.27 -23.09 24.27
N LEU D 296 -19.25 -23.90 24.56
CA LEU D 296 -18.15 -24.14 23.61
C LEU D 296 -18.52 -25.27 22.67
N TYR D 297 -18.32 -25.05 21.38
CA TYR D 297 -18.61 -26.05 20.35
C TYR D 297 -17.43 -26.16 19.40
N TYR D 298 -17.32 -27.32 18.77
CA TYR D 298 -16.28 -27.60 17.78
C TYR D 298 -16.94 -28.10 16.51
N VAL D 299 -16.40 -27.71 15.37
CA VAL D 299 -16.93 -28.15 14.08
C VAL D 299 -16.22 -29.43 13.68
N THR D 300 -17.00 -30.46 13.30
CA THR D 300 -16.42 -31.75 12.92
C THR D 300 -15.64 -31.66 11.62
N ARG D 301 -16.05 -30.77 10.72
CA ARG D 301 -15.47 -30.72 9.38
C ARG D 301 -14.05 -30.15 9.38
N GLU D 302 -13.72 -29.26 10.31
CA GLU D 302 -12.47 -28.51 10.24
C GLU D 302 -11.30 -29.21 10.93
N ASP D 303 -11.45 -29.60 12.19
CA ASP D 303 -10.34 -30.16 12.94
C ASP D 303 -10.06 -31.59 12.49
N LYS D 304 -8.78 -31.92 12.33
CA LYS D 304 -8.38 -33.21 11.80
C LYS D 304 -7.41 -33.96 12.70
N ASP D 305 -7.22 -33.51 13.94
CA ASP D 305 -6.61 -34.38 14.94
C ASP D 305 -7.52 -35.55 15.27
N LEU D 306 -8.83 -35.32 15.25
CA LEU D 306 -9.79 -36.41 15.33
C LEU D 306 -9.77 -37.26 14.06
N HIS D 307 -9.47 -36.65 12.91
CA HIS D 307 -9.44 -37.40 11.66
C HIS D 307 -8.20 -38.27 11.55
N ARG D 308 -7.15 -37.93 12.30
CA ARG D 308 -5.96 -38.76 12.38
C ARG D 308 -5.97 -39.66 13.60
N LYS D 309 -7.12 -39.80 14.27
CA LYS D 309 -7.39 -40.90 15.17
C LYS D 309 -8.41 -41.88 14.60
N ILE D 310 -9.22 -41.45 13.64
CA ILE D 310 -10.11 -42.36 12.95
C ILE D 310 -9.37 -43.06 11.81
N HIS D 311 -8.23 -42.49 11.38
CA HIS D 311 -7.45 -43.11 10.33
C HIS D 311 -6.39 -44.08 10.86
N ARG D 312 -6.04 -43.99 12.14
CA ARG D 312 -5.00 -44.85 12.69
C ARG D 312 -5.55 -46.08 13.39
N ILE D 313 -6.84 -46.36 13.22
CA ILE D 313 -7.40 -47.61 13.72
C ILE D 313 -7.23 -48.71 12.68
N ILE D 314 -7.02 -48.33 11.41
CA ILE D 314 -6.78 -49.31 10.36
C ILE D 314 -5.34 -49.80 10.38
N GLN D 315 -4.48 -49.18 11.19
CA GLN D 315 -3.09 -49.61 11.34
C GLN D 315 -2.96 -51.01 11.92
N GLN D 316 -3.96 -51.49 12.65
CA GLN D 316 -3.95 -52.84 13.21
C GLN D 316 -5.18 -53.64 12.80
N ASP D 317 -5.90 -53.19 11.76
CA ASP D 317 -7.21 -53.70 11.34
C ASP D 317 -8.19 -53.72 12.51
N CYS D 318 -8.39 -52.52 13.08
CA CYS D 318 -9.21 -52.28 14.27
C CYS D 318 -8.74 -53.11 15.48
N GLN D 319 -7.43 -53.38 15.53
CA GLN D 319 -6.74 -54.02 16.67
C GLN D 319 -7.29 -55.42 17.00
N LYS D 320 -7.42 -56.26 15.98
CA LYS D 320 -7.95 -57.60 16.13
C LYS D 320 -7.59 -58.42 14.89
N PRO D 321 -7.38 -59.72 15.04
CA PRO D 321 -7.15 -60.60 13.88
C PRO D 321 -8.47 -61.02 13.25
N ASN D 322 -8.37 -61.65 12.08
CA ASN D 322 -9.51 -61.85 11.19
C ASN D 322 -9.92 -63.31 11.08
N HIS D 323 -9.95 -64.05 12.20
CA HIS D 323 -10.55 -65.38 12.20
C HIS D 323 -12.07 -65.30 12.21
N MET D 324 -12.59 -64.16 12.61
CA MET D 324 -14.00 -63.88 12.87
C MET D 324 -14.71 -63.48 11.57
N GLU D 325 -15.88 -62.84 11.73
CA GLU D 325 -16.49 -61.95 10.73
C GLU D 325 -15.45 -61.12 9.98
N LYS D 326 -15.62 -61.05 8.65
CA LYS D 326 -14.69 -60.34 7.78
C LYS D 326 -14.71 -58.84 8.07
N GLY D 327 -13.54 -58.28 8.40
CA GLY D 327 -13.40 -56.86 8.59
C GLY D 327 -13.98 -56.36 9.90
N CYS D 328 -14.18 -55.04 9.95
CA CYS D 328 -14.78 -54.37 11.10
C CYS D 328 -16.20 -53.96 10.73
N HIS D 329 -16.92 -53.42 11.71
CA HIS D 329 -18.26 -52.89 11.53
C HIS D 329 -18.25 -51.41 11.89
N PHE D 330 -19.40 -50.76 11.75
CA PHE D 330 -19.55 -49.37 12.16
C PHE D 330 -19.41 -49.22 13.66
N LEU D 331 -19.79 -50.26 14.41
CA LEU D 331 -19.68 -50.24 15.86
C LEU D 331 -18.42 -50.92 16.39
N HIS D 332 -17.57 -51.45 15.51
CA HIS D 332 -16.26 -51.89 15.97
C HIS D 332 -15.34 -50.71 16.24
N ILE D 333 -15.61 -49.56 15.60
CA ILE D 333 -14.98 -48.32 16.03
C ILE D 333 -15.52 -47.92 17.40
N LEU D 334 -16.80 -48.19 17.67
CA LEU D 334 -17.49 -47.66 18.85
C LEU D 334 -16.94 -48.24 20.14
N ALA D 335 -16.40 -49.45 20.12
CA ALA D 335 -15.76 -50.02 21.29
C ALA D 335 -14.41 -49.38 21.60
N CYS D 336 -13.86 -48.58 20.69
CA CYS D 336 -12.60 -47.90 20.89
C CYS D 336 -12.69 -46.38 20.77
N ALA D 337 -13.89 -45.83 20.71
CA ALA D 337 -14.04 -44.39 20.49
C ALA D 337 -14.77 -43.72 21.64
N ARG D 338 -15.81 -44.35 22.18
CA ARG D 338 -16.51 -43.73 23.31
C ARG D 338 -15.76 -43.95 24.62
N LEU D 339 -15.18 -45.13 24.80
CA LEU D 339 -14.34 -45.40 25.96
C LEU D 339 -13.04 -44.61 25.93
N SER D 340 -12.61 -44.16 24.76
CA SER D 340 -11.39 -43.37 24.60
C SER D 340 -11.64 -41.88 24.81
N ILE D 341 -12.67 -41.33 24.18
CA ILE D 341 -12.82 -39.88 24.02
C ILE D 341 -13.99 -39.33 24.83
N ARG D 342 -15.23 -39.72 24.48
CA ARG D 342 -16.40 -39.30 25.23
C ARG D 342 -17.44 -40.41 25.30
N PRO D 343 -17.87 -40.81 26.50
CA PRO D 343 -18.87 -41.88 26.61
C PRO D 343 -20.25 -41.48 26.10
N GLY D 344 -20.56 -40.20 26.06
CA GLY D 344 -21.85 -39.75 25.53
C GLY D 344 -21.74 -39.24 24.11
N LEU D 345 -20.87 -39.86 23.32
CA LEU D 345 -20.70 -39.46 21.93
C LEU D 345 -21.89 -39.92 21.09
N SER D 346 -22.43 -39.01 20.30
CA SER D 346 -23.62 -39.30 19.49
C SER D 346 -23.24 -40.06 18.22
N GLU D 347 -24.14 -40.94 17.78
CA GLU D 347 -23.89 -41.76 16.62
C GLU D 347 -24.08 -41.02 15.30
N ALA D 348 -24.52 -39.75 15.34
CA ALA D 348 -24.65 -38.98 14.12
C ALA D 348 -23.28 -38.57 13.57
N VAL D 349 -22.29 -38.39 14.45
CA VAL D 349 -20.94 -38.03 14.02
C VAL D 349 -19.99 -39.22 13.99
N LEU D 350 -20.47 -40.43 14.29
CA LEU D 350 -19.57 -41.59 14.31
C LEU D 350 -19.18 -42.00 12.90
N GLN D 351 -20.14 -42.07 11.99
CA GLN D 351 -19.86 -42.43 10.61
C GLN D 351 -19.89 -41.23 9.67
N GLN D 352 -20.20 -40.04 10.19
CA GLN D 352 -20.11 -38.84 9.36
C GLN D 352 -18.66 -38.41 9.16
N VAL D 353 -17.76 -38.82 10.05
CA VAL D 353 -16.34 -38.61 9.80
C VAL D 353 -15.84 -39.58 8.71
N LEU D 354 -16.38 -40.80 8.68
CA LEU D 354 -16.02 -41.75 7.63
C LEU D 354 -16.57 -41.35 6.27
N GLU D 355 -17.59 -40.49 6.24
CA GLU D 355 -18.03 -39.85 5.01
C GLU D 355 -17.02 -38.83 4.51
N LEU D 356 -16.15 -38.32 5.39
CA LEU D 356 -15.28 -37.21 5.07
C LEU D 356 -13.91 -37.65 4.54
N LEU D 357 -13.26 -38.63 5.16
CA LEU D 357 -11.88 -38.96 4.79
C LEU D 357 -11.81 -40.09 3.76
N GLU D 358 -12.91 -40.26 3.01
CA GLU D 358 -13.05 -41.36 2.05
C GLU D 358 -12.10 -41.25 0.86
N ASP D 359 -11.54 -40.07 0.59
CA ASP D 359 -10.61 -39.86 -0.50
C ASP D 359 -9.15 -39.90 -0.06
N GLN D 360 -8.88 -40.44 1.13
CA GLN D 360 -7.52 -40.71 1.57
C GLN D 360 -7.09 -42.14 1.26
N SER D 361 -7.77 -42.80 0.32
CA SER D 361 -7.54 -44.20 -0.07
C SER D 361 -7.61 -45.13 1.13
N ASP D 362 -8.62 -44.91 1.98
CA ASP D 362 -8.64 -45.51 3.32
C ASP D 362 -8.99 -47.00 3.27
N ILE D 363 -10.23 -47.31 2.90
CA ILE D 363 -10.76 -48.67 2.86
C ILE D 363 -11.70 -48.78 1.66
N VAL D 364 -12.27 -49.98 1.48
CA VAL D 364 -13.24 -50.24 0.43
C VAL D 364 -14.62 -49.98 1.01
N SER D 365 -15.30 -48.97 0.48
CA SER D 365 -16.69 -48.69 0.85
C SER D 365 -17.60 -49.55 -0.01
N THR D 366 -17.58 -50.86 0.26
CA THR D 366 -18.27 -51.83 -0.58
C THR D 366 -19.79 -51.78 -0.42
N MET D 367 -20.29 -51.40 0.75
CA MET D 367 -21.72 -51.35 1.00
C MET D 367 -21.99 -50.53 2.26
N GLU D 368 -23.27 -50.38 2.59
CA GLU D 368 -23.68 -49.66 3.78
C GLU D 368 -23.48 -50.53 5.03
N HIS D 369 -23.59 -49.88 6.20
CA HIS D 369 -23.58 -50.49 7.55
C HIS D 369 -22.39 -51.42 7.80
N TYR D 370 -21.27 -51.15 7.15
CA TYR D 370 -20.16 -52.09 7.18
C TYR D 370 -18.85 -51.36 6.95
N TYR D 371 -17.93 -51.50 7.92
CA TYR D 371 -16.56 -51.05 7.78
C TYR D 371 -15.77 -52.11 7.03
N THR D 372 -14.52 -51.78 6.73
CA THR D 372 -13.66 -52.66 5.94
C THR D 372 -12.28 -52.71 6.57
N ALA D 373 -11.63 -53.86 6.45
CA ALA D 373 -10.24 -54.04 6.84
C ALA D 373 -9.34 -53.78 5.63
N PHE D 374 -8.08 -54.20 5.73
CA PHE D 374 -7.12 -54.16 4.62
C PHE D 374 -7.62 -54.88 3.37
N LEU E 32 -37.43 19.92 -53.85
CA LEU E 32 -36.45 19.22 -53.01
C LEU E 32 -36.08 17.88 -53.63
N PRO E 33 -34.80 17.55 -53.64
CA PRO E 33 -34.35 16.29 -54.23
C PRO E 33 -34.63 15.10 -53.31
N LYS E 34 -34.35 13.91 -53.82
CA LYS E 34 -34.40 12.71 -53.02
C LYS E 34 -33.19 12.66 -52.09
N PRO E 35 -33.27 11.95 -50.98
CA PRO E 35 -32.08 11.78 -50.13
C PRO E 35 -31.05 10.88 -50.78
N GLY E 36 -29.79 11.27 -50.63
CA GLY E 36 -28.66 10.54 -51.15
C GLY E 36 -28.24 9.39 -50.26
N THR E 37 -28.96 8.27 -50.33
CA THR E 37 -28.70 7.14 -49.46
C THR E 37 -27.35 6.49 -49.75
N TYR E 38 -26.70 6.01 -48.69
CA TYR E 38 -25.33 5.53 -48.78
C TYR E 38 -25.30 4.17 -49.46
N TYR E 39 -24.52 4.05 -50.52
CA TYR E 39 -24.29 2.78 -51.17
C TYR E 39 -22.79 2.48 -51.18
N LEU E 40 -22.46 1.26 -51.53
CA LEU E 40 -21.07 0.84 -51.65
C LEU E 40 -20.70 0.72 -53.12
N PRO E 41 -19.43 0.96 -53.48
CA PRO E 41 -19.06 0.95 -54.92
C PRO E 41 -19.19 -0.40 -55.58
N TRP E 42 -19.10 -1.50 -54.84
CA TRP E 42 -19.34 -2.81 -55.41
C TRP E 42 -20.82 -3.15 -55.49
N GLU E 43 -21.68 -2.41 -54.81
CA GLU E 43 -23.11 -2.59 -54.95
C GLU E 43 -23.63 -1.89 -56.20
N VAL E 44 -23.03 -0.76 -56.58
CA VAL E 44 -23.53 0.00 -57.71
C VAL E 44 -22.91 -0.42 -59.03
N SER E 45 -21.75 -1.09 -59.00
CA SER E 45 -21.15 -1.61 -60.22
C SER E 45 -21.81 -2.91 -60.67
N ALA E 46 -22.43 -3.64 -59.75
CA ALA E 46 -23.10 -4.90 -60.06
C ALA E 46 -24.56 -4.72 -60.42
N GLY E 47 -25.04 -3.49 -60.52
CA GLY E 47 -26.41 -3.25 -60.90
C GLY E 47 -27.44 -3.56 -59.85
N GLN E 48 -27.09 -3.40 -58.57
CA GLN E 48 -28.03 -3.62 -57.48
C GLN E 48 -28.80 -2.36 -57.10
N VAL E 49 -28.62 -1.28 -57.83
CA VAL E 49 -29.32 -0.01 -57.59
C VAL E 49 -30.07 0.35 -58.86
N PRO E 50 -31.34 0.75 -58.78
CA PRO E 50 -32.07 1.09 -60.00
C PRO E 50 -31.59 2.40 -60.60
N ASP E 51 -31.91 2.58 -61.89
CA ASP E 51 -31.52 3.78 -62.62
C ASP E 51 -32.50 4.90 -62.30
N GLY E 52 -31.96 6.06 -61.95
CA GLY E 52 -32.75 7.23 -61.61
C GLY E 52 -32.66 7.64 -60.16
N SER E 53 -32.23 6.75 -59.27
CA SER E 53 -32.22 7.05 -57.85
C SER E 53 -30.96 7.79 -57.44
N THR E 54 -31.02 8.40 -56.27
CA THR E 54 -29.93 9.19 -55.72
C THR E 54 -29.11 8.35 -54.75
N LEU E 55 -27.80 8.54 -54.76
CA LEU E 55 -26.88 7.69 -54.01
C LEU E 55 -25.72 8.51 -53.50
N ARG E 56 -24.93 7.91 -52.61
CA ARG E 56 -23.80 8.57 -51.97
C ARG E 56 -22.59 7.64 -51.89
N THR E 57 -22.22 7.01 -53.00
CA THR E 57 -21.08 6.10 -52.97
C THR E 57 -19.76 6.87 -52.96
N PHE E 58 -18.66 6.13 -52.89
CA PHE E 58 -17.34 6.75 -52.82
C PHE E 58 -16.36 6.05 -53.76
N GLY E 59 -15.07 6.36 -53.63
CA GLY E 59 -14.07 5.75 -54.49
C GLY E 59 -12.76 6.51 -54.40
N ARG E 60 -11.90 6.26 -55.39
CA ARG E 60 -10.57 6.87 -55.46
C ARG E 60 -10.31 7.32 -56.88
N LEU E 61 -9.90 8.58 -57.06
CA LEU E 61 -9.83 9.17 -58.38
C LEU E 61 -8.62 8.63 -59.14
N CYS E 62 -8.88 8.03 -60.31
CA CYS E 62 -7.84 7.56 -61.19
C CYS E 62 -7.76 8.36 -62.47
N LEU E 63 -8.86 8.47 -63.21
CA LEU E 63 -8.90 9.24 -64.45
C LEU E 63 -9.77 10.48 -64.30
N TYR E 64 -9.56 11.41 -65.22
CA TYR E 64 -10.38 12.61 -65.33
C TYR E 64 -10.25 13.11 -66.77
N ASP E 65 -11.39 13.35 -67.42
CA ASP E 65 -11.44 13.86 -68.78
C ASP E 65 -11.85 15.32 -68.70
N MET E 66 -10.90 16.22 -68.91
CA MET E 66 -11.17 17.66 -68.81
C MET E 66 -12.04 18.14 -69.97
N ILE E 67 -11.89 17.53 -71.15
CA ILE E 67 -12.59 18.02 -72.33
C ILE E 67 -14.07 17.68 -72.27
N GLN E 68 -14.41 16.45 -71.87
CA GLN E 68 -15.80 15.99 -71.90
C GLN E 68 -16.30 15.46 -70.56
N SER E 69 -15.72 15.94 -69.45
CA SER E 69 -16.35 15.98 -68.12
C SER E 69 -16.72 14.59 -67.61
N ARG E 70 -15.69 13.78 -67.36
CA ARG E 70 -15.89 12.42 -66.89
C ARG E 70 -14.82 12.09 -65.86
N VAL E 71 -15.25 11.52 -64.75
CA VAL E 71 -14.38 11.10 -63.66
C VAL E 71 -14.69 9.64 -63.35
N THR E 72 -13.66 8.81 -63.29
CA THR E 72 -13.82 7.42 -62.88
C THR E 72 -13.17 7.23 -61.52
N LEU E 73 -13.95 6.80 -60.54
CA LEU E 73 -13.45 6.45 -59.22
C LEU E 73 -13.27 4.93 -59.14
N MET E 74 -12.36 4.50 -58.27
CA MET E 74 -12.01 3.09 -58.19
C MET E 74 -11.96 2.63 -56.74
N ALA E 75 -12.40 1.39 -56.51
CA ALA E 75 -12.41 0.80 -55.17
C ALA E 75 -12.30 -0.71 -55.28
N GLN E 76 -11.97 -1.35 -54.17
CA GLN E 76 -11.74 -2.79 -54.12
C GLN E 76 -12.54 -3.42 -52.99
N HIS E 77 -13.46 -4.32 -53.34
CA HIS E 77 -14.34 -4.95 -52.35
C HIS E 77 -13.60 -5.86 -51.40
N GLY E 78 -13.14 -7.02 -51.89
CA GLY E 78 -12.21 -7.82 -51.11
C GLY E 78 -10.99 -8.30 -51.88
N SER E 79 -11.14 -8.54 -53.18
CA SER E 79 -10.04 -9.04 -53.99
C SER E 79 -9.91 -8.42 -55.37
N ASP E 80 -10.98 -7.88 -55.95
CA ASP E 80 -10.97 -7.34 -57.29
C ASP E 80 -11.25 -5.85 -57.27
N GLN E 81 -11.08 -5.21 -58.42
CA GLN E 81 -11.29 -3.77 -58.56
C GLN E 81 -12.70 -3.52 -59.06
N HIS E 82 -13.39 -2.56 -58.42
CA HIS E 82 -14.67 -2.07 -58.89
C HIS E 82 -14.54 -0.59 -59.20
N GLN E 83 -15.21 -0.13 -60.24
CA GLN E 83 -15.10 1.27 -60.62
C GLN E 83 -16.46 1.84 -60.98
N VAL E 84 -16.64 3.12 -60.67
CA VAL E 84 -17.87 3.85 -60.96
C VAL E 84 -17.54 5.00 -61.90
N LEU E 85 -18.56 5.48 -62.60
CA LEU E 85 -18.42 6.55 -63.58
C LEU E 85 -19.16 7.77 -63.10
N VAL E 86 -18.48 8.92 -63.09
CA VAL E 86 -19.03 10.16 -62.56
C VAL E 86 -19.00 11.22 -63.65
N CYS E 87 -20.12 11.89 -63.87
CA CYS E 87 -20.21 12.98 -64.83
C CYS E 87 -20.03 14.30 -64.10
N THR E 88 -18.78 14.74 -64.00
CA THR E 88 -18.46 15.97 -63.27
C THR E 88 -18.73 17.14 -64.21
N LYS E 89 -19.98 17.60 -64.22
CA LYS E 89 -20.42 18.66 -65.11
C LYS E 89 -21.12 19.79 -64.38
N LEU E 90 -21.69 19.54 -63.21
CA LEU E 90 -22.36 20.60 -62.47
C LEU E 90 -21.39 21.33 -61.56
N VAL E 91 -20.51 20.60 -60.89
CA VAL E 91 -19.36 21.23 -60.23
C VAL E 91 -18.24 21.24 -61.27
N GLU E 92 -18.32 22.22 -62.16
CA GLU E 92 -17.49 22.18 -63.37
C GLU E 92 -16.04 22.64 -63.19
N PRO E 93 -15.73 23.79 -62.52
CA PRO E 93 -14.29 24.08 -62.32
C PRO E 93 -13.72 23.13 -61.28
N PHE E 94 -13.03 22.10 -61.76
CA PHE E 94 -12.68 20.95 -60.94
C PHE E 94 -11.16 20.81 -60.93
N HIS E 95 -10.55 20.98 -59.77
CA HIS E 95 -9.13 20.73 -59.60
C HIS E 95 -8.97 19.29 -59.11
N ALA E 96 -8.46 18.43 -59.99
CA ALA E 96 -8.36 17.01 -59.68
C ALA E 96 -7.23 16.75 -58.67
N GLN E 97 -7.42 15.69 -57.90
CA GLN E 97 -6.54 15.33 -56.79
C GLN E 97 -6.23 13.84 -56.89
N VAL E 98 -5.75 13.41 -58.05
CA VAL E 98 -5.52 12.02 -58.48
C VAL E 98 -4.82 11.18 -57.43
N GLY E 99 -5.44 10.07 -57.06
CA GLY E 99 -4.95 9.20 -56.02
C GLY E 99 -5.53 9.43 -54.64
N SER E 100 -6.56 10.26 -54.52
CA SER E 100 -7.20 10.53 -53.24
C SER E 100 -8.64 10.03 -53.25
N LEU E 101 -9.20 9.90 -52.04
CA LEU E 101 -10.58 9.47 -51.90
C LEU E 101 -11.53 10.61 -52.21
N TYR E 102 -12.75 10.27 -52.61
CA TYR E 102 -13.77 11.23 -52.96
C TYR E 102 -15.13 10.72 -52.53
N ILE E 103 -16.00 11.61 -52.09
CA ILE E 103 -17.40 11.32 -51.83
C ILE E 103 -18.21 11.95 -52.94
N VAL E 104 -19.08 11.17 -53.58
CA VAL E 104 -19.94 11.68 -54.63
C VAL E 104 -21.38 11.64 -54.13
N LEU E 105 -22.22 12.49 -54.72
CA LEU E 105 -23.64 12.55 -54.37
C LEU E 105 -24.39 13.03 -55.60
N GLY E 106 -25.22 12.16 -56.17
CA GLY E 106 -25.94 12.52 -57.37
C GLY E 106 -26.87 11.40 -57.79
N GLU E 107 -27.47 11.58 -58.95
CA GLU E 107 -28.48 10.65 -59.46
C GLU E 107 -27.84 9.69 -60.45
N LEU E 108 -28.10 8.41 -60.30
CA LEU E 108 -27.58 7.39 -61.20
C LEU E 108 -28.45 7.33 -62.44
N GLN E 109 -28.03 8.00 -63.51
CA GLN E 109 -28.71 7.86 -64.79
C GLN E 109 -28.06 6.73 -65.57
N HIS E 110 -28.45 6.56 -66.84
CA HIS E 110 -28.00 5.41 -67.60
C HIS E 110 -28.00 5.75 -69.08
N GLN E 111 -26.84 5.61 -69.71
CA GLN E 111 -26.68 5.92 -71.13
C GLN E 111 -27.06 4.71 -71.97
N GLN E 112 -26.70 4.75 -73.25
CA GLN E 112 -26.99 3.66 -74.17
C GLN E 112 -26.14 2.43 -73.85
N ASP E 113 -26.82 1.32 -73.52
CA ASP E 113 -26.24 -0.03 -73.44
C ASP E 113 -25.13 -0.13 -72.39
N ARG E 114 -25.59 -0.10 -71.12
CA ARG E 114 -24.93 -0.54 -69.88
C ARG E 114 -23.98 0.53 -69.33
N GLY E 115 -23.84 1.68 -69.98
CA GLY E 115 -22.99 2.72 -69.43
C GLY E 115 -23.72 3.59 -68.43
N SER E 116 -23.54 3.31 -67.14
CA SER E 116 -24.28 3.97 -66.07
C SER E 116 -23.35 4.97 -65.36
N VAL E 117 -23.68 6.25 -65.49
CA VAL E 117 -22.86 7.32 -64.93
C VAL E 117 -23.63 7.96 -63.79
N VAL E 118 -22.90 8.61 -62.89
CA VAL E 118 -23.47 9.27 -61.73
C VAL E 118 -23.41 10.78 -61.97
N LYS E 119 -24.55 11.39 -62.22
CA LYS E 119 -24.62 12.83 -62.46
C LYS E 119 -24.41 13.55 -61.13
N ALA E 120 -23.17 13.95 -60.87
CA ALA E 120 -22.78 14.43 -59.55
C ALA E 120 -23.30 15.83 -59.28
N ARG E 121 -23.80 16.03 -58.07
CA ARG E 121 -24.14 17.35 -57.55
C ARG E 121 -23.15 17.85 -56.52
N VAL E 122 -22.69 16.96 -55.64
CA VAL E 122 -21.62 17.26 -54.69
C VAL E 122 -20.51 16.24 -54.93
N LEU E 123 -19.27 16.72 -55.06
CA LEU E 123 -18.10 15.86 -55.22
C LEU E 123 -17.00 16.43 -54.34
N THR E 124 -16.95 15.98 -53.09
CA THR E 124 -16.00 16.51 -52.12
C THR E 124 -14.81 15.57 -51.96
N CYS E 125 -13.65 16.17 -51.72
CA CYS E 125 -12.39 15.43 -51.61
C CYS E 125 -12.03 15.26 -50.14
N VAL E 126 -12.21 14.07 -49.63
CA VAL E 126 -11.74 13.69 -48.30
C VAL E 126 -10.49 12.84 -48.45
N GLU E 127 -9.47 13.15 -47.66
CA GLU E 127 -8.23 12.39 -47.72
C GLU E 127 -7.68 12.24 -46.31
N GLY E 128 -7.41 11.01 -45.91
CA GLY E 128 -7.21 10.68 -44.53
C GLY E 128 -8.43 10.09 -43.87
N MET E 129 -9.48 9.82 -44.63
CA MET E 129 -10.70 9.25 -44.08
C MET E 129 -10.48 7.79 -43.71
N ASN E 130 -10.98 7.41 -42.54
CA ASN E 130 -10.93 6.02 -42.11
C ASN E 130 -11.94 5.21 -42.91
N LEU E 131 -11.51 4.72 -44.06
CA LEU E 131 -12.39 3.94 -44.93
C LEU E 131 -12.88 2.61 -44.32
N PRO E 132 -12.11 1.85 -43.53
CA PRO E 132 -12.75 0.71 -42.84
C PRO E 132 -13.75 1.11 -41.77
N LEU E 133 -13.64 2.32 -41.21
CA LEU E 133 -14.62 2.77 -40.23
C LEU E 133 -15.84 3.37 -40.90
N LEU E 134 -15.69 3.91 -42.11
CA LEU E 134 -16.84 4.44 -42.83
C LEU E 134 -17.78 3.34 -43.27
N GLU E 135 -17.25 2.31 -43.94
CA GLU E 135 -18.10 1.21 -44.38
C GLU E 135 -18.50 0.29 -43.25
N GLN E 136 -17.93 0.46 -42.06
CA GLN E 136 -18.51 -0.14 -40.87
C GLN E 136 -19.77 0.59 -40.45
N ALA E 137 -19.72 1.93 -40.41
CA ALA E 137 -20.85 2.75 -39.98
C ALA E 137 -22.05 2.66 -40.91
N ILE E 138 -21.85 2.31 -42.18
CA ILE E 138 -22.97 2.05 -43.07
C ILE E 138 -23.67 0.75 -42.66
N ARG E 139 -22.94 -0.19 -42.08
CA ARG E 139 -23.52 -1.48 -41.72
C ARG E 139 -24.38 -1.38 -40.46
N GLU E 140 -23.97 -0.58 -39.46
CA GLU E 140 -24.83 -0.40 -38.29
C GLU E 140 -26.05 0.46 -38.60
N GLN E 141 -25.94 1.40 -39.55
CA GLN E 141 -27.10 2.21 -39.90
C GLN E 141 -28.13 1.39 -40.68
N ARG E 142 -27.67 0.48 -41.53
CA ARG E 142 -28.59 -0.42 -42.22
C ARG E 142 -29.15 -1.46 -41.28
N LEU E 143 -28.39 -1.89 -40.27
CA LEU E 143 -28.85 -2.93 -39.37
C LEU E 143 -29.92 -2.42 -38.42
N TYR E 144 -29.83 -1.15 -38.01
CA TYR E 144 -30.85 -0.60 -37.13
C TYR E 144 -32.16 -0.40 -37.87
N LYS E 145 -32.09 -0.01 -39.15
CA LYS E 145 -33.29 0.24 -39.93
C LYS E 145 -34.02 -1.06 -40.25
N GLN E 146 -33.31 -2.18 -40.27
CA GLN E 146 -33.95 -3.48 -40.49
C GLN E 146 -34.73 -3.94 -39.27
N GLU E 147 -34.42 -3.41 -38.09
CA GLU E 147 -35.09 -3.81 -36.85
C GLU E 147 -36.20 -2.86 -36.46
N ARG E 148 -36.92 -2.33 -37.44
CA ARG E 148 -38.02 -1.42 -37.18
C ARG E 148 -39.25 -1.80 -37.99
ZN ZN F . -9.67 43.94 2.74
#